data_3HF7
# 
_entry.id   3HF7 
# 
_audit_conform.dict_name       mmcif_pdbx.dic 
_audit_conform.dict_version    5.387 
_audit_conform.dict_location   http://mmcif.pdb.org/dictionaries/ascii/mmcif_pdbx.dic 
# 
loop_
_database_2.database_id 
_database_2.database_code 
_database_2.pdbx_database_accession 
_database_2.pdbx_DOI 
PDB   3HF7         pdb_00003hf7 10.2210/pdb3hf7/pdb 
RCSB  RCSB053060   ?            ?                   
WWPDB D_1000053060 ?            ?                   
# 
loop_
_pdbx_audit_revision_history.ordinal 
_pdbx_audit_revision_history.data_content_type 
_pdbx_audit_revision_history.major_revision 
_pdbx_audit_revision_history.minor_revision 
_pdbx_audit_revision_history.revision_date 
1 'Structure model' 1 0 2009-05-26 
2 'Structure model' 1 1 2011-07-13 
3 'Structure model' 1 2 2017-11-01 
4 'Structure model' 1 3 2024-02-21 
# 
_pdbx_audit_revision_details.ordinal             1 
_pdbx_audit_revision_details.revision_ordinal    1 
_pdbx_audit_revision_details.data_content_type   'Structure model' 
_pdbx_audit_revision_details.provider            repository 
_pdbx_audit_revision_details.type                'Initial release' 
_pdbx_audit_revision_details.description         ? 
_pdbx_audit_revision_details.details             ? 
# 
loop_
_pdbx_audit_revision_group.ordinal 
_pdbx_audit_revision_group.revision_ordinal 
_pdbx_audit_revision_group.data_content_type 
_pdbx_audit_revision_group.group 
1 2 'Structure model' Advisory                    
2 2 'Structure model' 'Source and taxonomy'       
3 2 'Structure model' 'Version format compliance' 
4 3 'Structure model' 'Refinement description'    
5 4 'Structure model' 'Data collection'           
6 4 'Structure model' 'Database references'       
7 4 'Structure model' 'Derived calculations'      
# 
loop_
_pdbx_audit_revision_category.ordinal 
_pdbx_audit_revision_category.revision_ordinal 
_pdbx_audit_revision_category.data_content_type 
_pdbx_audit_revision_category.category 
1 3 'Structure model' software       
2 4 'Structure model' chem_comp_atom 
3 4 'Structure model' chem_comp_bond 
4 4 'Structure model' database_2     
5 4 'Structure model' struct_site    
# 
loop_
_pdbx_audit_revision_item.ordinal 
_pdbx_audit_revision_item.revision_ordinal 
_pdbx_audit_revision_item.data_content_type 
_pdbx_audit_revision_item.item 
1  3 'Structure model' '_software.classification'            
2  3 'Structure model' '_software.contact_author'            
3  3 'Structure model' '_software.contact_author_email'      
4  3 'Structure model' '_software.date'                      
5  3 'Structure model' '_software.language'                  
6  3 'Structure model' '_software.location'                  
7  3 'Structure model' '_software.name'                      
8  3 'Structure model' '_software.type'                      
9  3 'Structure model' '_software.version'                   
10 4 'Structure model' '_database_2.pdbx_DOI'                
11 4 'Structure model' '_database_2.pdbx_database_accession' 
12 4 'Structure model' '_struct_site.pdbx_auth_asym_id'      
13 4 'Structure model' '_struct_site.pdbx_auth_comp_id'      
14 4 'Structure model' '_struct_site.pdbx_auth_seq_id'       
# 
_pdbx_database_status.entry_id                        3HF7 
_pdbx_database_status.deposit_site                    RCSB 
_pdbx_database_status.process_site                    RCSB 
_pdbx_database_status.recvd_initial_deposition_date   2009-05-11 
_pdbx_database_status.status_code                     REL 
_pdbx_database_status.status_code_sf                  REL 
_pdbx_database_status.status_code_mr                  ? 
_pdbx_database_status.SG_entry                        Y 
_pdbx_database_status.pdb_format_compatible           Y 
_pdbx_database_status.status_code_cs                  ? 
_pdbx_database_status.methods_development_category    ? 
_pdbx_database_status.status_code_nmr_data            ? 
# 
_pdbx_database_related.db_name        TargetDB 
_pdbx_database_related.db_id          APC63102.1 
_pdbx_database_related.details        . 
_pdbx_database_related.content_type   unspecified 
# 
loop_
_audit_author.name 
_audit_author.pdbx_ordinal 
'Stein, A.J.'                                   1 
'Nocek, B.'                                     2 
'Wu, R.'                                        3 
'Bearden, J.'                                   4 
'Joachimiak, A.'                                5 
'Midwest Center for Structural Genomics (MCSG)' 6 
# 
_citation.id                        primary 
_citation.title                     'The Crystal Structure of a CBS-domain Pair with Bound AMP from Klebsiella pneumoniae to 2.75A' 
_citation.journal_abbrev            'To be Published' 
_citation.journal_volume            ? 
_citation.page_first                ? 
_citation.page_last                 ? 
_citation.year                      ? 
_citation.journal_id_ASTM           ? 
_citation.country                   ? 
_citation.journal_id_ISSN           ? 
_citation.journal_id_CSD            0353 
_citation.book_publisher            ? 
_citation.pdbx_database_id_PubMed   ? 
_citation.pdbx_database_id_DOI      ? 
# 
loop_
_citation_author.citation_id 
_citation_author.name 
_citation_author.ordinal 
_citation_author.identifier_ORCID 
primary 'Stein, A.J.'    1 ? 
primary 'Nocek, B.'      2 ? 
primary 'Wu, R.'         3 ? 
primary 'Bearden, J.'    4 ? 
primary 'Joachimiak, A.' 5 ? 
# 
loop_
_entity.id 
_entity.type 
_entity.src_method 
_entity.pdbx_description 
_entity.formula_weight 
_entity.pdbx_number_of_molecules 
_entity.pdbx_ec 
_entity.pdbx_mutation 
_entity.pdbx_fragment 
_entity.details 
1 polymer     man 'uncharacterized CBS-domain protein' 14986.209 1 ? ? ? ? 
2 non-polymer syn 'ADENOSINE MONOPHOSPHATE'            347.221   1 ? ? ? ? 
3 water       nat water                                18.015    5 ? ? ? ? 
# 
_entity_name_com.entity_id   1 
_entity_name_com.name        'uncharacterized protein yfjD' 
# 
_entity_poly.entity_id                      1 
_entity_poly.type                           'polypeptide(L)' 
_entity_poly.nstd_linkage                   no 
_entity_poly.nstd_monomer                   no 
_entity_poly.pdbx_seq_one_letter_code       
;KVSVNDIMVPRNEIVGIDINDDWKSIVRQLTHSPHGRIVLYRDSLDDAISMLRVREAYRLMTEKKEFTKEIMLRAADEIY
FVPEGTPLSTQLVKFQRNKKKVGLVVDEYGDIQGLVTVEDILEEIVGDFT
;
_entity_poly.pdbx_seq_one_letter_code_can   
;KVSVNDIMVPRNEIVGIDINDDWKSIVRQLTHSPHGRIVLYRDSLDDAISMLRVREAYRLMTEKKEFTKEIMLRAADEIY
FVPEGTPLSTQLVKFQRNKKKVGLVVDEYGDIQGLVTVEDILEEIVGDFT
;
_entity_poly.pdbx_strand_id                 A 
_entity_poly.pdbx_target_identifier         APC63102.1 
# 
loop_
_pdbx_entity_nonpoly.entity_id 
_pdbx_entity_nonpoly.name 
_pdbx_entity_nonpoly.comp_id 
2 'ADENOSINE MONOPHOSPHATE' AMP 
3 water                     HOH 
# 
loop_
_entity_poly_seq.entity_id 
_entity_poly_seq.num 
_entity_poly_seq.mon_id 
_entity_poly_seq.hetero 
1 1   LYS n 
1 2   VAL n 
1 3   SER n 
1 4   VAL n 
1 5   ASN n 
1 6   ASP n 
1 7   ILE n 
1 8   MET n 
1 9   VAL n 
1 10  PRO n 
1 11  ARG n 
1 12  ASN n 
1 13  GLU n 
1 14  ILE n 
1 15  VAL n 
1 16  GLY n 
1 17  ILE n 
1 18  ASP n 
1 19  ILE n 
1 20  ASN n 
1 21  ASP n 
1 22  ASP n 
1 23  TRP n 
1 24  LYS n 
1 25  SER n 
1 26  ILE n 
1 27  VAL n 
1 28  ARG n 
1 29  GLN n 
1 30  LEU n 
1 31  THR n 
1 32  HIS n 
1 33  SER n 
1 34  PRO n 
1 35  HIS n 
1 36  GLY n 
1 37  ARG n 
1 38  ILE n 
1 39  VAL n 
1 40  LEU n 
1 41  TYR n 
1 42  ARG n 
1 43  ASP n 
1 44  SER n 
1 45  LEU n 
1 46  ASP n 
1 47  ASP n 
1 48  ALA n 
1 49  ILE n 
1 50  SER n 
1 51  MET n 
1 52  LEU n 
1 53  ARG n 
1 54  VAL n 
1 55  ARG n 
1 56  GLU n 
1 57  ALA n 
1 58  TYR n 
1 59  ARG n 
1 60  LEU n 
1 61  MET n 
1 62  THR n 
1 63  GLU n 
1 64  LYS n 
1 65  LYS n 
1 66  GLU n 
1 67  PHE n 
1 68  THR n 
1 69  LYS n 
1 70  GLU n 
1 71  ILE n 
1 72  MET n 
1 73  LEU n 
1 74  ARG n 
1 75  ALA n 
1 76  ALA n 
1 77  ASP n 
1 78  GLU n 
1 79  ILE n 
1 80  TYR n 
1 81  PHE n 
1 82  VAL n 
1 83  PRO n 
1 84  GLU n 
1 85  GLY n 
1 86  THR n 
1 87  PRO n 
1 88  LEU n 
1 89  SER n 
1 90  THR n 
1 91  GLN n 
1 92  LEU n 
1 93  VAL n 
1 94  LYS n 
1 95  PHE n 
1 96  GLN n 
1 97  ARG n 
1 98  ASN n 
1 99  LYS n 
1 100 LYS n 
1 101 LYS n 
1 102 VAL n 
1 103 GLY n 
1 104 LEU n 
1 105 VAL n 
1 106 VAL n 
1 107 ASP n 
1 108 GLU n 
1 109 TYR n 
1 110 GLY n 
1 111 ASP n 
1 112 ILE n 
1 113 GLN n 
1 114 GLY n 
1 115 LEU n 
1 116 VAL n 
1 117 THR n 
1 118 VAL n 
1 119 GLU n 
1 120 ASP n 
1 121 ILE n 
1 122 LEU n 
1 123 GLU n 
1 124 GLU n 
1 125 ILE n 
1 126 VAL n 
1 127 GLY n 
1 128 ASP n 
1 129 PHE n 
1 130 THR n 
# 
_entity_src_gen.entity_id                          1 
_entity_src_gen.pdbx_src_id                        1 
_entity_src_gen.pdbx_alt_source_flag               sample 
_entity_src_gen.pdbx_seq_type                      ? 
_entity_src_gen.pdbx_beg_seq_num                   ? 
_entity_src_gen.pdbx_end_seq_num                   ? 
_entity_src_gen.gene_src_common_name               ? 
_entity_src_gen.gene_src_genus                     ? 
_entity_src_gen.pdbx_gene_src_gene                 'yfjD, KPN78578_28800, KPN_02935' 
_entity_src_gen.gene_src_species                   ? 
_entity_src_gen.gene_src_strain                    'MGH 78578' 
_entity_src_gen.gene_src_tissue                    ? 
_entity_src_gen.gene_src_tissue_fraction           ? 
_entity_src_gen.gene_src_details                   ? 
_entity_src_gen.pdbx_gene_src_fragment             ? 
_entity_src_gen.pdbx_gene_src_scientific_name      'Klebsiella pneumoniae subsp. pneumoniae' 
_entity_src_gen.pdbx_gene_src_ncbi_taxonomy_id     272620 
_entity_src_gen.pdbx_gene_src_variant              ? 
_entity_src_gen.pdbx_gene_src_cell_line            ? 
_entity_src_gen.pdbx_gene_src_atcc                 ? 
_entity_src_gen.pdbx_gene_src_organ                ? 
_entity_src_gen.pdbx_gene_src_organelle            ? 
_entity_src_gen.pdbx_gene_src_cell                 ? 
_entity_src_gen.pdbx_gene_src_cellular_location    ? 
_entity_src_gen.host_org_common_name               ? 
_entity_src_gen.pdbx_host_org_scientific_name      'Escherichia coli BL21(DE3)' 
_entity_src_gen.pdbx_host_org_ncbi_taxonomy_id     469008 
_entity_src_gen.host_org_genus                     ? 
_entity_src_gen.pdbx_host_org_gene                 ? 
_entity_src_gen.pdbx_host_org_organ                ? 
_entity_src_gen.host_org_species                   ? 
_entity_src_gen.pdbx_host_org_tissue               ? 
_entity_src_gen.pdbx_host_org_tissue_fraction      ? 
_entity_src_gen.pdbx_host_org_strain               'BL21(DE3)' 
_entity_src_gen.pdbx_host_org_variant              ? 
_entity_src_gen.pdbx_host_org_cell_line            ? 
_entity_src_gen.pdbx_host_org_atcc                 ? 
_entity_src_gen.pdbx_host_org_culture_collection   ? 
_entity_src_gen.pdbx_host_org_cell                 ? 
_entity_src_gen.pdbx_host_org_organelle            ? 
_entity_src_gen.pdbx_host_org_cellular_location    ? 
_entity_src_gen.pdbx_host_org_vector_type          plasmid 
_entity_src_gen.pdbx_host_org_vector               ? 
_entity_src_gen.host_org_details                   ? 
_entity_src_gen.expression_system_id               ? 
_entity_src_gen.plasmid_name                       pMCSG19 
_entity_src_gen.plasmid_details                    ? 
_entity_src_gen.pdbx_description                   ? 
# 
loop_
_chem_comp.id 
_chem_comp.type 
_chem_comp.mon_nstd_flag 
_chem_comp.name 
_chem_comp.pdbx_synonyms 
_chem_comp.formula 
_chem_comp.formula_weight 
ALA 'L-peptide linking' y ALANINE                   ? 'C3 H7 N O2'      89.093  
AMP non-polymer         . 'ADENOSINE MONOPHOSPHATE' ? 'C10 H14 N5 O7 P' 347.221 
ARG 'L-peptide linking' y ARGININE                  ? 'C6 H15 N4 O2 1'  175.209 
ASN 'L-peptide linking' y ASPARAGINE                ? 'C4 H8 N2 O3'     132.118 
ASP 'L-peptide linking' y 'ASPARTIC ACID'           ? 'C4 H7 N O4'      133.103 
GLN 'L-peptide linking' y GLUTAMINE                 ? 'C5 H10 N2 O3'    146.144 
GLU 'L-peptide linking' y 'GLUTAMIC ACID'           ? 'C5 H9 N O4'      147.129 
GLY 'peptide linking'   y GLYCINE                   ? 'C2 H5 N O2'      75.067  
HIS 'L-peptide linking' y HISTIDINE                 ? 'C6 H10 N3 O2 1'  156.162 
HOH non-polymer         . WATER                     ? 'H2 O'            18.015  
ILE 'L-peptide linking' y ISOLEUCINE                ? 'C6 H13 N O2'     131.173 
LEU 'L-peptide linking' y LEUCINE                   ? 'C6 H13 N O2'     131.173 
LYS 'L-peptide linking' y LYSINE                    ? 'C6 H15 N2 O2 1'  147.195 
MET 'L-peptide linking' y METHIONINE                ? 'C5 H11 N O2 S'   149.211 
PHE 'L-peptide linking' y PHENYLALANINE             ? 'C9 H11 N O2'     165.189 
PRO 'L-peptide linking' y PROLINE                   ? 'C5 H9 N O2'      115.130 
SER 'L-peptide linking' y SERINE                    ? 'C3 H7 N O3'      105.093 
THR 'L-peptide linking' y THREONINE                 ? 'C4 H9 N O3'      119.119 
TRP 'L-peptide linking' y TRYPTOPHAN                ? 'C11 H12 N2 O2'   204.225 
TYR 'L-peptide linking' y TYROSINE                  ? 'C9 H11 N O3'     181.189 
VAL 'L-peptide linking' y VALINE                    ? 'C5 H11 N O2'     117.146 
# 
loop_
_pdbx_poly_seq_scheme.asym_id 
_pdbx_poly_seq_scheme.entity_id 
_pdbx_poly_seq_scheme.seq_id 
_pdbx_poly_seq_scheme.mon_id 
_pdbx_poly_seq_scheme.ndb_seq_num 
_pdbx_poly_seq_scheme.pdb_seq_num 
_pdbx_poly_seq_scheme.auth_seq_num 
_pdbx_poly_seq_scheme.pdb_mon_id 
_pdbx_poly_seq_scheme.auth_mon_id 
_pdbx_poly_seq_scheme.pdb_strand_id 
_pdbx_poly_seq_scheme.pdb_ins_code 
_pdbx_poly_seq_scheme.hetero 
A 1 1   LYS 1   201 201 LYS LYS A . n 
A 1 2   VAL 2   202 202 VAL VAL A . n 
A 1 3   SER 3   203 203 SER SER A . n 
A 1 4   VAL 4   204 204 VAL VAL A . n 
A 1 5   ASN 5   205 205 ASN ASN A . n 
A 1 6   ASP 6   206 206 ASP ASP A . n 
A 1 7   ILE 7   207 207 ILE ILE A . n 
A 1 8   MET 8   208 208 MET MET A . n 
A 1 9   VAL 9   209 209 VAL VAL A . n 
A 1 10  PRO 10  210 210 PRO PRO A . n 
A 1 11  ARG 11  211 211 ARG ARG A . n 
A 1 12  ASN 12  212 212 ASN ASN A . n 
A 1 13  GLU 13  213 213 GLU GLU A . n 
A 1 14  ILE 14  214 214 ILE ILE A . n 
A 1 15  VAL 15  215 215 VAL VAL A . n 
A 1 16  GLY 16  216 216 GLY GLY A . n 
A 1 17  ILE 17  217 217 ILE ILE A . n 
A 1 18  ASP 18  218 218 ASP ASP A . n 
A 1 19  ILE 19  219 219 ILE ILE A . n 
A 1 20  ASN 20  220 220 ASN ASN A . n 
A 1 21  ASP 21  221 221 ASP ASP A . n 
A 1 22  ASP 22  222 222 ASP ASP A . n 
A 1 23  TRP 23  223 223 TRP TRP A . n 
A 1 24  LYS 24  224 224 LYS LYS A . n 
A 1 25  SER 25  225 225 SER SER A . n 
A 1 26  ILE 26  226 226 ILE ILE A . n 
A 1 27  VAL 27  227 227 VAL VAL A . n 
A 1 28  ARG 28  228 228 ARG ARG A . n 
A 1 29  GLN 29  229 229 GLN GLN A . n 
A 1 30  LEU 30  230 230 LEU LEU A . n 
A 1 31  THR 31  231 231 THR THR A . n 
A 1 32  HIS 32  232 232 HIS HIS A . n 
A 1 33  SER 33  233 233 SER SER A . n 
A 1 34  PRO 34  234 234 PRO PRO A . n 
A 1 35  HIS 35  235 235 HIS HIS A . n 
A 1 36  GLY 36  236 236 GLY GLY A . n 
A 1 37  ARG 37  237 237 ARG ARG A . n 
A 1 38  ILE 38  238 238 ILE ILE A . n 
A 1 39  VAL 39  239 239 VAL VAL A . n 
A 1 40  LEU 40  240 240 LEU LEU A . n 
A 1 41  TYR 41  241 241 TYR TYR A . n 
A 1 42  ARG 42  242 242 ARG ARG A . n 
A 1 43  ASP 43  243 243 ASP ASP A . n 
A 1 44  SER 44  244 244 SER SER A . n 
A 1 45  LEU 45  245 245 LEU LEU A . n 
A 1 46  ASP 46  246 246 ASP ASP A . n 
A 1 47  ASP 47  247 247 ASP ASP A . n 
A 1 48  ALA 48  248 248 ALA ALA A . n 
A 1 49  ILE 49  249 249 ILE ILE A . n 
A 1 50  SER 50  250 250 SER SER A . n 
A 1 51  MET 51  251 251 MET MET A . n 
A 1 52  LEU 52  252 252 LEU LEU A . n 
A 1 53  ARG 53  253 253 ARG ARG A . n 
A 1 54  VAL 54  254 254 VAL VAL A . n 
A 1 55  ARG 55  255 255 ARG ARG A . n 
A 1 56  GLU 56  256 256 GLU GLU A . n 
A 1 57  ALA 57  257 257 ALA ALA A . n 
A 1 58  TYR 58  258 258 TYR TYR A . n 
A 1 59  ARG 59  259 259 ARG ARG A . n 
A 1 60  LEU 60  260 260 LEU LEU A . n 
A 1 61  MET 61  261 261 MET MET A . n 
A 1 62  THR 62  262 262 THR THR A . n 
A 1 63  GLU 63  263 263 GLU GLU A . n 
A 1 64  LYS 64  264 264 LYS LYS A . n 
A 1 65  LYS 65  265 265 LYS LYS A . n 
A 1 66  GLU 66  266 266 GLU GLU A . n 
A 1 67  PHE 67  267 267 PHE PHE A . n 
A 1 68  THR 68  268 268 THR THR A . n 
A 1 69  LYS 69  269 269 LYS LYS A . n 
A 1 70  GLU 70  270 270 GLU GLU A . n 
A 1 71  ILE 71  271 271 ILE ILE A . n 
A 1 72  MET 72  272 272 MET MET A . n 
A 1 73  LEU 73  273 273 LEU LEU A . n 
A 1 74  ARG 74  274 274 ARG ARG A . n 
A 1 75  ALA 75  275 275 ALA ALA A . n 
A 1 76  ALA 76  276 276 ALA ALA A . n 
A 1 77  ASP 77  277 277 ASP ASP A . n 
A 1 78  GLU 78  278 278 GLU GLU A . n 
A 1 79  ILE 79  279 279 ILE ILE A . n 
A 1 80  TYR 80  280 280 TYR TYR A . n 
A 1 81  PHE 81  281 281 PHE PHE A . n 
A 1 82  VAL 82  282 282 VAL VAL A . n 
A 1 83  PRO 83  283 283 PRO PRO A . n 
A 1 84  GLU 84  284 284 GLU GLU A . n 
A 1 85  GLY 85  285 285 GLY GLY A . n 
A 1 86  THR 86  286 286 THR THR A . n 
A 1 87  PRO 87  287 287 PRO PRO A . n 
A 1 88  LEU 88  288 288 LEU LEU A . n 
A 1 89  SER 89  289 289 SER SER A . n 
A 1 90  THR 90  290 290 THR THR A . n 
A 1 91  GLN 91  291 291 GLN GLN A . n 
A 1 92  LEU 92  292 292 LEU LEU A . n 
A 1 93  VAL 93  293 293 VAL VAL A . n 
A 1 94  LYS 94  294 294 LYS LYS A . n 
A 1 95  PHE 95  295 295 PHE PHE A . n 
A 1 96  GLN 96  296 296 GLN GLN A . n 
A 1 97  ARG 97  297 297 ARG ARG A . n 
A 1 98  ASN 98  298 298 ASN ASN A . n 
A 1 99  LYS 99  299 299 LYS LYS A . n 
A 1 100 LYS 100 300 300 LYS LYS A . n 
A 1 101 LYS 101 301 301 LYS LYS A . n 
A 1 102 VAL 102 302 302 VAL VAL A . n 
A 1 103 GLY 103 303 303 GLY GLY A . n 
A 1 104 LEU 104 304 304 LEU LEU A . n 
A 1 105 VAL 105 305 305 VAL VAL A . n 
A 1 106 VAL 106 306 306 VAL VAL A . n 
A 1 107 ASP 107 307 307 ASP ASP A . n 
A 1 108 GLU 108 308 308 GLU GLU A . n 
A 1 109 TYR 109 309 309 TYR TYR A . n 
A 1 110 GLY 110 310 310 GLY GLY A . n 
A 1 111 ASP 111 311 311 ASP ASP A . n 
A 1 112 ILE 112 312 312 ILE ILE A . n 
A 1 113 GLN 113 313 313 GLN GLN A . n 
A 1 114 GLY 114 314 314 GLY GLY A . n 
A 1 115 LEU 115 315 315 LEU LEU A . n 
A 1 116 VAL 116 316 316 VAL VAL A . n 
A 1 117 THR 117 317 317 THR THR A . n 
A 1 118 VAL 118 318 318 VAL VAL A . n 
A 1 119 GLU 119 319 319 GLU GLU A . n 
A 1 120 ASP 120 320 320 ASP ASP A . n 
A 1 121 ILE 121 321 321 ILE ILE A . n 
A 1 122 LEU 122 322 322 LEU LEU A . n 
A 1 123 GLU 123 323 323 GLU GLU A . n 
A 1 124 GLU 124 324 324 GLU GLU A . n 
A 1 125 ILE 125 325 325 ILE ILE A . n 
A 1 126 VAL 126 326 326 VAL VAL A . n 
A 1 127 GLY 127 327 327 GLY GLY A . n 
A 1 128 ASP 128 328 ?   ?   ?   A . n 
A 1 129 PHE 129 329 ?   ?   ?   A . n 
A 1 130 THR 130 330 ?   ?   ?   A . n 
# 
loop_
_pdbx_nonpoly_scheme.asym_id 
_pdbx_nonpoly_scheme.entity_id 
_pdbx_nonpoly_scheme.mon_id 
_pdbx_nonpoly_scheme.ndb_seq_num 
_pdbx_nonpoly_scheme.pdb_seq_num 
_pdbx_nonpoly_scheme.auth_seq_num 
_pdbx_nonpoly_scheme.pdb_mon_id 
_pdbx_nonpoly_scheme.auth_mon_id 
_pdbx_nonpoly_scheme.pdb_strand_id 
_pdbx_nonpoly_scheme.pdb_ins_code 
B 2 AMP 1 1   1 AMP AMP A . 
C 3 HOH 1 2   2 HOH HOH A . 
C 3 HOH 2 3   3 HOH HOH A . 
C 3 HOH 3 4   4 HOH HOH A . 
C 3 HOH 4 5   5 HOH HOH A . 
C 3 HOH 5 331 1 HOH HOH A . 
# 
loop_
_pdbx_unobs_or_zero_occ_atoms.id 
_pdbx_unobs_or_zero_occ_atoms.PDB_model_num 
_pdbx_unobs_or_zero_occ_atoms.polymer_flag 
_pdbx_unobs_or_zero_occ_atoms.occupancy_flag 
_pdbx_unobs_or_zero_occ_atoms.auth_asym_id 
_pdbx_unobs_or_zero_occ_atoms.auth_comp_id 
_pdbx_unobs_or_zero_occ_atoms.auth_seq_id 
_pdbx_unobs_or_zero_occ_atoms.PDB_ins_code 
_pdbx_unobs_or_zero_occ_atoms.auth_atom_id 
_pdbx_unobs_or_zero_occ_atoms.label_alt_id 
_pdbx_unobs_or_zero_occ_atoms.label_asym_id 
_pdbx_unobs_or_zero_occ_atoms.label_comp_id 
_pdbx_unobs_or_zero_occ_atoms.label_seq_id 
_pdbx_unobs_or_zero_occ_atoms.label_atom_id 
1  1 Y 1 A LYS 201 ? CG  ? A LYS 1   CG  
2  1 Y 1 A LYS 201 ? CD  ? A LYS 1   CD  
3  1 Y 1 A LYS 201 ? CE  ? A LYS 1   CE  
4  1 Y 1 A LYS 201 ? NZ  ? A LYS 1   NZ  
5  1 Y 1 A LYS 224 ? CG  ? A LYS 24  CG  
6  1 Y 1 A LYS 224 ? CD  ? A LYS 24  CD  
7  1 Y 1 A LYS 224 ? CE  ? A LYS 24  CE  
8  1 Y 1 A LYS 224 ? NZ  ? A LYS 24  NZ  
9  1 Y 1 A LYS 264 ? CG  ? A LYS 64  CG  
10 1 Y 1 A LYS 264 ? CD  ? A LYS 64  CD  
11 1 Y 1 A LYS 264 ? CE  ? A LYS 64  CE  
12 1 Y 1 A LYS 264 ? NZ  ? A LYS 64  NZ  
13 1 Y 1 A LYS 265 ? CG  ? A LYS 65  CG  
14 1 Y 1 A LYS 265 ? CD  ? A LYS 65  CD  
15 1 Y 1 A LYS 265 ? CE  ? A LYS 65  CE  
16 1 Y 1 A LYS 265 ? NZ  ? A LYS 65  NZ  
17 1 Y 1 A GLU 266 ? CG  ? A GLU 66  CG  
18 1 Y 1 A GLU 266 ? CD  ? A GLU 66  CD  
19 1 Y 1 A GLU 266 ? OE1 ? A GLU 66  OE1 
20 1 Y 1 A GLU 266 ? OE2 ? A GLU 66  OE2 
21 1 Y 1 A LYS 294 ? CG  ? A LYS 94  CG  
22 1 Y 1 A LYS 294 ? CD  ? A LYS 94  CD  
23 1 Y 1 A LYS 294 ? CE  ? A LYS 94  CE  
24 1 Y 1 A LYS 294 ? NZ  ? A LYS 94  NZ  
25 1 Y 1 A GLN 296 ? CG  ? A GLN 96  CG  
26 1 Y 1 A GLN 296 ? CD  ? A GLN 96  CD  
27 1 Y 1 A GLN 296 ? OE1 ? A GLN 96  OE1 
28 1 Y 1 A GLN 296 ? NE2 ? A GLN 96  NE2 
29 1 Y 1 A ARG 297 ? CG  ? A ARG 97  CG  
30 1 Y 1 A ARG 297 ? CD  ? A ARG 97  CD  
31 1 Y 1 A ARG 297 ? NE  ? A ARG 97  NE  
32 1 Y 1 A ARG 297 ? CZ  ? A ARG 97  CZ  
33 1 Y 1 A ARG 297 ? NH1 ? A ARG 97  NH1 
34 1 Y 1 A ARG 297 ? NH2 ? A ARG 97  NH2 
35 1 Y 1 A ASN 298 ? CG  ? A ASN 98  CG  
36 1 Y 1 A ASN 298 ? OD1 ? A ASN 98  OD1 
37 1 Y 1 A ASN 298 ? ND2 ? A ASN 98  ND2 
38 1 Y 1 A LYS 299 ? CG  ? A LYS 99  CG  
39 1 Y 1 A LYS 299 ? CD  ? A LYS 99  CD  
40 1 Y 1 A LYS 299 ? CE  ? A LYS 99  CE  
41 1 Y 1 A LYS 299 ? NZ  ? A LYS 99  NZ  
42 1 Y 1 A LYS 300 ? CG  ? A LYS 100 CG  
43 1 Y 1 A LYS 300 ? CD  ? A LYS 100 CD  
44 1 Y 1 A LYS 300 ? CE  ? A LYS 100 CE  
45 1 Y 1 A LYS 300 ? NZ  ? A LYS 100 NZ  
46 1 Y 1 A LYS 301 ? CG  ? A LYS 101 CG  
47 1 Y 1 A LYS 301 ? CD  ? A LYS 101 CD  
48 1 Y 1 A LYS 301 ? CE  ? A LYS 101 CE  
49 1 Y 1 A LYS 301 ? NZ  ? A LYS 101 NZ  
50 1 Y 1 A GLU 319 ? CG  ? A GLU 119 CG  
51 1 Y 1 A GLU 319 ? CD  ? A GLU 119 CD  
52 1 Y 1 A GLU 319 ? OE1 ? A GLU 119 OE1 
53 1 Y 1 A GLU 319 ? OE2 ? A GLU 119 OE2 
# 
loop_
_software.name 
_software.version 
_software.date 
_software.type 
_software.contact_author 
_software.contact_author_email 
_software.classification 
_software.location 
_software.language 
_software.citation_id 
_software.pdbx_ordinal 
DENZO       .               ?                    package 'Zbyszek Otwinowski' zbyszek@mix.swmed.edu    'data reduction'  
http://www.lnls.br/infra/linhasluz/denzo-hkl.htm ?          ? 1  
SCALEPACK   .               ?                    package 'Zbyszek Otwinowski' zbyszek@mix.swmed.edu    'data scaling'    
http://www.lnls.br/infra/linhasluz/denzo-hkl.htm ?          ? 2  
REFMAC      refmac_5.5.0054 24/04/2001           program 'Murshudov, G.N.'    ccp4@dl.ac.uk            refinement        
http://www.ccp4.ac.uk/main.html                  Fortran_77 ? 3  
PDB_EXTRACT 3.004           'September 10, 2007' package PDB                  sw-help@rcsb.rutgers.edu 'data extraction' 
http://pdb.rutgers.edu/software/                 C++        ? 4  
SBC-Collect .               ?                    ?       ?                    ?                        'data collection' ? ? ? 5  
HKL-3000    .               ?                    ?       ?                    ?                        'data reduction'  ? ? ? 6  
HKL-3000    .               ?                    ?       ?                    ?                        phasing           ? ? ? 7  
SHELX       .               ?                    ?       ?                    ?                        phasing           ? ? ? 8  
MLPHARE     .               ?                    ?       ?                    ?                        phasing           ? ? ? 9  
DM          .               ?                    ?       ?                    ?                        phasing           ? ? ? 10 
ARP/wARP    .               ?                    ?       ?                    ?                        'model building'  ? ? ? 11 
Coot        .               ?                    ?       ?                    ?                        'model building'  ? ? ? 12 
# 
_cell.entry_id           3HF7 
_cell.length_a           101.395 
_cell.length_b           101.395 
_cell.length_c           107.745 
_cell.angle_alpha        90.000 
_cell.angle_beta         90.000 
_cell.angle_gamma        120.000 
_cell.pdbx_unique_axis   ? 
_cell.Z_PDB              18 
_cell.length_a_esd       ? 
_cell.length_b_esd       ? 
_cell.length_c_esd       ? 
_cell.angle_alpha_esd    ? 
_cell.angle_beta_esd     ? 
_cell.angle_gamma_esd    ? 
# 
_symmetry.Int_Tables_number                155 
_symmetry.entry_id                         3HF7 
_symmetry.space_group_name_H-M             'H 3 2' 
_symmetry.pdbx_full_space_group_name_H-M   ? 
_symmetry.cell_setting                     ? 
_symmetry.space_group_name_Hall            ? 
# 
_exptl.crystals_number   1 
_exptl.entry_id          3HF7 
_exptl.method            'X-RAY DIFFRACTION' 
# 
_exptl_crystal.id                    1 
_exptl_crystal.density_percent_sol   65.84 
_exptl_crystal.density_Matthews      3.60 
_exptl_crystal.density_meas          ? 
_exptl_crystal.description           ? 
_exptl_crystal.F_000                 ? 
_exptl_crystal.preparation           ? 
# 
_exptl_crystal_grow.crystal_id      1 
_exptl_crystal_grow.method          'VAPOR DIFFUSION' 
_exptl_crystal_grow.pH              7.0 
_exptl_crystal_grow.temp            298 
_exptl_crystal_grow.pdbx_details    '1.8 Magnesium sulfate, 0.1M Bis-tris propane, pH 7.0, vapor diffusion, temperature 298K' 
_exptl_crystal_grow.temp_details    ? 
_exptl_crystal_grow.pdbx_pH_range   ? 
# 
_diffrn.id                     1 
_diffrn.ambient_temp           100 
_diffrn.ambient_temp_details   ? 
_diffrn.crystal_id             1 
# 
_diffrn_detector.diffrn_id              1 
_diffrn_detector.detector               CCD 
_diffrn_detector.type                   'ADSC QUANTUM 315' 
_diffrn_detector.pdbx_collection_date   2006-05-01 
_diffrn_detector.details                ? 
# 
_diffrn_radiation.diffrn_id                        1 
_diffrn_radiation.pdbx_diffrn_protocol             'SINGLE WAVELENGTH' 
_diffrn_radiation.monochromator                    'Double crystal' 
_diffrn_radiation.wavelength_id                    1 
_diffrn_radiation.pdbx_monochromatic_or_laue_m_l   ? 
_diffrn_radiation.pdbx_scattering_type             x-ray 
# 
_diffrn_radiation_wavelength.id           1 
_diffrn_radiation_wavelength.wavelength   0.9794 
_diffrn_radiation_wavelength.wt           1.0 
# 
_diffrn_source.diffrn_id                   1 
_diffrn_source.source                      SYNCHROTRON 
_diffrn_source.type                        'APS BEAMLINE 19-ID' 
_diffrn_source.pdbx_wavelength_list        0.9794 
_diffrn_source.pdbx_wavelength             ? 
_diffrn_source.pdbx_synchrotron_site       APS 
_diffrn_source.pdbx_synchrotron_beamline   19-ID 
# 
_reflns.entry_id                     3HF7 
_reflns.d_resolution_high            2.300 
_reflns.d_resolution_low             50.000 
_reflns.number_obs                   9474 
_reflns.pdbx_Rmerge_I_obs            0.092 
_reflns.pdbx_netI_over_sigmaI        7.700 
_reflns.pdbx_chi_squared             1.478 
_reflns.pdbx_redundancy              5.500 
_reflns.percent_possible_obs         98.100 
_reflns.observed_criterion_sigma_F   ? 
_reflns.observed_criterion_sigma_I   ? 
_reflns.number_all                   ? 
_reflns.pdbx_Rsym_value              ? 
_reflns.B_iso_Wilson_estimate        ? 
_reflns.R_free_details               ? 
_reflns.limit_h_max                  ? 
_reflns.limit_h_min                  ? 
_reflns.limit_k_max                  ? 
_reflns.limit_k_min                  ? 
_reflns.limit_l_max                  ? 
_reflns.limit_l_min                  ? 
_reflns.observed_criterion_F_max     ? 
_reflns.observed_criterion_F_min     ? 
_reflns.pdbx_scaling_rejects         ? 
_reflns.pdbx_ordinal                 1 
_reflns.pdbx_diffrn_id               1 
# 
loop_
_reflns_shell.d_res_high 
_reflns_shell.d_res_low 
_reflns_shell.number_measured_obs 
_reflns_shell.number_measured_all 
_reflns_shell.number_unique_obs 
_reflns_shell.Rmerge_I_obs 
_reflns_shell.meanI_over_sigI_obs 
_reflns_shell.pdbx_Rsym_value 
_reflns_shell.pdbx_chi_squared 
_reflns_shell.pdbx_redundancy 
_reflns_shell.percent_possible_obs 
_reflns_shell.number_unique_all 
_reflns_shell.percent_possible_all 
_reflns_shell.pdbx_ordinal 
_reflns_shell.pdbx_diffrn_id 
2.30 2.38  ? ? ? 0.660 ? ? 0.713 5.70 ? 945  100.00 1  1 
2.38 2.48  ? ? ? 0.470 ? ? 0.723 5.70 ? 951  100.00 2  1 
2.48 2.59  ? ? ? 0.324 ? ? 0.763 5.70 ? 951  100.00 3  1 
2.59 2.73  ? ? ? 0.230 ? ? 0.894 5.70 ? 958  100.00 4  1 
2.73 2.90  ? ? ? 0.162 ? ? 1.006 5.70 ? 964  100.00 5  1 
2.90 3.12  ? ? ? 0.125 ? ? 1.232 5.70 ? 953  100.00 6  1 
3.12 3.44  ? ? ? 0.099 ? ? 1.612 5.60 ? 972  100.00 7  1 
3.44 3.93  ? ? ? 0.086 ? ? 2.128 5.20 ? 781  82.00  8  1 
3.93 4.95  ? ? ? 0.077 ? ? 2.724 5.30 ? 988  99.90  9  1 
4.95 50.00 ? ? ? 0.076 ? ? 3.426 4.90 ? 1011 99.10  10 1 
# 
_refine.entry_id                                 3HF7 
_refine.ls_d_res_high                            2.750 
_refine.ls_d_res_low                             50.000 
_refine.pdbx_ls_sigma_F                          0.00 
_refine.ls_percent_reflns_obs                    96.790 
_refine.ls_number_reflns_obs                     5517 
_refine.pdbx_ls_cross_valid_method               THROUGHOUT 
_refine.pdbx_R_Free_selection_details            RANDOM 
_refine.details                                  
;HYDROGENS HAVE BEEN ADDED IN THE RIDING POSITIONS
 U VALUES      : RESIDUAL ONLY
;
_refine.ls_R_factor_obs                          0.225 
_refine.ls_R_factor_R_work                       0.222 
_refine.ls_wR_factor_R_work                      0.239 
_refine.ls_R_factor_R_free                       0.278 
_refine.ls_wR_factor_R_free                      0.292 
_refine.ls_percent_reflns_R_free                 4.900 
_refine.ls_number_reflns_R_free                  270 
_refine.B_iso_mean                               27.833 
_refine.aniso_B[1][1]                            -4.490 
_refine.aniso_B[2][2]                            -4.490 
_refine.aniso_B[3][3]                            6.740 
_refine.aniso_B[1][2]                            -2.250 
_refine.aniso_B[1][3]                            0.000 
_refine.aniso_B[2][3]                            0.000 
_refine.correlation_coeff_Fo_to_Fc               0.938 
_refine.correlation_coeff_Fo_to_Fc_free          0.914 
_refine.pdbx_overall_ESU_R                       0.563 
_refine.pdbx_overall_ESU_R_Free                  0.343 
_refine.overall_SU_ML                            0.264 
_refine.overall_SU_B                             29.126 
_refine.solvent_model_details                    MASK 
_refine.pdbx_solvent_vdw_probe_radii             1.200 
_refine.pdbx_solvent_ion_probe_radii             0.800 
_refine.pdbx_solvent_shrinkage_radii             0.800 
_refine.pdbx_method_to_determine_struct          ? 
_refine.pdbx_stereochemistry_target_values       'MAXIMUM LIKELIHOOD' 
_refine.pdbx_ls_sigma_I                          ? 
_refine.ls_number_reflns_all                     ? 
_refine.ls_R_factor_all                          ? 
_refine.ls_redundancy_reflns_obs                 ? 
_refine.pdbx_data_cutoff_high_absF               ? 
_refine.pdbx_data_cutoff_low_absF                ? 
_refine.ls_number_parameters                     ? 
_refine.ls_number_restraints                     ? 
_refine.ls_R_factor_R_free_error                 ? 
_refine.ls_R_factor_R_free_error_details         ? 
_refine.pdbx_starting_model                      ? 
_refine.pdbx_stereochem_target_val_spec_case     ? 
_refine.solvent_model_param_bsol                 ? 
_refine.solvent_model_param_ksol                 ? 
_refine.occupancy_max                            ? 
_refine.occupancy_min                            ? 
_refine.pdbx_isotropic_thermal_model             ? 
_refine.B_iso_min                                ? 
_refine.B_iso_max                                ? 
_refine.overall_SU_R_Cruickshank_DPI             ? 
_refine.overall_SU_R_free                        ? 
_refine.pdbx_data_cutoff_high_rms_absF           ? 
_refine.overall_FOM_free_R_set                   ? 
_refine.overall_FOM_work_R_set                   ? 
_refine.pdbx_overall_phase_error                 ? 
_refine.pdbx_refine_id                           'X-RAY DIFFRACTION' 
_refine.pdbx_TLS_residual_ADP_flag               'LIKELY RESIDUAL' 
_refine.pdbx_diffrn_id                           1 
_refine.pdbx_overall_SU_R_free_Cruickshank_DPI   ? 
_refine.pdbx_overall_SU_R_Blow_DPI               ? 
_refine.pdbx_overall_SU_R_free_Blow_DPI          ? 
# 
_refine_hist.pdbx_refine_id                   'X-RAY DIFFRACTION' 
_refine_hist.cycle_id                         LAST 
_refine_hist.pdbx_number_atoms_protein        972 
_refine_hist.pdbx_number_atoms_nucleic_acid   0 
_refine_hist.pdbx_number_atoms_ligand         23 
_refine_hist.number_atoms_solvent             5 
_refine_hist.number_atoms_total               1000 
_refine_hist.d_res_high                       2.750 
_refine_hist.d_res_low                        50.000 
# 
loop_
_refine_ls_restr.type 
_refine_ls_restr.number 
_refine_ls_restr.dev_ideal 
_refine_ls_restr.dev_ideal_target 
_refine_ls_restr.weight 
_refine_ls_restr.pdbx_refine_id 
_refine_ls_restr.pdbx_restraint_function 
r_bond_refined_d       1011 0.010  0.022  ? 'X-RAY DIFFRACTION' ? 
r_angle_refined_deg    1382 1.406  1.998  ? 'X-RAY DIFFRACTION' ? 
r_dihedral_angle_1_deg 126  5.174  5.000  ? 'X-RAY DIFFRACTION' ? 
r_dihedral_angle_2_deg 44   41.805 24.091 ? 'X-RAY DIFFRACTION' ? 
r_dihedral_angle_3_deg 161  21.688 15.000 ? 'X-RAY DIFFRACTION' ? 
r_dihedral_angle_4_deg 8    20.852 15.000 ? 'X-RAY DIFFRACTION' ? 
r_chiral_restr         168  0.078  0.200  ? 'X-RAY DIFFRACTION' ? 
r_gen_planes_refined   750  0.005  0.021  ? 'X-RAY DIFFRACTION' ? 
r_mcbond_it            631  0.398  1.500  ? 'X-RAY DIFFRACTION' ? 
r_mcangle_it           1020 0.777  2.000  ? 'X-RAY DIFFRACTION' ? 
r_scbond_it            380  1.388  3.000  ? 'X-RAY DIFFRACTION' ? 
r_scangle_it           362  2.444  4.500  ? 'X-RAY DIFFRACTION' ? 
# 
loop_
_refine_ls_shell.pdbx_total_number_of_bins_used 
_refine_ls_shell.d_res_low 
_refine_ls_shell.d_res_high 
_refine_ls_shell.number_reflns_all 
_refine_ls_shell.percent_reflns_obs 
_refine_ls_shell.number_reflns_R_work 
_refine_ls_shell.R_factor_R_work 
_refine_ls_shell.number_reflns_R_free 
_refine_ls_shell.R_factor_R_free 
_refine_ls_shell.number_reflns_obs 
_refine_ls_shell.R_factor_R_free_error 
_refine_ls_shell.percent_reflns_R_free 
_refine_ls_shell.redundancy_reflns_obs 
_refine_ls_shell.R_factor_all 
_refine_ls_shell.pdbx_refine_id 
20 2.822  2.750  409 100.000 374 0.260 35 0.363 . . . . . 'X-RAY DIFFRACTION' 
20 2.899  2.822  413 100.000 396 0.282 17 0.383 . . . . . 'X-RAY DIFFRACTION' 
20 2.983  2.899  396 100.000 381 0.277 15 0.182 . . . . . 'X-RAY DIFFRACTION' 
20 3.074  2.983  376 100.000 357 0.317 19 0.392 . . . . . 'X-RAY DIFFRACTION' 
20 3.175  3.074  353 100.000 340 0.270 13 0.354 . . . . . 'X-RAY DIFFRACTION' 
20 3.286  3.175  375 100.000 352 0.281 23 0.355 . . . . . 'X-RAY DIFFRACTION' 
20 3.410  3.286  337 100.000 325 0.274 12 0.360 . . . . . 'X-RAY DIFFRACTION' 
20 3.549  3.410  331 100.000 306 0.254 25 0.406 . . . . . 'X-RAY DIFFRACTION' 
20 3.706  3.549  334 58.683  188 0.230 8  0.461 . . . . . 'X-RAY DIFFRACTION' 
20 3.886  3.706  312 89.103  267 0.222 11 0.348 . . . . . 'X-RAY DIFFRACTION' 
20 4.096  3.886  283 100.000 274 0.208 9  0.225 . . . . . 'X-RAY DIFFRACTION' 
20 4.343  4.096  283 100.000 271 0.170 12 0.317 . . . . . 'X-RAY DIFFRACTION' 
20 4.642  4.343  265 99.623  250 0.168 14 0.286 . . . . . 'X-RAY DIFFRACTION' 
20 5.012  4.642  237 100.000 227 0.185 10 0.230 . . . . . 'X-RAY DIFFRACTION' 
20 5.487  5.012  231 100.000 218 0.198 13 0.243 . . . . . 'X-RAY DIFFRACTION' 
20 6.130  5.487  213 100.000 204 0.248 9  0.225 . . . . . 'X-RAY DIFFRACTION' 
20 7.069  6.130  181 100.000 173 0.218 8  0.131 . . . . . 'X-RAY DIFFRACTION' 
20 8.634  7.069  164 100.000 159 0.201 5  0.183 . . . . . 'X-RAY DIFFRACTION' 
20 12.113 8.634  126 96.825  114 0.156 8  0.199 . . . . . 'X-RAY DIFFRACTION' 
20 68.041 12.113 81  92.593  71  0.262 4  0.102 . . . . . 'X-RAY DIFFRACTION' 
# 
_struct.entry_id                  3HF7 
_struct.title                     'The Crystal Structure of a CBS-domain Pair with Bound AMP from Klebsiella pneumoniae to 2.75A' 
_struct.pdbx_model_details        ? 
_struct.pdbx_CASP_flag            ? 
_struct.pdbx_model_type_details   ? 
# 
_struct_keywords.entry_id        3HF7 
_struct_keywords.pdbx_keywords   'structural genomics, unknown function' 
_struct_keywords.text            
;CSB-domain pair, AMP, klebsiella, pneumoniae, PSI, MCSG, Structural Genomics, Midwest Center for Structural Genomics, Protein Structure Initiative, Cell membrane, Membrane, Transmembrane, unknown function
;
# 
loop_
_struct_asym.id 
_struct_asym.pdbx_blank_PDB_chainid_flag 
_struct_asym.pdbx_modified 
_struct_asym.entity_id 
_struct_asym.details 
A N N 1 ? 
B N N 2 ? 
C N N 3 ? 
# 
_struct_ref.id                         1 
_struct_ref.db_name                    UNP 
_struct_ref.db_code                    A6TCM0_KLEP7 
_struct_ref.pdbx_db_accession          A6TCM0 
_struct_ref.entity_id                  1 
_struct_ref.pdbx_seq_one_letter_code   
;KVSVNDIMVPRNEIVGIDINDDWKSIVRQLTHSPHGRIVLYRDSLDDAISMLRVREAYRLMTEKKEFTKEIMLRAADEIY
FVPEGTPLSTQLVKFQRNKKKVGLVVDEYGDIQGLVTVEDILEEIVGDFT
;
_struct_ref.pdbx_align_begin           201 
_struct_ref.pdbx_db_isoform            ? 
# 
_struct_ref_seq.align_id                      1 
_struct_ref_seq.ref_id                        1 
_struct_ref_seq.pdbx_PDB_id_code              3HF7 
_struct_ref_seq.pdbx_strand_id                A 
_struct_ref_seq.seq_align_beg                 1 
_struct_ref_seq.pdbx_seq_align_beg_ins_code   ? 
_struct_ref_seq.seq_align_end                 130 
_struct_ref_seq.pdbx_seq_align_end_ins_code   ? 
_struct_ref_seq.pdbx_db_accession             A6TCM0 
_struct_ref_seq.db_align_beg                  201 
_struct_ref_seq.pdbx_db_align_beg_ins_code    ? 
_struct_ref_seq.db_align_end                  330 
_struct_ref_seq.pdbx_db_align_end_ins_code    ? 
_struct_ref_seq.pdbx_auth_seq_align_beg       201 
_struct_ref_seq.pdbx_auth_seq_align_end       330 
# 
loop_
_pdbx_struct_assembly.id 
_pdbx_struct_assembly.details 
_pdbx_struct_assembly.method_details 
_pdbx_struct_assembly.oligomeric_details 
_pdbx_struct_assembly.oligomeric_count 
1 author_defined_assembly   ?    monomeric 1 
2 software_defined_assembly PISA dimeric   2 
# 
loop_
_pdbx_struct_assembly_prop.biol_id 
_pdbx_struct_assembly_prop.type 
_pdbx_struct_assembly_prop.value 
_pdbx_struct_assembly_prop.details 
2 'ABSA (A^2)' 2450  ? 
2 MORE         -15   ? 
2 'SSA (A^2)'  12890 ? 
# 
loop_
_pdbx_struct_assembly_gen.assembly_id 
_pdbx_struct_assembly_gen.oper_expression 
_pdbx_struct_assembly_gen.asym_id_list 
1 1   A,B,C 
2 1,2 A,B,C 
# 
loop_
_pdbx_struct_oper_list.id 
_pdbx_struct_oper_list.type 
_pdbx_struct_oper_list.name 
_pdbx_struct_oper_list.symmetry_operation 
_pdbx_struct_oper_list.matrix[1][1] 
_pdbx_struct_oper_list.matrix[1][2] 
_pdbx_struct_oper_list.matrix[1][3] 
_pdbx_struct_oper_list.vector[1] 
_pdbx_struct_oper_list.matrix[2][1] 
_pdbx_struct_oper_list.matrix[2][2] 
_pdbx_struct_oper_list.matrix[2][3] 
_pdbx_struct_oper_list.vector[2] 
_pdbx_struct_oper_list.matrix[3][1] 
_pdbx_struct_oper_list.matrix[3][2] 
_pdbx_struct_oper_list.matrix[3][3] 
_pdbx_struct_oper_list.vector[3] 
1 'identity operation'         1_555  x,y,z                  1.0000000000 0.0000000000 0.0000000000  0.0000000000 0.0000000000 1.0000000000  0.0000000000  0.0000000000   0.0000000000  0.0000000000  1.0000000000  0.0000000000   
2 'crystal symmetry operation' 12_555 -x+2/3,-x+y+1/3,-z+1/3 0.5544427866 0.8033171570 -0.2174275550 5.9868691711 0.8033171570 -0.5848554478 -0.1123639203 -16.4865419654 -0.2174275550 -0.1123639203 -0.9695873389 -18.1102915973 
# 
_struct_biol.id        1 
_struct_biol.details   'biological unit is the same as asymmetric unit.' 
# 
loop_
_struct_conf.conf_type_id 
_struct_conf.id 
_struct_conf.pdbx_PDB_helix_id 
_struct_conf.beg_label_comp_id 
_struct_conf.beg_label_asym_id 
_struct_conf.beg_label_seq_id 
_struct_conf.pdbx_beg_PDB_ins_code 
_struct_conf.end_label_comp_id 
_struct_conf.end_label_asym_id 
_struct_conf.end_label_seq_id 
_struct_conf.pdbx_end_PDB_ins_code 
_struct_conf.beg_auth_comp_id 
_struct_conf.beg_auth_asym_id 
_struct_conf.beg_auth_seq_id 
_struct_conf.end_auth_comp_id 
_struct_conf.end_auth_asym_id 
_struct_conf.end_auth_seq_id 
_struct_conf.pdbx_PDB_helix_class 
_struct_conf.details 
_struct_conf.pdbx_PDB_helix_length 
HELX_P HELX_P1 1 SER A 3   ? MET A 8   ? SER A 203 MET A 208 1 ? 6  
HELX_P HELX_P2 2 ASN A 12  ? ILE A 14  ? ASN A 212 ILE A 214 5 ? 3  
HELX_P HELX_P3 3 ASP A 22  ? HIS A 32  ? ASP A 222 HIS A 232 1 ? 11 
HELX_P HELX_P4 4 SER A 44  ? ASP A 46  ? SER A 244 ASP A 246 5 ? 3  
HELX_P HELX_P5 5 VAL A 54  ? THR A 62  ? VAL A 254 THR A 262 1 ? 9  
HELX_P HELX_P6 6 THR A 68  ? ALA A 76  ? THR A 268 ALA A 276 1 ? 9  
HELX_P HELX_P7 7 PRO A 87  ? LYS A 99  ? PRO A 287 LYS A 299 1 ? 13 
HELX_P HELX_P8 8 VAL A 118 ? GLY A 127 ? VAL A 318 GLY A 327 1 ? 10 
# 
_struct_conf_type.id          HELX_P 
_struct_conf_type.criteria    ? 
_struct_conf_type.reference   ? 
# 
loop_
_struct_sheet.id 
_struct_sheet.type 
_struct_sheet.number_strands 
_struct_sheet.details 
A ? 4 ? 
B ? 3 ? 
# 
loop_
_struct_sheet_order.sheet_id 
_struct_sheet_order.range_id_1 
_struct_sheet_order.range_id_2 
_struct_sheet_order.offset 
_struct_sheet_order.sense 
A 1 2 ? anti-parallel 
A 2 3 ? anti-parallel 
A 3 4 ? parallel      
B 1 2 ? parallel      
B 2 3 ? anti-parallel 
# 
loop_
_struct_sheet_range.sheet_id 
_struct_sheet_range.id 
_struct_sheet_range.beg_label_comp_id 
_struct_sheet_range.beg_label_asym_id 
_struct_sheet_range.beg_label_seq_id 
_struct_sheet_range.pdbx_beg_PDB_ins_code 
_struct_sheet_range.end_label_comp_id 
_struct_sheet_range.end_label_asym_id 
_struct_sheet_range.end_label_seq_id 
_struct_sheet_range.pdbx_end_PDB_ins_code 
_struct_sheet_range.beg_auth_comp_id 
_struct_sheet_range.beg_auth_asym_id 
_struct_sheet_range.beg_auth_seq_id 
_struct_sheet_range.end_auth_comp_id 
_struct_sheet_range.end_auth_asym_id 
_struct_sheet_range.end_auth_seq_id 
A 1 VAL A 9   ? PRO A 10  ? VAL A 209 PRO A 210 
A 2 ILE A 112 ? THR A 117 ? ILE A 312 THR A 317 
A 3 VAL A 102 ? VAL A 106 ? VAL A 302 VAL A 306 
A 4 PHE A 81  ? PRO A 83  ? PHE A 281 PRO A 283 
B 1 GLY A 16  ? ASP A 18  ? GLY A 216 ASP A 218 
B 2 ARG A 37  ? TYR A 41  ? ARG A 237 TYR A 241 
B 3 ALA A 48  ? ARG A 53  ? ALA A 248 ARG A 253 
# 
loop_
_pdbx_struct_sheet_hbond.sheet_id 
_pdbx_struct_sheet_hbond.range_id_1 
_pdbx_struct_sheet_hbond.range_id_2 
_pdbx_struct_sheet_hbond.range_1_label_atom_id 
_pdbx_struct_sheet_hbond.range_1_label_comp_id 
_pdbx_struct_sheet_hbond.range_1_label_asym_id 
_pdbx_struct_sheet_hbond.range_1_label_seq_id 
_pdbx_struct_sheet_hbond.range_1_PDB_ins_code 
_pdbx_struct_sheet_hbond.range_1_auth_atom_id 
_pdbx_struct_sheet_hbond.range_1_auth_comp_id 
_pdbx_struct_sheet_hbond.range_1_auth_asym_id 
_pdbx_struct_sheet_hbond.range_1_auth_seq_id 
_pdbx_struct_sheet_hbond.range_2_label_atom_id 
_pdbx_struct_sheet_hbond.range_2_label_comp_id 
_pdbx_struct_sheet_hbond.range_2_label_asym_id 
_pdbx_struct_sheet_hbond.range_2_label_seq_id 
_pdbx_struct_sheet_hbond.range_2_PDB_ins_code 
_pdbx_struct_sheet_hbond.range_2_auth_atom_id 
_pdbx_struct_sheet_hbond.range_2_auth_comp_id 
_pdbx_struct_sheet_hbond.range_2_auth_asym_id 
_pdbx_struct_sheet_hbond.range_2_auth_seq_id 
A 1 2 N VAL A 9   ? N VAL A 209 O LEU A 115 ? O LEU A 315 
A 2 3 O GLN A 113 ? O GLN A 313 N VAL A 105 ? N VAL A 305 
A 3 4 O VAL A 106 ? O VAL A 306 N VAL A 82  ? N VAL A 282 
B 1 2 N ILE A 17  ? N ILE A 217 O VAL A 39  ? O VAL A 239 
B 2 3 N LEU A 40  ? N LEU A 240 O ILE A 49  ? O ILE A 249 
# 
_struct_site.id                   AC1 
_struct_site.pdbx_evidence_code   Software 
_struct_site.pdbx_auth_asym_id    A 
_struct_site.pdbx_auth_comp_id    AMP 
_struct_site.pdbx_auth_seq_id     1 
_struct_site.pdbx_auth_ins_code   ? 
_struct_site.pdbx_num_residues    9 
_struct_site.details              'BINDING SITE FOR RESIDUE AMP A 1' 
# 
loop_
_struct_site_gen.id 
_struct_site_gen.site_id 
_struct_site_gen.pdbx_num_res 
_struct_site_gen.label_comp_id 
_struct_site_gen.label_asym_id 
_struct_site_gen.label_seq_id 
_struct_site_gen.pdbx_auth_ins_code 
_struct_site_gen.auth_comp_id 
_struct_site_gen.auth_asym_id 
_struct_site_gen.auth_seq_id 
_struct_site_gen.label_atom_id 
_struct_site_gen.label_alt_id 
_struct_site_gen.symmetry 
_struct_site_gen.details 
1 AC1 9 HOH C .   ? HOH A 2   . ? 1_555 ? 
2 AC1 9 GLU A 13  ? GLU A 213 . ? 1_555 ? 
3 AC1 9 ILE A 14  ? ILE A 214 . ? 1_555 ? 
4 AC1 9 VAL A 15  ? VAL A 215 . ? 1_555 ? 
5 AC1 9 HIS A 35  ? HIS A 235 . ? 1_555 ? 
6 AC1 9 GLY A 36  ? GLY A 236 . ? 1_555 ? 
7 AC1 9 ARG A 37  ? ARG A 237 . ? 1_555 ? 
8 AC1 9 THR A 117 ? THR A 317 . ? 1_555 ? 
9 AC1 9 ASP A 120 ? ASP A 320 . ? 1_555 ? 
# 
loop_
_pdbx_validate_torsion.id 
_pdbx_validate_torsion.PDB_model_num 
_pdbx_validate_torsion.auth_comp_id 
_pdbx_validate_torsion.auth_asym_id 
_pdbx_validate_torsion.auth_seq_id 
_pdbx_validate_torsion.PDB_ins_code 
_pdbx_validate_torsion.label_alt_id 
_pdbx_validate_torsion.phi 
_pdbx_validate_torsion.psi 
1 1 ASP A 243 ? ? 86.16  -55.00 
2 1 LEU A 245 ? ? -67.76 5.05   
3 1 LYS A 299 ? ? 50.56  -2.21  
# 
_pdbx_SG_project.id                    1 
_pdbx_SG_project.project_name          'PSI, Protein Structure Initiative' 
_pdbx_SG_project.full_name_of_center   'Midwest Center for Structural Genomics' 
_pdbx_SG_project.initial_of_center     MCSG 
# 
loop_
_pdbx_refine_tls.id 
_pdbx_refine_tls.details 
_pdbx_refine_tls.method 
_pdbx_refine_tls.origin_x 
_pdbx_refine_tls.origin_y 
_pdbx_refine_tls.origin_z 
_pdbx_refine_tls.T[1][1] 
_pdbx_refine_tls.T[2][2] 
_pdbx_refine_tls.T[3][3] 
_pdbx_refine_tls.T[1][2] 
_pdbx_refine_tls.T[1][3] 
_pdbx_refine_tls.T[2][3] 
_pdbx_refine_tls.L[1][1] 
_pdbx_refine_tls.L[2][2] 
_pdbx_refine_tls.L[3][3] 
_pdbx_refine_tls.L[1][2] 
_pdbx_refine_tls.L[1][3] 
_pdbx_refine_tls.L[2][3] 
_pdbx_refine_tls.S[1][1] 
_pdbx_refine_tls.S[2][2] 
_pdbx_refine_tls.S[3][3] 
_pdbx_refine_tls.S[1][2] 
_pdbx_refine_tls.S[1][3] 
_pdbx_refine_tls.S[2][3] 
_pdbx_refine_tls.S[2][1] 
_pdbx_refine_tls.S[3][1] 
_pdbx_refine_tls.S[3][2] 
_pdbx_refine_tls.pdbx_refine_id 
1  ? refined 12.5266  11.8648  -4.1099  0.2861 0.5258 0.7123 -0.1708 -0.0308 -0.0503 4.5006  0.5198  0.5112  -0.8046 -0.6257 -0.1704 0.0243  0.0515  -0.0758 0.0092  -0.0200 0.4108  -0.0733 0.1160  -0.2365 'X-RAY DIFFRACTION' 
2  ? refined 0.1483   10.7444  -3.1743  0.3726 0.3484 0.4421 -0.0080 0.0184  0.0313  4.2570  5.2546  3.5281  0.6314  0.7504  3.3841  -0.0654 0.0207  0.0447  0.7920  0.1436  0.0021  -0.6566 -0.1105 -0.1100 'X-RAY DIFFRACTION' 
3  ? refined -7.1713  4.3478   -2.1516  0.3500 0.4474 0.5154 0.0253  0.0226  0.0620  6.3094  5.1013  1.4500  1.2425  -0.2393 2.5867  -0.0929 0.2036  -0.1107 0.8950  0.6575  0.0605  -0.2911 -0.1317 -0.0596 'X-RAY DIFFRACTION' 
4  ? refined -17.6529 -2.3288  3.1596   0.3536 0.3930 0.4156 0.0032  0.0296  -0.0211 4.8116  8.8740  4.9540  6.5251  3.3315  4.2705  -0.0403 -0.1528 0.1931  -0.1468 0.1450  0.1738  -0.0268 -0.4282 -0.3628 'X-RAY DIFFRACTION' 
5  ? refined -16.3635 -3.0552  -3.3164  0.3419 0.4544 0.4797 -0.0470 -0.0141 0.0982  4.1837  10.0570 15.9610 -4.9953 -6.6331 7.0493  0.2844  -0.3019 0.0175  0.6361  0.2305  0.4068  -0.8639 -0.4356 -0.3164 'X-RAY DIFFRACTION' 
6  ? refined -6.6771  -3.8372  -7.1981  0.5064 0.5389 0.4398 0.1392  0.0625  -0.0470 2.8684  6.5142  4.3346  1.1213  2.5026  -2.3797 0.0953  -0.0066 -0.0888 0.3142  -0.1232 -0.1131 -0.2212 -0.0733 0.0391  'X-RAY DIFFRACTION' 
7  ? refined -7.7164  1.0301   4.0759   0.3423 0.3605 0.4193 0.0545  0.0115  -0.0143 11.4984 8.7613  1.0872  -0.3957 2.2931  -2.4258 -0.0050 -0.0052 0.0102  -0.0374 0.0584  0.0178  -0.0433 0.0073  -0.0143 'X-RAY DIFFRACTION' 
8  ? refined -7.5322  7.1819   7.5298   0.6474 0.3648 0.6214 0.0239  0.1039  -0.0848 11.3988 0.7341  3.6643  1.1159  4.8261  0.5178  -0.1605 0.0471  0.1134  -0.4201 0.8014  0.3380  0.1968  -0.8101 0.0196  'X-RAY DIFFRACTION' 
9  ? refined -3.1775  -5.3786  1.8822   0.2837 0.3092 0.3787 0.0056  0.0190  0.0070  4.0908  6.8450  9.6464  0.4262  0.6342  1.3877  -0.1300 -0.0216 0.1517  0.0826  -0.2709 0.0302  0.1425  0.6244  0.1275  'X-RAY DIFFRACTION' 
10 ? refined -5.9368  -13.8935 -3.4860  0.4563 0.3829 0.5173 0.0074  -0.0031 -0.0620 10.2675 0.9630  11.6975 2.7050  -2.5367 -2.1377 0.0825  -0.0679 -0.0145 -0.2482 -0.7070 -0.2487 0.0987  0.3743  0.1941  'X-RAY DIFFRACTION' 
11 ? refined -13.4289 -17.5787 -0.6666  0.4742 0.4181 0.7175 -0.0210 0.0027  -0.0238 0.2960  1.4882  7.6450  -0.6221 0.1784  -1.2368 -0.1192 -0.0032 0.1224  0.0403  -0.0735 0.0260  0.2567  1.0573  -0.0681 'X-RAY DIFFRACTION' 
12 ? refined -12.4703 -10.4609 6.5430   0.4634 0.4124 0.4243 -0.0833 0.0884  -0.0317 5.5340  13.5480 6.3844  4.0041  -3.5679 -9.1127 -0.1045 0.1916  -0.0871 -0.6705 -0.4807 0.3862  0.6095  -0.1894 -0.0973 'X-RAY DIFFRACTION' 
13 ? refined -3.8834  -8.6567  7.3627   0.3448 0.3404 0.3691 0.0111  -0.0072 -0.0117 14.4807 7.2541  2.9524  6.4978  -5.8632 -3.2716 0.0952  -0.1946 0.0994  -0.6432 -0.4483 -0.2527 0.2970  -0.0699 0.2699  'X-RAY DIFFRACTION' 
14 ? refined 7.2335   4.6526   5.7906   0.3071 0.2918 0.5899 0.0252  0.0056  -0.0246 7.1929  3.1379  6.0877  4.3158  -1.4837 -2.6617 0.1747  -0.1828 0.0081  -0.1273 0.5264  0.2267  0.2173  -0.3585 0.3659  'X-RAY DIFFRACTION' 
15 ? refined 16.4456  6.8978   0.2354   0.3877 0.5199 0.8230 -0.0188 0.0879  -0.0508 8.4721  1.3420  8.5434  -3.0923 4.2447  -2.0859 -0.0876 -0.3023 0.3900  0.0894  0.2177  -0.2941 0.0410  -0.1132 0.9553  'X-RAY DIFFRACTION' 
16 ? refined 15.9691  -1.6757  1.2194   1.2886 0.7709 1.3771 0.1206  0.1822  -0.3282 3.7281  0.8901  9.1699  1.0660  5.2641  2.5119  -0.3935 0.5662  -0.1726 1.1696  -0.8263 0.2809  0.5618  0.5242  1.8863  'X-RAY DIFFRACTION' 
17 ? refined 7.2509   -0.4366  1.1736   0.5022 0.3653 0.7235 0.2924  -0.0425 0.0550  7.1861  9.0377  3.7805  -4.0747 0.8632  3.3629  0.0295  -0.0980 0.0685  0.0243  0.1540  0.5901  -0.3324 -0.4126 -0.3274 'X-RAY DIFFRACTION' 
18 ? refined 3.6139   12.8737  8.8061   0.4145 0.3464 0.5562 0.0252  -0.0493 -0.0128 5.9327  2.8275  14.2734 3.7164  6.9952  5.5346  -0.1599 0.0371  0.1228  -0.1257 0.6654  -0.0395 -0.1197 -0.8785 0.3915  'X-RAY DIFFRACTION' 
19 ? refined 7.6498   4.1894   -4.1129  0.3569 0.3413 0.6258 0.0169  0.1318  -0.0407 2.9245  5.2690  3.7440  -3.9014 -2.2159 2.6567  0.2661  -0.1041 -0.1620 0.0125  0.0395  -0.0403 -0.4072 -0.2655 0.1319  'X-RAY DIFFRACTION' 
20 ? refined 15.8062  3.7711   -11.7934 0.4400 0.5745 0.6273 -0.0469 0.0343  0.0582  0.9798  18.5276 14.5910 -2.5433 0.5604  -8.5914 0.1882  -0.0569 -0.1313 0.3019  0.3449  -0.0437 -0.6341 -0.4370 -0.0108 'X-RAY DIFFRACTION' 
# 
loop_
_pdbx_refine_tls_group.id 
_pdbx_refine_tls_group.refine_tls_id 
_pdbx_refine_tls_group.beg_label_asym_id 
_pdbx_refine_tls_group.beg_label_seq_id 
_pdbx_refine_tls_group.end_label_asym_id 
_pdbx_refine_tls_group.end_label_seq_id 
_pdbx_refine_tls_group.selection 
_pdbx_refine_tls_group.beg_auth_asym_id 
_pdbx_refine_tls_group.beg_auth_seq_id 
_pdbx_refine_tls_group.end_auth_asym_id 
_pdbx_refine_tls_group.end_auth_seq_id 
_pdbx_refine_tls_group.pdbx_refine_id 
_pdbx_refine_tls_group.selection_details 
1  1  . . . . ? A 201 A 207 'X-RAY DIFFRACTION' ? 
2  2  . . . . ? A 208 A 212 'X-RAY DIFFRACTION' ? 
3  3  . . . . ? A 213 A 218 'X-RAY DIFFRACTION' ? 
4  4  . . . . ? A 219 A 224 'X-RAY DIFFRACTION' ? 
5  5  . . . . ? A 225 A 229 'X-RAY DIFFRACTION' ? 
6  6  . . . . ? A 230 A 237 'X-RAY DIFFRACTION' ? 
7  7  . . . . ? A 238 A 242 'X-RAY DIFFRACTION' ? 
8  8  . . . . ? A 243 A 248 'X-RAY DIFFRACTION' ? 
9  9  . . . . ? A 249 A 254 'X-RAY DIFFRACTION' ? 
10 10 . . . . ? A 255 A 260 'X-RAY DIFFRACTION' ? 
11 11 . . . . ? A 261 A 267 'X-RAY DIFFRACTION' ? 
12 12 . . . . ? A 268 A 272 'X-RAY DIFFRACTION' ? 
13 13 . . . . ? A 273 A 278 'X-RAY DIFFRACTION' ? 
14 14 . . . . ? A 279 A 284 'X-RAY DIFFRACTION' ? 
15 15 . . . . ? A 285 A 291 'X-RAY DIFFRACTION' ? 
16 16 . . . . ? A 292 A 297 'X-RAY DIFFRACTION' ? 
17 17 . . . . ? A 298 A 305 'X-RAY DIFFRACTION' ? 
18 18 . . . . ? A 306 A 312 'X-RAY DIFFRACTION' ? 
19 19 . . . . ? A 313 A 321 'X-RAY DIFFRACTION' ? 
20 20 . . . . ? A 322 A 327 'X-RAY DIFFRACTION' ? 
# 
loop_
_pdbx_unobs_or_zero_occ_residues.id 
_pdbx_unobs_or_zero_occ_residues.PDB_model_num 
_pdbx_unobs_or_zero_occ_residues.polymer_flag 
_pdbx_unobs_or_zero_occ_residues.occupancy_flag 
_pdbx_unobs_or_zero_occ_residues.auth_asym_id 
_pdbx_unobs_or_zero_occ_residues.auth_comp_id 
_pdbx_unobs_or_zero_occ_residues.auth_seq_id 
_pdbx_unobs_or_zero_occ_residues.PDB_ins_code 
_pdbx_unobs_or_zero_occ_residues.label_asym_id 
_pdbx_unobs_or_zero_occ_residues.label_comp_id 
_pdbx_unobs_or_zero_occ_residues.label_seq_id 
1 1 Y 1 A ASP 328 ? A ASP 128 
2 1 Y 1 A PHE 329 ? A PHE 129 
3 1 Y 1 A THR 330 ? A THR 130 
# 
loop_
_chem_comp_atom.comp_id 
_chem_comp_atom.atom_id 
_chem_comp_atom.type_symbol 
_chem_comp_atom.pdbx_aromatic_flag 
_chem_comp_atom.pdbx_stereo_config 
_chem_comp_atom.pdbx_ordinal 
ALA N      N N N 1   
ALA CA     C N S 2   
ALA C      C N N 3   
ALA O      O N N 4   
ALA CB     C N N 5   
ALA OXT    O N N 6   
ALA H      H N N 7   
ALA H2     H N N 8   
ALA HA     H N N 9   
ALA HB1    H N N 10  
ALA HB2    H N N 11  
ALA HB3    H N N 12  
ALA HXT    H N N 13  
AMP P      P N N 14  
AMP O1P    O N N 15  
AMP O2P    O N N 16  
AMP O3P    O N N 17  
AMP "O5'"  O N N 18  
AMP "C5'"  C N N 19  
AMP "C4'"  C N R 20  
AMP "O4'"  O N N 21  
AMP "C3'"  C N S 22  
AMP "O3'"  O N N 23  
AMP "C2'"  C N R 24  
AMP "O2'"  O N N 25  
AMP "C1'"  C N R 26  
AMP N9     N Y N 27  
AMP C8     C Y N 28  
AMP N7     N Y N 29  
AMP C5     C Y N 30  
AMP C6     C Y N 31  
AMP N6     N N N 32  
AMP N1     N Y N 33  
AMP C2     C Y N 34  
AMP N3     N Y N 35  
AMP C4     C Y N 36  
AMP HOP2   H N N 37  
AMP HOP3   H N N 38  
AMP "H5'1" H N N 39  
AMP "H5'2" H N N 40  
AMP "H4'"  H N N 41  
AMP "H3'"  H N N 42  
AMP "HO3'" H N N 43  
AMP "H2'"  H N N 44  
AMP "HO2'" H N N 45  
AMP "H1'"  H N N 46  
AMP H8     H N N 47  
AMP HN61   H N N 48  
AMP HN62   H N N 49  
AMP H2     H N N 50  
ARG N      N N N 51  
ARG CA     C N S 52  
ARG C      C N N 53  
ARG O      O N N 54  
ARG CB     C N N 55  
ARG CG     C N N 56  
ARG CD     C N N 57  
ARG NE     N N N 58  
ARG CZ     C N N 59  
ARG NH1    N N N 60  
ARG NH2    N N N 61  
ARG OXT    O N N 62  
ARG H      H N N 63  
ARG H2     H N N 64  
ARG HA     H N N 65  
ARG HB2    H N N 66  
ARG HB3    H N N 67  
ARG HG2    H N N 68  
ARG HG3    H N N 69  
ARG HD2    H N N 70  
ARG HD3    H N N 71  
ARG HE     H N N 72  
ARG HH11   H N N 73  
ARG HH12   H N N 74  
ARG HH21   H N N 75  
ARG HH22   H N N 76  
ARG HXT    H N N 77  
ASN N      N N N 78  
ASN CA     C N S 79  
ASN C      C N N 80  
ASN O      O N N 81  
ASN CB     C N N 82  
ASN CG     C N N 83  
ASN OD1    O N N 84  
ASN ND2    N N N 85  
ASN OXT    O N N 86  
ASN H      H N N 87  
ASN H2     H N N 88  
ASN HA     H N N 89  
ASN HB2    H N N 90  
ASN HB3    H N N 91  
ASN HD21   H N N 92  
ASN HD22   H N N 93  
ASN HXT    H N N 94  
ASP N      N N N 95  
ASP CA     C N S 96  
ASP C      C N N 97  
ASP O      O N N 98  
ASP CB     C N N 99  
ASP CG     C N N 100 
ASP OD1    O N N 101 
ASP OD2    O N N 102 
ASP OXT    O N N 103 
ASP H      H N N 104 
ASP H2     H N N 105 
ASP HA     H N N 106 
ASP HB2    H N N 107 
ASP HB3    H N N 108 
ASP HD2    H N N 109 
ASP HXT    H N N 110 
GLN N      N N N 111 
GLN CA     C N S 112 
GLN C      C N N 113 
GLN O      O N N 114 
GLN CB     C N N 115 
GLN CG     C N N 116 
GLN CD     C N N 117 
GLN OE1    O N N 118 
GLN NE2    N N N 119 
GLN OXT    O N N 120 
GLN H      H N N 121 
GLN H2     H N N 122 
GLN HA     H N N 123 
GLN HB2    H N N 124 
GLN HB3    H N N 125 
GLN HG2    H N N 126 
GLN HG3    H N N 127 
GLN HE21   H N N 128 
GLN HE22   H N N 129 
GLN HXT    H N N 130 
GLU N      N N N 131 
GLU CA     C N S 132 
GLU C      C N N 133 
GLU O      O N N 134 
GLU CB     C N N 135 
GLU CG     C N N 136 
GLU CD     C N N 137 
GLU OE1    O N N 138 
GLU OE2    O N N 139 
GLU OXT    O N N 140 
GLU H      H N N 141 
GLU H2     H N N 142 
GLU HA     H N N 143 
GLU HB2    H N N 144 
GLU HB3    H N N 145 
GLU HG2    H N N 146 
GLU HG3    H N N 147 
GLU HE2    H N N 148 
GLU HXT    H N N 149 
GLY N      N N N 150 
GLY CA     C N N 151 
GLY C      C N N 152 
GLY O      O N N 153 
GLY OXT    O N N 154 
GLY H      H N N 155 
GLY H2     H N N 156 
GLY HA2    H N N 157 
GLY HA3    H N N 158 
GLY HXT    H N N 159 
HIS N      N N N 160 
HIS CA     C N S 161 
HIS C      C N N 162 
HIS O      O N N 163 
HIS CB     C N N 164 
HIS CG     C Y N 165 
HIS ND1    N Y N 166 
HIS CD2    C Y N 167 
HIS CE1    C Y N 168 
HIS NE2    N Y N 169 
HIS OXT    O N N 170 
HIS H      H N N 171 
HIS H2     H N N 172 
HIS HA     H N N 173 
HIS HB2    H N N 174 
HIS HB3    H N N 175 
HIS HD1    H N N 176 
HIS HD2    H N N 177 
HIS HE1    H N N 178 
HIS HE2    H N N 179 
HIS HXT    H N N 180 
HOH O      O N N 181 
HOH H1     H N N 182 
HOH H2     H N N 183 
ILE N      N N N 184 
ILE CA     C N S 185 
ILE C      C N N 186 
ILE O      O N N 187 
ILE CB     C N S 188 
ILE CG1    C N N 189 
ILE CG2    C N N 190 
ILE CD1    C N N 191 
ILE OXT    O N N 192 
ILE H      H N N 193 
ILE H2     H N N 194 
ILE HA     H N N 195 
ILE HB     H N N 196 
ILE HG12   H N N 197 
ILE HG13   H N N 198 
ILE HG21   H N N 199 
ILE HG22   H N N 200 
ILE HG23   H N N 201 
ILE HD11   H N N 202 
ILE HD12   H N N 203 
ILE HD13   H N N 204 
ILE HXT    H N N 205 
LEU N      N N N 206 
LEU CA     C N S 207 
LEU C      C N N 208 
LEU O      O N N 209 
LEU CB     C N N 210 
LEU CG     C N N 211 
LEU CD1    C N N 212 
LEU CD2    C N N 213 
LEU OXT    O N N 214 
LEU H      H N N 215 
LEU H2     H N N 216 
LEU HA     H N N 217 
LEU HB2    H N N 218 
LEU HB3    H N N 219 
LEU HG     H N N 220 
LEU HD11   H N N 221 
LEU HD12   H N N 222 
LEU HD13   H N N 223 
LEU HD21   H N N 224 
LEU HD22   H N N 225 
LEU HD23   H N N 226 
LEU HXT    H N N 227 
LYS N      N N N 228 
LYS CA     C N S 229 
LYS C      C N N 230 
LYS O      O N N 231 
LYS CB     C N N 232 
LYS CG     C N N 233 
LYS CD     C N N 234 
LYS CE     C N N 235 
LYS NZ     N N N 236 
LYS OXT    O N N 237 
LYS H      H N N 238 
LYS H2     H N N 239 
LYS HA     H N N 240 
LYS HB2    H N N 241 
LYS HB3    H N N 242 
LYS HG2    H N N 243 
LYS HG3    H N N 244 
LYS HD2    H N N 245 
LYS HD3    H N N 246 
LYS HE2    H N N 247 
LYS HE3    H N N 248 
LYS HZ1    H N N 249 
LYS HZ2    H N N 250 
LYS HZ3    H N N 251 
LYS HXT    H N N 252 
MET N      N N N 253 
MET CA     C N S 254 
MET C      C N N 255 
MET O      O N N 256 
MET CB     C N N 257 
MET CG     C N N 258 
MET SD     S N N 259 
MET CE     C N N 260 
MET OXT    O N N 261 
MET H      H N N 262 
MET H2     H N N 263 
MET HA     H N N 264 
MET HB2    H N N 265 
MET HB3    H N N 266 
MET HG2    H N N 267 
MET HG3    H N N 268 
MET HE1    H N N 269 
MET HE2    H N N 270 
MET HE3    H N N 271 
MET HXT    H N N 272 
PHE N      N N N 273 
PHE CA     C N S 274 
PHE C      C N N 275 
PHE O      O N N 276 
PHE CB     C N N 277 
PHE CG     C Y N 278 
PHE CD1    C Y N 279 
PHE CD2    C Y N 280 
PHE CE1    C Y N 281 
PHE CE2    C Y N 282 
PHE CZ     C Y N 283 
PHE OXT    O N N 284 
PHE H      H N N 285 
PHE H2     H N N 286 
PHE HA     H N N 287 
PHE HB2    H N N 288 
PHE HB3    H N N 289 
PHE HD1    H N N 290 
PHE HD2    H N N 291 
PHE HE1    H N N 292 
PHE HE2    H N N 293 
PHE HZ     H N N 294 
PHE HXT    H N N 295 
PRO N      N N N 296 
PRO CA     C N S 297 
PRO C      C N N 298 
PRO O      O N N 299 
PRO CB     C N N 300 
PRO CG     C N N 301 
PRO CD     C N N 302 
PRO OXT    O N N 303 
PRO H      H N N 304 
PRO HA     H N N 305 
PRO HB2    H N N 306 
PRO HB3    H N N 307 
PRO HG2    H N N 308 
PRO HG3    H N N 309 
PRO HD2    H N N 310 
PRO HD3    H N N 311 
PRO HXT    H N N 312 
SER N      N N N 313 
SER CA     C N S 314 
SER C      C N N 315 
SER O      O N N 316 
SER CB     C N N 317 
SER OG     O N N 318 
SER OXT    O N N 319 
SER H      H N N 320 
SER H2     H N N 321 
SER HA     H N N 322 
SER HB2    H N N 323 
SER HB3    H N N 324 
SER HG     H N N 325 
SER HXT    H N N 326 
THR N      N N N 327 
THR CA     C N S 328 
THR C      C N N 329 
THR O      O N N 330 
THR CB     C N R 331 
THR OG1    O N N 332 
THR CG2    C N N 333 
THR OXT    O N N 334 
THR H      H N N 335 
THR H2     H N N 336 
THR HA     H N N 337 
THR HB     H N N 338 
THR HG1    H N N 339 
THR HG21   H N N 340 
THR HG22   H N N 341 
THR HG23   H N N 342 
THR HXT    H N N 343 
TRP N      N N N 344 
TRP CA     C N S 345 
TRP C      C N N 346 
TRP O      O N N 347 
TRP CB     C N N 348 
TRP CG     C Y N 349 
TRP CD1    C Y N 350 
TRP CD2    C Y N 351 
TRP NE1    N Y N 352 
TRP CE2    C Y N 353 
TRP CE3    C Y N 354 
TRP CZ2    C Y N 355 
TRP CZ3    C Y N 356 
TRP CH2    C Y N 357 
TRP OXT    O N N 358 
TRP H      H N N 359 
TRP H2     H N N 360 
TRP HA     H N N 361 
TRP HB2    H N N 362 
TRP HB3    H N N 363 
TRP HD1    H N N 364 
TRP HE1    H N N 365 
TRP HE3    H N N 366 
TRP HZ2    H N N 367 
TRP HZ3    H N N 368 
TRP HH2    H N N 369 
TRP HXT    H N N 370 
TYR N      N N N 371 
TYR CA     C N S 372 
TYR C      C N N 373 
TYR O      O N N 374 
TYR CB     C N N 375 
TYR CG     C Y N 376 
TYR CD1    C Y N 377 
TYR CD2    C Y N 378 
TYR CE1    C Y N 379 
TYR CE2    C Y N 380 
TYR CZ     C Y N 381 
TYR OH     O N N 382 
TYR OXT    O N N 383 
TYR H      H N N 384 
TYR H2     H N N 385 
TYR HA     H N N 386 
TYR HB2    H N N 387 
TYR HB3    H N N 388 
TYR HD1    H N N 389 
TYR HD2    H N N 390 
TYR HE1    H N N 391 
TYR HE2    H N N 392 
TYR HH     H N N 393 
TYR HXT    H N N 394 
VAL N      N N N 395 
VAL CA     C N S 396 
VAL C      C N N 397 
VAL O      O N N 398 
VAL CB     C N N 399 
VAL CG1    C N N 400 
VAL CG2    C N N 401 
VAL OXT    O N N 402 
VAL H      H N N 403 
VAL H2     H N N 404 
VAL HA     H N N 405 
VAL HB     H N N 406 
VAL HG11   H N N 407 
VAL HG12   H N N 408 
VAL HG13   H N N 409 
VAL HG21   H N N 410 
VAL HG22   H N N 411 
VAL HG23   H N N 412 
VAL HXT    H N N 413 
# 
loop_
_chem_comp_bond.comp_id 
_chem_comp_bond.atom_id_1 
_chem_comp_bond.atom_id_2 
_chem_comp_bond.value_order 
_chem_comp_bond.pdbx_aromatic_flag 
_chem_comp_bond.pdbx_stereo_config 
_chem_comp_bond.pdbx_ordinal 
ALA N     CA     sing N N 1   
ALA N     H      sing N N 2   
ALA N     H2     sing N N 3   
ALA CA    C      sing N N 4   
ALA CA    CB     sing N N 5   
ALA CA    HA     sing N N 6   
ALA C     O      doub N N 7   
ALA C     OXT    sing N N 8   
ALA CB    HB1    sing N N 9   
ALA CB    HB2    sing N N 10  
ALA CB    HB3    sing N N 11  
ALA OXT   HXT    sing N N 12  
AMP P     O1P    doub N N 13  
AMP P     O2P    sing N N 14  
AMP P     O3P    sing N N 15  
AMP P     "O5'"  sing N N 16  
AMP O2P   HOP2   sing N N 17  
AMP O3P   HOP3   sing N N 18  
AMP "O5'" "C5'"  sing N N 19  
AMP "C5'" "C4'"  sing N N 20  
AMP "C5'" "H5'1" sing N N 21  
AMP "C5'" "H5'2" sing N N 22  
AMP "C4'" "O4'"  sing N N 23  
AMP "C4'" "C3'"  sing N N 24  
AMP "C4'" "H4'"  sing N N 25  
AMP "O4'" "C1'"  sing N N 26  
AMP "C3'" "O3'"  sing N N 27  
AMP "C3'" "C2'"  sing N N 28  
AMP "C3'" "H3'"  sing N N 29  
AMP "O3'" "HO3'" sing N N 30  
AMP "C2'" "O2'"  sing N N 31  
AMP "C2'" "C1'"  sing N N 32  
AMP "C2'" "H2'"  sing N N 33  
AMP "O2'" "HO2'" sing N N 34  
AMP "C1'" N9     sing N N 35  
AMP "C1'" "H1'"  sing N N 36  
AMP N9    C8     sing Y N 37  
AMP N9    C4     sing Y N 38  
AMP C8    N7     doub Y N 39  
AMP C8    H8     sing N N 40  
AMP N7    C5     sing Y N 41  
AMP C5    C6     sing Y N 42  
AMP C5    C4     doub Y N 43  
AMP C6    N6     sing N N 44  
AMP C6    N1     doub Y N 45  
AMP N6    HN61   sing N N 46  
AMP N6    HN62   sing N N 47  
AMP N1    C2     sing Y N 48  
AMP C2    N3     doub Y N 49  
AMP C2    H2     sing N N 50  
AMP N3    C4     sing Y N 51  
ARG N     CA     sing N N 52  
ARG N     H      sing N N 53  
ARG N     H2     sing N N 54  
ARG CA    C      sing N N 55  
ARG CA    CB     sing N N 56  
ARG CA    HA     sing N N 57  
ARG C     O      doub N N 58  
ARG C     OXT    sing N N 59  
ARG CB    CG     sing N N 60  
ARG CB    HB2    sing N N 61  
ARG CB    HB3    sing N N 62  
ARG CG    CD     sing N N 63  
ARG CG    HG2    sing N N 64  
ARG CG    HG3    sing N N 65  
ARG CD    NE     sing N N 66  
ARG CD    HD2    sing N N 67  
ARG CD    HD3    sing N N 68  
ARG NE    CZ     sing N N 69  
ARG NE    HE     sing N N 70  
ARG CZ    NH1    sing N N 71  
ARG CZ    NH2    doub N N 72  
ARG NH1   HH11   sing N N 73  
ARG NH1   HH12   sing N N 74  
ARG NH2   HH21   sing N N 75  
ARG NH2   HH22   sing N N 76  
ARG OXT   HXT    sing N N 77  
ASN N     CA     sing N N 78  
ASN N     H      sing N N 79  
ASN N     H2     sing N N 80  
ASN CA    C      sing N N 81  
ASN CA    CB     sing N N 82  
ASN CA    HA     sing N N 83  
ASN C     O      doub N N 84  
ASN C     OXT    sing N N 85  
ASN CB    CG     sing N N 86  
ASN CB    HB2    sing N N 87  
ASN CB    HB3    sing N N 88  
ASN CG    OD1    doub N N 89  
ASN CG    ND2    sing N N 90  
ASN ND2   HD21   sing N N 91  
ASN ND2   HD22   sing N N 92  
ASN OXT   HXT    sing N N 93  
ASP N     CA     sing N N 94  
ASP N     H      sing N N 95  
ASP N     H2     sing N N 96  
ASP CA    C      sing N N 97  
ASP CA    CB     sing N N 98  
ASP CA    HA     sing N N 99  
ASP C     O      doub N N 100 
ASP C     OXT    sing N N 101 
ASP CB    CG     sing N N 102 
ASP CB    HB2    sing N N 103 
ASP CB    HB3    sing N N 104 
ASP CG    OD1    doub N N 105 
ASP CG    OD2    sing N N 106 
ASP OD2   HD2    sing N N 107 
ASP OXT   HXT    sing N N 108 
GLN N     CA     sing N N 109 
GLN N     H      sing N N 110 
GLN N     H2     sing N N 111 
GLN CA    C      sing N N 112 
GLN CA    CB     sing N N 113 
GLN CA    HA     sing N N 114 
GLN C     O      doub N N 115 
GLN C     OXT    sing N N 116 
GLN CB    CG     sing N N 117 
GLN CB    HB2    sing N N 118 
GLN CB    HB3    sing N N 119 
GLN CG    CD     sing N N 120 
GLN CG    HG2    sing N N 121 
GLN CG    HG3    sing N N 122 
GLN CD    OE1    doub N N 123 
GLN CD    NE2    sing N N 124 
GLN NE2   HE21   sing N N 125 
GLN NE2   HE22   sing N N 126 
GLN OXT   HXT    sing N N 127 
GLU N     CA     sing N N 128 
GLU N     H      sing N N 129 
GLU N     H2     sing N N 130 
GLU CA    C      sing N N 131 
GLU CA    CB     sing N N 132 
GLU CA    HA     sing N N 133 
GLU C     O      doub N N 134 
GLU C     OXT    sing N N 135 
GLU CB    CG     sing N N 136 
GLU CB    HB2    sing N N 137 
GLU CB    HB3    sing N N 138 
GLU CG    CD     sing N N 139 
GLU CG    HG2    sing N N 140 
GLU CG    HG3    sing N N 141 
GLU CD    OE1    doub N N 142 
GLU CD    OE2    sing N N 143 
GLU OE2   HE2    sing N N 144 
GLU OXT   HXT    sing N N 145 
GLY N     CA     sing N N 146 
GLY N     H      sing N N 147 
GLY N     H2     sing N N 148 
GLY CA    C      sing N N 149 
GLY CA    HA2    sing N N 150 
GLY CA    HA3    sing N N 151 
GLY C     O      doub N N 152 
GLY C     OXT    sing N N 153 
GLY OXT   HXT    sing N N 154 
HIS N     CA     sing N N 155 
HIS N     H      sing N N 156 
HIS N     H2     sing N N 157 
HIS CA    C      sing N N 158 
HIS CA    CB     sing N N 159 
HIS CA    HA     sing N N 160 
HIS C     O      doub N N 161 
HIS C     OXT    sing N N 162 
HIS CB    CG     sing N N 163 
HIS CB    HB2    sing N N 164 
HIS CB    HB3    sing N N 165 
HIS CG    ND1    sing Y N 166 
HIS CG    CD2    doub Y N 167 
HIS ND1   CE1    doub Y N 168 
HIS ND1   HD1    sing N N 169 
HIS CD2   NE2    sing Y N 170 
HIS CD2   HD2    sing N N 171 
HIS CE1   NE2    sing Y N 172 
HIS CE1   HE1    sing N N 173 
HIS NE2   HE2    sing N N 174 
HIS OXT   HXT    sing N N 175 
HOH O     H1     sing N N 176 
HOH O     H2     sing N N 177 
ILE N     CA     sing N N 178 
ILE N     H      sing N N 179 
ILE N     H2     sing N N 180 
ILE CA    C      sing N N 181 
ILE CA    CB     sing N N 182 
ILE CA    HA     sing N N 183 
ILE C     O      doub N N 184 
ILE C     OXT    sing N N 185 
ILE CB    CG1    sing N N 186 
ILE CB    CG2    sing N N 187 
ILE CB    HB     sing N N 188 
ILE CG1   CD1    sing N N 189 
ILE CG1   HG12   sing N N 190 
ILE CG1   HG13   sing N N 191 
ILE CG2   HG21   sing N N 192 
ILE CG2   HG22   sing N N 193 
ILE CG2   HG23   sing N N 194 
ILE CD1   HD11   sing N N 195 
ILE CD1   HD12   sing N N 196 
ILE CD1   HD13   sing N N 197 
ILE OXT   HXT    sing N N 198 
LEU N     CA     sing N N 199 
LEU N     H      sing N N 200 
LEU N     H2     sing N N 201 
LEU CA    C      sing N N 202 
LEU CA    CB     sing N N 203 
LEU CA    HA     sing N N 204 
LEU C     O      doub N N 205 
LEU C     OXT    sing N N 206 
LEU CB    CG     sing N N 207 
LEU CB    HB2    sing N N 208 
LEU CB    HB3    sing N N 209 
LEU CG    CD1    sing N N 210 
LEU CG    CD2    sing N N 211 
LEU CG    HG     sing N N 212 
LEU CD1   HD11   sing N N 213 
LEU CD1   HD12   sing N N 214 
LEU CD1   HD13   sing N N 215 
LEU CD2   HD21   sing N N 216 
LEU CD2   HD22   sing N N 217 
LEU CD2   HD23   sing N N 218 
LEU OXT   HXT    sing N N 219 
LYS N     CA     sing N N 220 
LYS N     H      sing N N 221 
LYS N     H2     sing N N 222 
LYS CA    C      sing N N 223 
LYS CA    CB     sing N N 224 
LYS CA    HA     sing N N 225 
LYS C     O      doub N N 226 
LYS C     OXT    sing N N 227 
LYS CB    CG     sing N N 228 
LYS CB    HB2    sing N N 229 
LYS CB    HB3    sing N N 230 
LYS CG    CD     sing N N 231 
LYS CG    HG2    sing N N 232 
LYS CG    HG3    sing N N 233 
LYS CD    CE     sing N N 234 
LYS CD    HD2    sing N N 235 
LYS CD    HD3    sing N N 236 
LYS CE    NZ     sing N N 237 
LYS CE    HE2    sing N N 238 
LYS CE    HE3    sing N N 239 
LYS NZ    HZ1    sing N N 240 
LYS NZ    HZ2    sing N N 241 
LYS NZ    HZ3    sing N N 242 
LYS OXT   HXT    sing N N 243 
MET N     CA     sing N N 244 
MET N     H      sing N N 245 
MET N     H2     sing N N 246 
MET CA    C      sing N N 247 
MET CA    CB     sing N N 248 
MET CA    HA     sing N N 249 
MET C     O      doub N N 250 
MET C     OXT    sing N N 251 
MET CB    CG     sing N N 252 
MET CB    HB2    sing N N 253 
MET CB    HB3    sing N N 254 
MET CG    SD     sing N N 255 
MET CG    HG2    sing N N 256 
MET CG    HG3    sing N N 257 
MET SD    CE     sing N N 258 
MET CE    HE1    sing N N 259 
MET CE    HE2    sing N N 260 
MET CE    HE3    sing N N 261 
MET OXT   HXT    sing N N 262 
PHE N     CA     sing N N 263 
PHE N     H      sing N N 264 
PHE N     H2     sing N N 265 
PHE CA    C      sing N N 266 
PHE CA    CB     sing N N 267 
PHE CA    HA     sing N N 268 
PHE C     O      doub N N 269 
PHE C     OXT    sing N N 270 
PHE CB    CG     sing N N 271 
PHE CB    HB2    sing N N 272 
PHE CB    HB3    sing N N 273 
PHE CG    CD1    doub Y N 274 
PHE CG    CD2    sing Y N 275 
PHE CD1   CE1    sing Y N 276 
PHE CD1   HD1    sing N N 277 
PHE CD2   CE2    doub Y N 278 
PHE CD2   HD2    sing N N 279 
PHE CE1   CZ     doub Y N 280 
PHE CE1   HE1    sing N N 281 
PHE CE2   CZ     sing Y N 282 
PHE CE2   HE2    sing N N 283 
PHE CZ    HZ     sing N N 284 
PHE OXT   HXT    sing N N 285 
PRO N     CA     sing N N 286 
PRO N     CD     sing N N 287 
PRO N     H      sing N N 288 
PRO CA    C      sing N N 289 
PRO CA    CB     sing N N 290 
PRO CA    HA     sing N N 291 
PRO C     O      doub N N 292 
PRO C     OXT    sing N N 293 
PRO CB    CG     sing N N 294 
PRO CB    HB2    sing N N 295 
PRO CB    HB3    sing N N 296 
PRO CG    CD     sing N N 297 
PRO CG    HG2    sing N N 298 
PRO CG    HG3    sing N N 299 
PRO CD    HD2    sing N N 300 
PRO CD    HD3    sing N N 301 
PRO OXT   HXT    sing N N 302 
SER N     CA     sing N N 303 
SER N     H      sing N N 304 
SER N     H2     sing N N 305 
SER CA    C      sing N N 306 
SER CA    CB     sing N N 307 
SER CA    HA     sing N N 308 
SER C     O      doub N N 309 
SER C     OXT    sing N N 310 
SER CB    OG     sing N N 311 
SER CB    HB2    sing N N 312 
SER CB    HB3    sing N N 313 
SER OG    HG     sing N N 314 
SER OXT   HXT    sing N N 315 
THR N     CA     sing N N 316 
THR N     H      sing N N 317 
THR N     H2     sing N N 318 
THR CA    C      sing N N 319 
THR CA    CB     sing N N 320 
THR CA    HA     sing N N 321 
THR C     O      doub N N 322 
THR C     OXT    sing N N 323 
THR CB    OG1    sing N N 324 
THR CB    CG2    sing N N 325 
THR CB    HB     sing N N 326 
THR OG1   HG1    sing N N 327 
THR CG2   HG21   sing N N 328 
THR CG2   HG22   sing N N 329 
THR CG2   HG23   sing N N 330 
THR OXT   HXT    sing N N 331 
TRP N     CA     sing N N 332 
TRP N     H      sing N N 333 
TRP N     H2     sing N N 334 
TRP CA    C      sing N N 335 
TRP CA    CB     sing N N 336 
TRP CA    HA     sing N N 337 
TRP C     O      doub N N 338 
TRP C     OXT    sing N N 339 
TRP CB    CG     sing N N 340 
TRP CB    HB2    sing N N 341 
TRP CB    HB3    sing N N 342 
TRP CG    CD1    doub Y N 343 
TRP CG    CD2    sing Y N 344 
TRP CD1   NE1    sing Y N 345 
TRP CD1   HD1    sing N N 346 
TRP CD2   CE2    doub Y N 347 
TRP CD2   CE3    sing Y N 348 
TRP NE1   CE2    sing Y N 349 
TRP NE1   HE1    sing N N 350 
TRP CE2   CZ2    sing Y N 351 
TRP CE3   CZ3    doub Y N 352 
TRP CE3   HE3    sing N N 353 
TRP CZ2   CH2    doub Y N 354 
TRP CZ2   HZ2    sing N N 355 
TRP CZ3   CH2    sing Y N 356 
TRP CZ3   HZ3    sing N N 357 
TRP CH2   HH2    sing N N 358 
TRP OXT   HXT    sing N N 359 
TYR N     CA     sing N N 360 
TYR N     H      sing N N 361 
TYR N     H2     sing N N 362 
TYR CA    C      sing N N 363 
TYR CA    CB     sing N N 364 
TYR CA    HA     sing N N 365 
TYR C     O      doub N N 366 
TYR C     OXT    sing N N 367 
TYR CB    CG     sing N N 368 
TYR CB    HB2    sing N N 369 
TYR CB    HB3    sing N N 370 
TYR CG    CD1    doub Y N 371 
TYR CG    CD2    sing Y N 372 
TYR CD1   CE1    sing Y N 373 
TYR CD1   HD1    sing N N 374 
TYR CD2   CE2    doub Y N 375 
TYR CD2   HD2    sing N N 376 
TYR CE1   CZ     doub Y N 377 
TYR CE1   HE1    sing N N 378 
TYR CE2   CZ     sing Y N 379 
TYR CE2   HE2    sing N N 380 
TYR CZ    OH     sing N N 381 
TYR OH    HH     sing N N 382 
TYR OXT   HXT    sing N N 383 
VAL N     CA     sing N N 384 
VAL N     H      sing N N 385 
VAL N     H2     sing N N 386 
VAL CA    C      sing N N 387 
VAL CA    CB     sing N N 388 
VAL CA    HA     sing N N 389 
VAL C     O      doub N N 390 
VAL C     OXT    sing N N 391 
VAL CB    CG1    sing N N 392 
VAL CB    CG2    sing N N 393 
VAL CB    HB     sing N N 394 
VAL CG1   HG11   sing N N 395 
VAL CG1   HG12   sing N N 396 
VAL CG1   HG13   sing N N 397 
VAL CG2   HG21   sing N N 398 
VAL CG2   HG22   sing N N 399 
VAL CG2   HG23   sing N N 400 
VAL OXT   HXT    sing N N 401 
# 
_atom_sites.entry_id                    3HF7 
_atom_sites.fract_transf_matrix[1][1]   -0.00483038 
_atom_sites.fract_transf_matrix[1][2]   0.01001368 
_atom_sites.fract_transf_matrix[1][3]   0.00246463 
_atom_sites.fract_transf_matrix[2][1]   -0.01110979 
_atom_sites.fract_transf_matrix[2][2]   0.00051371 
_atom_sites.fract_transf_matrix[2][3]   0.00244849 
_atom_sites.fract_transf_matrix[3][1]   0.00192154 
_atom_sites.fract_transf_matrix[3][2]   -0.00128539 
_atom_sites.fract_transf_matrix[3][3]   0.00898846 
_atom_sites.fract_transf_vector[1]      0.452643 
_atom_sites.fract_transf_vector[2]      0.152829 
_atom_sites.fract_transf_vector[3]      0.231708 
# 
loop_
_atom_type.symbol 
C 
N 
O 
P 
S 
# 
loop_
_atom_site.group_PDB 
_atom_site.id 
_atom_site.type_symbol 
_atom_site.label_atom_id 
_atom_site.label_alt_id 
_atom_site.label_comp_id 
_atom_site.label_asym_id 
_atom_site.label_entity_id 
_atom_site.label_seq_id 
_atom_site.pdbx_PDB_ins_code 
_atom_site.Cartn_x 
_atom_site.Cartn_y 
_atom_site.Cartn_z 
_atom_site.occupancy 
_atom_site.B_iso_or_equiv 
_atom_site.pdbx_formal_charge 
_atom_site.auth_seq_id 
_atom_site.auth_comp_id 
_atom_site.auth_asym_id 
_atom_site.auth_atom_id 
_atom_site.pdbx_PDB_model_num 
ATOM   1    N N     . LYS A 1 1   ? 20.311  15.928  -3.543  1.00 38.39 ? 201 LYS A N     1 
ATOM   2    C CA    . LYS A 1 1   ? 20.201  14.543  -4.111  1.00 38.93 ? 201 LYS A CA    1 
ATOM   3    C C     . LYS A 1 1   ? 18.727  14.207  -4.375  1.00 38.99 ? 201 LYS A C     1 
ATOM   4    O O     . LYS A 1 1   ? 17.830  14.833  -3.796  1.00 39.40 ? 201 LYS A O     1 
ATOM   5    C CB    . LYS A 1 1   ? 20.854  13.498  -3.181  1.00 38.67 ? 201 LYS A CB    1 
ATOM   6    N N     . VAL A 1 2   ? 18.464  13.254  -5.269  1.00 38.64 ? 202 VAL A N     1 
ATOM   7    C CA    . VAL A 1 2   ? 17.074  12.855  -5.542  1.00 38.26 ? 202 VAL A CA    1 
ATOM   8    C C     . VAL A 1 2   ? 16.538  12.011  -4.372  1.00 38.07 ? 202 VAL A C     1 
ATOM   9    O O     . VAL A 1 2   ? 17.243  11.133  -3.855  1.00 38.30 ? 202 VAL A O     1 
ATOM   10   C CB    . VAL A 1 2   ? 16.899  12.117  -6.913  1.00 38.30 ? 202 VAL A CB    1 
ATOM   11   C CG1   . VAL A 1 2   ? 15.396  12.011  -7.285  1.00 38.39 ? 202 VAL A CG1   1 
ATOM   12   C CG2   . VAL A 1 2   ? 17.671  12.849  -8.044  1.00 38.21 ? 202 VAL A CG2   1 
ATOM   13   N N     . SER A 1 3   ? 15.301  12.294  -3.953  1.00 37.55 ? 203 SER A N     1 
ATOM   14   C CA    . SER A 1 3   ? 14.730  11.682  -2.753  1.00 36.92 ? 203 SER A CA    1 
ATOM   15   C C     . SER A 1 3   ? 13.419  10.970  -3.028  1.00 36.38 ? 203 SER A C     1 
ATOM   16   O O     . SER A 1 3   ? 12.802  11.129  -4.086  1.00 36.22 ? 203 SER A O     1 
ATOM   17   C CB    . SER A 1 3   ? 14.495  12.743  -1.671  1.00 37.14 ? 203 SER A CB    1 
ATOM   18   O OG    . SER A 1 3   ? 13.166  13.245  -1.738  1.00 37.52 ? 203 SER A OG    1 
ATOM   19   N N     . VAL A 1 4   ? 12.994  10.194  -2.040  1.00 35.71 ? 204 VAL A N     1 
ATOM   20   C CA    . VAL A 1 4   ? 11.740  9.478   -2.100  1.00 35.48 ? 204 VAL A CA    1 
ATOM   21   C C     . VAL A 1 4   ? 10.582  10.389  -2.538  1.00 35.35 ? 204 VAL A C     1 
ATOM   22   O O     . VAL A 1 4   ? 9.684   9.959   -3.271  1.00 35.26 ? 204 VAL A O     1 
ATOM   23   C CB    . VAL A 1 4   ? 11.475  8.783   -0.742  1.00 35.55 ? 204 VAL A CB    1 
ATOM   24   C CG1   . VAL A 1 4   ? 10.182  9.241   -0.097  1.00 35.31 ? 204 VAL A CG1   1 
ATOM   25   C CG2   . VAL A 1 4   ? 11.519  7.281   -0.899  1.00 35.23 ? 204 VAL A CG2   1 
ATOM   26   N N     . ASN A 1 5   ? 10.637  11.654  -2.116  1.00 35.19 ? 205 ASN A N     1 
ATOM   27   C CA    . ASN A 1 5   ? 9.586   12.633  -2.398  1.00 34.81 ? 205 ASN A CA    1 
ATOM   28   C C     . ASN A 1 5   ? 9.380   12.824  -3.891  1.00 34.64 ? 205 ASN A C     1 
ATOM   29   O O     . ASN A 1 5   ? 8.270   13.105  -4.345  1.00 34.24 ? 205 ASN A O     1 
ATOM   30   C CB    . ASN A 1 5   ? 9.900   13.985  -1.747  1.00 34.98 ? 205 ASN A CB    1 
ATOM   31   C CG    . ASN A 1 5   ? 10.124  13.891  -0.234  1.00 35.66 ? 205 ASN A CG    1 
ATOM   32   O OD1   . ASN A 1 5   ? 9.784   12.889  0.410   1.00 37.17 ? 205 ASN A OD1   1 
ATOM   33   N ND2   . ASN A 1 5   ? 10.699  14.947  0.333   1.00 35.85 ? 205 ASN A ND2   1 
ATOM   34   N N     . ASP A 1 6   ? 10.455  12.643  -4.655  1.00 34.48 ? 206 ASP A N     1 
ATOM   35   C CA    . ASP A 1 6   ? 10.425  12.910  -6.084  1.00 34.36 ? 206 ASP A CA    1 
ATOM   36   C C     . ASP A 1 6   ? 9.688   11.856  -6.901  1.00 34.16 ? 206 ASP A C     1 
ATOM   37   O O     . ASP A 1 6   ? 9.187   12.158  -7.989  1.00 34.15 ? 206 ASP A O     1 
ATOM   38   C CB    . ASP A 1 6   ? 11.838  13.125  -6.591  1.00 34.49 ? 206 ASP A CB    1 
ATOM   39   C CG    . ASP A 1 6   ? 12.525  14.241  -5.854  1.00 35.55 ? 206 ASP A CG    1 
ATOM   40   O OD1   . ASP A 1 6   ? 11.963  15.362  -5.865  1.00 37.74 ? 206 ASP A OD1   1 
ATOM   41   O OD2   . ASP A 1 6   ? 13.589  14.002  -5.243  1.00 35.65 ? 206 ASP A OD2   1 
ATOM   42   N N     . ILE A 1 7   ? 9.590   10.638  -6.366  1.00 33.81 ? 207 ILE A N     1 
ATOM   43   C CA    . ILE A 1 7   ? 9.061   9.505   -7.145  1.00 33.27 ? 207 ILE A CA    1 
ATOM   44   C C     . ILE A 1 7   ? 7.833   8.807   -6.577  1.00 32.82 ? 207 ILE A C     1 
ATOM   45   O O     . ILE A 1 7   ? 7.184   8.032   -7.280  1.00 32.82 ? 207 ILE A O     1 
ATOM   46   C CB    . ILE A 1 7   ? 10.162  8.465   -7.469  1.00 33.35 ? 207 ILE A CB    1 
ATOM   47   C CG1   . ILE A 1 7   ? 10.964  8.098   -6.221  1.00 33.21 ? 207 ILE A CG1   1 
ATOM   48   C CG2   . ILE A 1 7   ? 11.108  9.034   -8.509  1.00 33.46 ? 207 ILE A CG2   1 
ATOM   49   C CD1   . ILE A 1 7   ? 10.652  6.779   -5.671  1.00 33.04 ? 207 ILE A CD1   1 
ATOM   50   N N     . MET A 1 8   ? 7.511   9.079   -5.317  1.00 32.14 ? 208 MET A N     1 
ATOM   51   C CA    . MET A 1 8   ? 6.303   8.528   -4.704  1.00 31.48 ? 208 MET A CA    1 
ATOM   52   C C     . MET A 1 8   ? 5.055   8.893   -5.519  1.00 31.42 ? 208 MET A C     1 
ATOM   53   O O     . MET A 1 8   ? 5.036   9.915   -6.202  1.00 31.95 ? 208 MET A O     1 
ATOM   54   C CB    . MET A 1 8   ? 6.150   9.045   -3.268  1.00 31.15 ? 208 MET A CB    1 
ATOM   55   C CG    . MET A 1 8   ? 5.946   10.536  -3.204  1.00 29.33 ? 208 MET A CG    1 
ATOM   56   S SD    . MET A 1 8   ? 5.608   11.171  -1.570  1.00 25.53 ? 208 MET A SD    1 
ATOM   57   C CE    . MET A 1 8   ? 7.110   10.836  -0.729  1.00 27.28 ? 208 MET A CE    1 
ATOM   58   N N     . VAL A 1 9   ? 4.023   8.054   -5.454  1.00 31.06 ? 209 VAL A N     1 
ATOM   59   C CA    . VAL A 1 9   ? 2.699   8.399   -5.979  1.00 30.43 ? 209 VAL A CA    1 
ATOM   60   C C     . VAL A 1 9   ? 2.043   9.308   -4.930  1.00 30.12 ? 209 VAL A C     1 
ATOM   61   O O     . VAL A 1 9   ? 2.005   8.948   -3.747  1.00 30.34 ? 209 VAL A O     1 
ATOM   62   C CB    . VAL A 1 9   ? 1.835   7.130   -6.187  1.00 30.34 ? 209 VAL A CB    1 
ATOM   63   C CG1   . VAL A 1 9   ? 0.378   7.483   -6.498  1.00 30.57 ? 209 VAL A CG1   1 
ATOM   64   C CG2   . VAL A 1 9   ? 2.413   6.263   -7.291  1.00 29.98 ? 209 VAL A CG2   1 
ATOM   65   N N     . PRO A 1 10  ? 1.536   10.483  -5.347  1.00 29.54 ? 210 PRO A N     1 
ATOM   66   C CA    . PRO A 1 10  ? 1.029   11.430  -4.352  1.00 29.25 ? 210 PRO A CA    1 
ATOM   67   C C     . PRO A 1 10  ? -0.164  10.877  -3.582  1.00 29.11 ? 210 PRO A C     1 
ATOM   68   O O     . PRO A 1 10  ? -0.962  10.110  -4.130  1.00 28.47 ? 210 PRO A O     1 
ATOM   69   C CB    . PRO A 1 10  ? 0.602   12.643  -5.189  1.00 29.24 ? 210 PRO A CB    1 
ATOM   70   C CG    . PRO A 1 10  ? 1.243   12.452  -6.524  1.00 29.17 ? 210 PRO A CG    1 
ATOM   71   C CD    . PRO A 1 10  ? 1.347   10.975  -6.725  1.00 29.66 ? 210 PRO A CD    1 
ATOM   72   N N     . ARG A 1 11  ? -0.270  11.275  -2.317  1.00 29.11 ? 211 ARG A N     1 
ATOM   73   C CA    . ARG A 1 11  ? -1.317  10.788  -1.426  1.00 29.38 ? 211 ARG A CA    1 
ATOM   74   C C     . ARG A 1 11  ? -2.688  10.688  -2.108  1.00 29.97 ? 211 ARG A C     1 
ATOM   75   O O     . ARG A 1 11  ? -3.322  9.637   -2.069  1.00 30.48 ? 211 ARG A O     1 
ATOM   76   C CB    . ARG A 1 11  ? -1.368  11.672  -0.181  1.00 29.26 ? 211 ARG A CB    1 
ATOM   77   C CG    . ARG A 1 11  ? -2.589  11.489  0.726   1.00 27.90 ? 211 ARG A CG    1 
ATOM   78   C CD    . ARG A 1 11  ? -2.501  12.534  1.825   1.00 26.44 ? 211 ARG A CD    1 
ATOM   79   N NE    . ARG A 1 11  ? -3.637  12.479  2.741   1.00 26.05 ? 211 ARG A NE    1 
ATOM   80   C CZ    . ARG A 1 11  ? -3.528  12.214  4.038   1.00 26.10 ? 211 ARG A CZ    1 
ATOM   81   N NH1   . ARG A 1 11  ? -2.326  11.961  4.566   1.00 25.72 ? 211 ARG A NH1   1 
ATOM   82   N NH2   . ARG A 1 11  ? -4.615  12.186  4.803   1.00 24.34 ? 211 ARG A NH2   1 
ATOM   83   N N     . ASN A 1 12  ? -3.128  11.776  -2.745  1.00 30.10 ? 212 ASN A N     1 
ATOM   84   C CA    . ASN A 1 12  ? -4.420  11.828  -3.461  1.00 30.05 ? 212 ASN A CA    1 
ATOM   85   C C     . ASN A 1 12  ? -4.654  10.692  -4.469  1.00 29.76 ? 212 ASN A C     1 
ATOM   86   O O     . ASN A 1 12  ? -5.800  10.360  -4.797  1.00 30.20 ? 212 ASN A O     1 
ATOM   87   C CB    . ASN A 1 12  ? -4.585  13.184  -4.174  1.00 30.37 ? 212 ASN A CB    1 
ATOM   88   C CG    . ASN A 1 12  ? -3.259  13.722  -4.771  1.00 31.83 ? 212 ASN A CG    1 
ATOM   89   O OD1   . ASN A 1 12  ? -2.283  14.004  -4.041  1.00 32.67 ? 212 ASN A OD1   1 
ATOM   90   N ND2   . ASN A 1 12  ? -3.237  13.888  -6.094  1.00 31.48 ? 212 ASN A ND2   1 
ATOM   91   N N     . GLU A 1 13  ? -3.568  10.107  -4.961  1.00 28.74 ? 213 GLU A N     1 
ATOM   92   C CA    . GLU A 1 13  ? -3.633  9.129   -6.028  1.00 27.85 ? 213 GLU A CA    1 
ATOM   93   C C     . GLU A 1 13  ? -3.422  7.711   -5.523  1.00 27.16 ? 213 GLU A C     1 
ATOM   94   O O     . GLU A 1 13  ? -3.268  6.777   -6.315  1.00 26.91 ? 213 GLU A O     1 
ATOM   95   C CB    . GLU A 1 13  ? -2.547  9.423   -7.037  1.00 28.25 ? 213 GLU A CB    1 
ATOM   96   C CG    . GLU A 1 13  ? -2.415  10.863  -7.390  1.00 29.22 ? 213 GLU A CG    1 
ATOM   97   C CD    . GLU A 1 13  ? -2.316  11.031  -8.874  1.00 30.98 ? 213 GLU A CD    1 
ATOM   98   O OE1   . GLU A 1 13  ? -1.190  11.241  -9.392  1.00 30.48 ? 213 GLU A OE1   1 
ATOM   99   O OE2   . GLU A 1 13  ? -3.378  10.902  -9.521  1.00 32.68 ? 213 GLU A OE2   1 
ATOM   100  N N     . ILE A 1 14  ? -3.386  7.551   -4.208  1.00 26.25 ? 214 ILE A N     1 
ATOM   101  C CA    . ILE A 1 14  ? -3.252  6.238   -3.612  1.00 25.16 ? 214 ILE A CA    1 
ATOM   102  C C     . ILE A 1 14  ? -4.591  5.523   -3.711  1.00 25.33 ? 214 ILE A C     1 
ATOM   103  O O     . ILE A 1 14  ? -5.607  6.027   -3.223  1.00 25.70 ? 214 ILE A O     1 
ATOM   104  C CB    . ILE A 1 14  ? -2.789  6.335   -2.147  1.00 24.66 ? 214 ILE A CB    1 
ATOM   105  C CG1   . ILE A 1 14  ? -1.413  7.003   -2.084  1.00 24.00 ? 214 ILE A CG1   1 
ATOM   106  C CG2   . ILE A 1 14  ? -2.706  4.971   -1.530  1.00 24.41 ? 214 ILE A CG2   1 
ATOM   107  C CD1   . ILE A 1 14  ? -0.770  7.073   -0.707  1.00 22.22 ? 214 ILE A CD1   1 
ATOM   108  N N     . VAL A 1 15  ? -4.596  4.362   -4.366  1.00 25.09 ? 215 VAL A N     1 
ATOM   109  C CA    . VAL A 1 15  ? -5.772  3.485   -4.396  1.00 24.55 ? 215 VAL A CA    1 
ATOM   110  C C     . VAL A 1 15  ? -5.836  2.628   -3.128  1.00 24.60 ? 215 VAL A C     1 
ATOM   111  O O     . VAL A 1 15  ? -4.909  1.880   -2.794  1.00 24.57 ? 215 VAL A O     1 
ATOM   112  C CB    . VAL A 1 15  ? -5.791  2.560   -5.631  1.00 24.57 ? 215 VAL A CB    1 
ATOM   113  C CG1   . VAL A 1 15  ? -7.027  1.683   -5.608  1.00 24.26 ? 215 VAL A CG1   1 
ATOM   114  C CG2   . VAL A 1 15  ? -5.746  3.376   -6.928  1.00 24.48 ? 215 VAL A CG2   1 
ATOM   115  N N     . GLY A 1 16  ? -6.940  2.763   -2.416  1.00 24.57 ? 216 GLY A N     1 
ATOM   116  C CA    . GLY A 1 16  ? -7.181  1.983   -1.227  1.00 24.98 ? 216 GLY A CA    1 
ATOM   117  C C     . GLY A 1 16  ? -8.678  1.856   -1.040  1.00 25.39 ? 216 GLY A C     1 
ATOM   118  O O     . GLY A 1 16  ? -9.463  2.364   -1.849  1.00 25.38 ? 216 GLY A O     1 
ATOM   119  N N     . ILE A 1 17  ? -9.079  1.167   0.019   1.00 25.58 ? 217 ILE A N     1 
ATOM   120  C CA    . ILE A 1 17  ? -10.488 1.001   0.308   1.00 25.75 ? 217 ILE A CA    1 
ATOM   121  C C     . ILE A 1 17  ? -10.772 1.419   1.727   1.00 25.82 ? 217 ILE A C     1 
ATOM   122  O O     . ILE A 1 17  ? -10.061 1.059   2.672   1.00 25.59 ? 217 ILE A O     1 
ATOM   123  C CB    . ILE A 1 17  ? -10.988 -0.461  0.112   1.00 25.65 ? 217 ILE A CB    1 
ATOM   124  C CG1   . ILE A 1 17  ? -10.554 -1.026  -1.236  1.00 25.55 ? 217 ILE A CG1   1 
ATOM   125  C CG2   . ILE A 1 17  ? -12.505 -0.526  0.204   1.00 26.15 ? 217 ILE A CG2   1 
ATOM   126  C CD1   . ILE A 1 17  ? -10.661 -2.560  -1.293  1.00 25.13 ? 217 ILE A CD1   1 
ATOM   127  N N     . ASP A 1 18  ? -11.842 2.184   1.845   1.00 26.45 ? 218 ASP A N     1 
ATOM   128  C CA    . ASP A 1 18  ? -12.451 2.490   3.117   1.00 27.14 ? 218 ASP A CA    1 
ATOM   129  C C     . ASP A 1 18  ? -13.153 1.238   3.588   1.00 27.11 ? 218 ASP A C     1 
ATOM   130  O O     . ASP A 1 18  ? -14.125 0.781   2.971   1.00 27.24 ? 218 ASP A O     1 
ATOM   131  C CB    . ASP A 1 18  ? -13.457 3.632   2.966   1.00 26.89 ? 218 ASP A CB    1 
ATOM   132  C CG    . ASP A 1 18  ? -13.811 4.266   4.284   1.00 28.06 ? 218 ASP A CG    1 
ATOM   133  O OD1   . ASP A 1 18  ? -13.451 3.691   5.343   1.00 28.24 ? 218 ASP A OD1   1 
ATOM   134  O OD2   . ASP A 1 18  ? -14.450 5.349   4.263   1.00 29.52 ? 218 ASP A OD2   1 
ATOM   135  N N     . ILE A 1 19  ? -12.654 0.666   4.671   1.00 27.39 ? 219 ILE A N     1 
ATOM   136  C CA    . ILE A 1 19  ? -13.268 -0.541  5.192   1.00 27.76 ? 219 ILE A CA    1 
ATOM   137  C C     . ILE A 1 19  ? -14.592 -0.223  5.882   1.00 28.59 ? 219 ILE A C     1 
ATOM   138  O O     . ILE A 1 19  ? -15.267 -1.136  6.369   1.00 29.32 ? 219 ILE A O     1 
ATOM   139  C CB    . ILE A 1 19  ? -12.320 -1.360  6.097   1.00 27.36 ? 219 ILE A CB    1 
ATOM   140  C CG1   . ILE A 1 19  ? -12.181 -0.723  7.474   1.00 27.30 ? 219 ILE A CG1   1 
ATOM   141  C CG2   . ILE A 1 19  ? -10.972 -1.531  5.423   1.00 27.11 ? 219 ILE A CG2   1 
ATOM   142  C CD1   . ILE A 1 19  ? -11.404 -1.598  8.438   1.00 27.60 ? 219 ILE A CD1   1 
ATOM   143  N N     . ASN A 1 20  ? -14.968 1.058   5.909   1.00 28.84 ? 220 ASN A N     1 
ATOM   144  C CA    . ASN A 1 20  ? -16.309 1.453   6.360   1.00 29.12 ? 220 ASN A CA    1 
ATOM   145  C C     . ASN A 1 20  ? -17.448 1.242   5.347   1.00 29.04 ? 220 ASN A C     1 
ATOM   146  O O     . ASN A 1 20  ? -18.609 1.182   5.744   1.00 29.10 ? 220 ASN A O     1 
ATOM   147  C CB    . ASN A 1 20  ? -16.328 2.892   6.878   1.00 29.28 ? 220 ASN A CB    1 
ATOM   148  C CG    . ASN A 1 20  ? -15.795 3.006   8.292   1.00 30.14 ? 220 ASN A CG    1 
ATOM   149  O OD1   . ASN A 1 20  ? -15.655 2.011   9.000   1.00 30.04 ? 220 ASN A OD1   1 
ATOM   150  N ND2   . ASN A 1 20  ? -15.487 4.231   8.711   1.00 31.45 ? 220 ASN A ND2   1 
ATOM   151  N N     . ASP A 1 21  ? -17.135 1.122   4.059   1.00 28.79 ? 221 ASP A N     1 
ATOM   152  C CA    . ASP A 1 21  ? -18.184 0.857   3.064   1.00 29.08 ? 221 ASP A CA    1 
ATOM   153  C C     . ASP A 1 21  ? -18.955 -0.449  3.311   1.00 28.80 ? 221 ASP A C     1 
ATOM   154  O O     . ASP A 1 21  ? -18.445 -1.379  3.928   1.00 28.65 ? 221 ASP A O     1 
ATOM   155  C CB    . ASP A 1 21  ? -17.601 0.862   1.662   1.00 29.28 ? 221 ASP A CB    1 
ATOM   156  C CG    . ASP A 1 21  ? -16.997 2.191   1.301   1.00 30.87 ? 221 ASP A CG    1 
ATOM   157  O OD1   . ASP A 1 21  ? -16.042 2.226   0.495   1.00 31.40 ? 221 ASP A OD1   1 
ATOM   158  O OD2   . ASP A 1 21  ? -17.472 3.215   1.837   1.00 34.65 ? 221 ASP A OD2   1 
ATOM   159  N N     . ASP A 1 22  ? -20.195 -0.508  2.842   1.00 28.45 ? 222 ASP A N     1 
ATOM   160  C CA    . ASP A 1 22  ? -20.957 -1.738  2.939   1.00 28.19 ? 222 ASP A CA    1 
ATOM   161  C C     . ASP A 1 22  ? -20.197 -2.796  2.172   1.00 27.53 ? 222 ASP A C     1 
ATOM   162  O O     . ASP A 1 22  ? -19.482 -2.493  1.224   1.00 27.08 ? 222 ASP A O     1 
ATOM   163  C CB    . ASP A 1 22  ? -22.349 -1.581  2.356   1.00 28.44 ? 222 ASP A CB    1 
ATOM   164  C CG    . ASP A 1 22  ? -22.321 -1.127  0.916   1.00 30.93 ? 222 ASP A CG    1 
ATOM   165  O OD1   . ASP A 1 22  ? -21.825 -0.015  0.655   1.00 34.61 ? 222 ASP A OD1   1 
ATOM   166  O OD2   . ASP A 1 22  ? -22.785 -1.881  0.036   1.00 33.96 ? 222 ASP A OD2   1 
ATOM   167  N N     . TRP A 1 23  ? -20.367 -4.035  2.595   1.00 26.74 ? 223 TRP A N     1 
ATOM   168  C CA    . TRP A 1 23  ? -19.537 -5.114  2.131   1.00 26.20 ? 223 TRP A CA    1 
ATOM   169  C C     . TRP A 1 23  ? -19.521 -5.302  0.620   1.00 25.96 ? 223 TRP A C     1 
ATOM   170  O O     . TRP A 1 23  ? -18.445 -5.455  0.030   1.00 25.80 ? 223 TRP A O     1 
ATOM   171  C CB    . TRP A 1 23  ? -19.942 -6.398  2.825   1.00 26.23 ? 223 TRP A CB    1 
ATOM   172  C CG    . TRP A 1 23  ? -19.117 -7.557  2.431   1.00 26.70 ? 223 TRP A CG    1 
ATOM   173  C CD1   . TRP A 1 23  ? -19.545 -8.672  1.783   1.00 26.46 ? 223 TRP A CD1   1 
ATOM   174  C CD2   . TRP A 1 23  ? -17.699 -7.727  2.635   1.00 26.91 ? 223 TRP A CD2   1 
ATOM   175  N NE1   . TRP A 1 23  ? -18.495 -9.539  1.578   1.00 26.55 ? 223 TRP A NE1   1 
ATOM   176  C CE2   . TRP A 1 23  ? -17.350 -8.984  2.089   1.00 27.08 ? 223 TRP A CE2   1 
ATOM   177  C CE3   . TRP A 1 23  ? -16.700 -6.948  3.226   1.00 26.04 ? 223 TRP A CE3   1 
ATOM   178  C CZ2   . TRP A 1 23  ? -16.038 -9.481  2.117   1.00 26.43 ? 223 TRP A CZ2   1 
ATOM   179  C CZ3   . TRP A 1 23  ? -15.400 -7.439  3.248   1.00 27.39 ? 223 TRP A CZ3   1 
ATOM   180  C CH2   . TRP A 1 23  ? -15.082 -8.694  2.699   1.00 25.86 ? 223 TRP A CH2   1 
ATOM   181  N N     . LYS A 1 24  ? -20.699 -5.283  -0.002  1.00 25.45 ? 224 LYS A N     1 
ATOM   182  C CA    . LYS A 1 24  ? -20.788 -5.408  -1.454  1.00 25.19 ? 224 LYS A CA    1 
ATOM   183  C C     . LYS A 1 24  ? -19.949 -4.322  -2.139  1.00 25.26 ? 224 LYS A C     1 
ATOM   184  O O     . LYS A 1 24  ? -19.313 -4.563  -3.170  1.00 25.43 ? 224 LYS A O     1 
ATOM   185  C CB    . LYS A 1 24  ? -22.242 -5.350  -1.927  1.00 25.01 ? 224 LYS A CB    1 
ATOM   186  N N     . SER A 1 25  ? -19.922 -3.133  -1.546  1.00 25.09 ? 225 SER A N     1 
ATOM   187  C CA    . SER A 1 25  ? -19.118 -2.053  -2.091  1.00 25.02 ? 225 SER A CA    1 
ATOM   188  C C     . SER A 1 25  ? -17.619 -2.330  -1.960  1.00 24.77 ? 225 SER A C     1 
ATOM   189  O O     . SER A 1 25  ? -16.846 -1.997  -2.853  1.00 24.54 ? 225 SER A O     1 
ATOM   190  C CB    . SER A 1 25  ? -19.475 -0.728  -1.426  1.00 24.90 ? 225 SER A CB    1 
ATOM   191  O OG    . SER A 1 25  ? -18.825 0.337   -2.084  1.00 24.85 ? 225 SER A OG    1 
ATOM   192  N N     . ILE A 1 26  ? -17.220 -2.943  -0.850  1.00 24.93 ? 226 ILE A N     1 
ATOM   193  C CA    . ILE A 1 26  ? -15.806 -3.239  -0.597  1.00 25.40 ? 226 ILE A CA    1 
ATOM   194  C C     . ILE A 1 26  ? -15.314 -4.267  -1.604  1.00 25.92 ? 226 ILE A C     1 
ATOM   195  O O     . ILE A 1 26  ? -14.286 -4.057  -2.249  1.00 26.35 ? 226 ILE A O     1 
ATOM   196  C CB    . ILE A 1 26  ? -15.557 -3.727  0.848   1.00 25.29 ? 226 ILE A CB    1 
ATOM   197  C CG1   . ILE A 1 26  ? -15.412 -2.537  1.806   1.00 24.76 ? 226 ILE A CG1   1 
ATOM   198  C CG2   . ILE A 1 26  ? -14.342 -4.632  0.915   1.00 24.81 ? 226 ILE A CG2   1 
ATOM   199  C CD1   . ILE A 1 26  ? -15.866 -2.826  3.227   1.00 21.84 ? 226 ILE A CD1   1 
ATOM   200  N N     . VAL A 1 27  ? -16.073 -5.352  -1.763  1.00 26.14 ? 227 VAL A N     1 
ATOM   201  C CA    . VAL A 1 27  ? -15.709 -6.405  -2.704  1.00 26.24 ? 227 VAL A CA    1 
ATOM   202  C C     . VAL A 1 27  ? -15.641 -5.830  -4.118  1.00 26.67 ? 227 VAL A C     1 
ATOM   203  O O     . VAL A 1 27  ? -14.688 -6.087  -4.853  1.00 26.89 ? 227 VAL A O     1 
ATOM   204  C CB    . VAL A 1 27  ? -16.701 -7.582  -2.686  1.00 26.22 ? 227 VAL A CB    1 
ATOM   205  C CG1   . VAL A 1 27  ? -16.208 -8.702  -3.591  1.00 25.82 ? 227 VAL A CG1   1 
ATOM   206  C CG2   . VAL A 1 27  ? -16.898 -8.102  -1.272  1.00 26.36 ? 227 VAL A CG2   1 
ATOM   207  N N     . ARG A 1 28  ? -16.649 -5.056  -4.502  1.00 26.82 ? 228 ARG A N     1 
ATOM   208  C CA    . ARG A 1 28  ? -16.651 -4.468  -5.825  1.00 27.43 ? 228 ARG A CA    1 
ATOM   209  C C     . ARG A 1 28  ? -15.328 -3.718  -6.041  1.00 27.50 ? 228 ARG A C     1 
ATOM   210  O O     . ARG A 1 28  ? -14.696 -3.876  -7.087  1.00 27.65 ? 228 ARG A O     1 
ATOM   211  C CB    . ARG A 1 28  ? -17.853 -3.542  -6.000  1.00 27.67 ? 228 ARG A CB    1 
ATOM   212  C CG    . ARG A 1 28  ? -18.184 -3.190  -7.460  1.00 30.07 ? 228 ARG A CG    1 
ATOM   213  C CD    . ARG A 1 28  ? -19.512 -2.408  -7.580  1.00 33.54 ? 228 ARG A CD    1 
ATOM   214  N NE    . ARG A 1 28  ? -19.607 -1.333  -6.578  1.00 36.79 ? 228 ARG A NE    1 
ATOM   215  C CZ    . ARG A 1 28  ? -20.515 -1.265  -5.596  1.00 38.07 ? 228 ARG A CZ    1 
ATOM   216  N NH1   . ARG A 1 28  ? -21.458 -2.197  -5.462  1.00 37.96 ? 228 ARG A NH1   1 
ATOM   217  N NH2   . ARG A 1 28  ? -20.485 -0.243  -4.744  1.00 38.94 ? 228 ARG A NH2   1 
ATOM   218  N N     . GLN A 1 29  ? -14.887 -2.941  -5.043  1.00 27.12 ? 229 GLN A N     1 
ATOM   219  C CA    . GLN A 1 29  ? -13.643 -2.165  -5.167  1.00 26.63 ? 229 GLN A CA    1 
ATOM   220  C C     . GLN A 1 29  ? -12.416 -3.065  -5.263  1.00 26.50 ? 229 GLN A C     1 
ATOM   221  O O     . GLN A 1 29  ? -11.489 -2.810  -6.040  1.00 26.07 ? 229 GLN A O     1 
ATOM   222  C CB    . GLN A 1 29  ? -13.472 -1.232  -3.982  1.00 26.50 ? 229 GLN A CB    1 
ATOM   223  C CG    . GLN A 1 29  ? -14.307 0.023   -4.049  1.00 27.22 ? 229 GLN A CG    1 
ATOM   224  C CD    . GLN A 1 29  ? -14.191 0.833   -2.779  1.00 28.16 ? 229 GLN A CD    1 
ATOM   225  O OE1   . GLN A 1 29  ? -13.137 1.413   -2.490  1.00 28.62 ? 229 GLN A OE1   1 
ATOM   226  N NE2   . GLN A 1 29  ? -15.273 0.872   -2.001  1.00 28.03 ? 229 GLN A NE2   1 
ATOM   227  N N     . LEU A 1 30  ? -12.423 -4.114  -4.453  1.00 26.37 ? 230 LEU A N     1 
ATOM   228  C CA    . LEU A 1 30  ? -11.342 -5.065  -4.403  1.00 26.38 ? 230 LEU A CA    1 
ATOM   229  C C     . LEU A 1 30  ? -11.155 -5.717  -5.763  1.00 26.72 ? 230 LEU A C     1 
ATOM   230  O O     . LEU A 1 30  ? -10.075 -5.683  -6.333  1.00 27.11 ? 230 LEU A O     1 
ATOM   231  C CB    . LEU A 1 30  ? -11.663 -6.106  -3.348  1.00 26.29 ? 230 LEU A CB    1 
ATOM   232  C CG    . LEU A 1 30  ? -10.579 -7.103  -2.998  1.00 26.05 ? 230 LEU A CG    1 
ATOM   233  C CD1   . LEU A 1 30  ? -9.453  -6.363  -2.340  1.00 25.86 ? 230 LEU A CD1   1 
ATOM   234  C CD2   . LEU A 1 30  ? -11.173 -8.126  -2.064  1.00 25.35 ? 230 LEU A CD2   1 
ATOM   235  N N     . THR A 1 31  ? -12.230 -6.275  -6.304  1.00 27.09 ? 231 THR A N     1 
ATOM   236  C CA    . THR A 1 31  ? -12.178 -6.936  -7.610  1.00 26.81 ? 231 THR A CA    1 
ATOM   237  C C     . THR A 1 31  ? -11.818 -5.997  -8.767  1.00 26.86 ? 231 THR A C     1 
ATOM   238  O O     . THR A 1 31  ? -11.371 -6.461  -9.804  1.00 27.22 ? 231 THR A O     1 
ATOM   239  C CB    . THR A 1 31  ? -13.500 -7.670  -7.920  1.00 26.68 ? 231 THR A CB    1 
ATOM   240  O OG1   . THR A 1 31  ? -14.574 -6.726  -7.974  1.00 27.06 ? 231 THR A OG1   1 
ATOM   241  C CG2   . THR A 1 31  ? -13.802 -8.704  -6.844  1.00 26.28 ? 231 THR A CG2   1 
ATOM   242  N N     . HIS A 1 32  ? -12.024 -4.693  -8.580  1.00 27.23 ? 232 HIS A N     1 
ATOM   243  C CA    . HIS A 1 32  ? -11.732 -3.668  -9.600  1.00 27.43 ? 232 HIS A CA    1 
ATOM   244  C C     . HIS A 1 32  ? -10.407 -2.952  -9.353  1.00 27.22 ? 232 HIS A C     1 
ATOM   245  O O     . HIS A 1 32  ? -10.118 -1.936  -10.001 1.00 27.12 ? 232 HIS A O     1 
ATOM   246  C CB    . HIS A 1 32  ? -12.857 -2.621  -9.665  1.00 27.61 ? 232 HIS A CB    1 
ATOM   247  C CG    . HIS A 1 32  ? -14.100 -3.110  -10.343 1.00 29.29 ? 232 HIS A CG    1 
ATOM   248  N ND1   . HIS A 1 32  ? -14.881 -4.124  -9.826  1.00 30.07 ? 232 HIS A ND1   1 
ATOM   249  C CD2   . HIS A 1 32  ? -14.695 -2.731  -11.500 1.00 30.19 ? 232 HIS A CD2   1 
ATOM   250  C CE1   . HIS A 1 32  ? -15.904 -4.348  -10.632 1.00 30.41 ? 232 HIS A CE1   1 
ATOM   251  N NE2   . HIS A 1 32  ? -15.813 -3.518  -11.657 1.00 30.59 ? 232 HIS A NE2   1 
ATOM   252  N N     . SER A 1 33  ? -9.610  -3.479  -8.418  1.00 26.93 ? 233 SER A N     1 
ATOM   253  C CA    . SER A 1 33  ? -8.333  -2.863  -8.045  1.00 26.67 ? 233 SER A CA    1 
ATOM   254  C C     . SER A 1 33  ? -7.392  -2.736  -9.244  1.00 26.65 ? 233 SER A C     1 
ATOM   255  O O     . SER A 1 33  ? -7.075  -3.739  -9.883  1.00 26.86 ? 233 SER A O     1 
ATOM   256  C CB    . SER A 1 33  ? -7.663  -3.670  -6.930  1.00 26.70 ? 233 SER A CB    1 
ATOM   257  O OG    . SER A 1 33  ? -6.337  -3.217  -6.691  1.00 26.53 ? 233 SER A OG    1 
ATOM   258  N N     . PRO A 1 34  ? -6.956  -1.503  -9.566  1.00 26.47 ? 234 PRO A N     1 
ATOM   259  C CA    . PRO A 1 34  ? -6.045  -1.338  -10.698 1.00 26.09 ? 234 PRO A CA    1 
ATOM   260  C C     . PRO A 1 34  ? -4.594  -1.700  -10.380 1.00 26.09 ? 234 PRO A C     1 
ATOM   261  O O     . PRO A 1 34  ? -3.744  -1.589  -11.255 1.00 26.49 ? 234 PRO A O     1 
ATOM   262  C CB    . PRO A 1 34  ? -6.167  0.148   -11.032 1.00 25.64 ? 234 PRO A CB    1 
ATOM   263  C CG    . PRO A 1 34  ? -6.539  0.787   -9.749  1.00 26.27 ? 234 PRO A CG    1 
ATOM   264  C CD    . PRO A 1 34  ? -7.423  -0.199  -9.039  1.00 26.53 ? 234 PRO A CD    1 
ATOM   265  N N     . HIS A 1 35  ? -4.319  -2.159  -9.162  1.00 26.02 ? 235 HIS A N     1 
ATOM   266  C CA    . HIS A 1 35  ? -2.946  -2.455  -8.723  1.00 26.09 ? 235 HIS A CA    1 
ATOM   267  C C     . HIS A 1 35  ? -2.820  -3.736  -7.904  1.00 26.16 ? 235 HIS A C     1 
ATOM   268  O O     . HIS A 1 35  ? -3.812  -4.261  -7.405  1.00 26.39 ? 235 HIS A O     1 
ATOM   269  C CB    . HIS A 1 35  ? -2.409  -1.292  -7.885  1.00 25.95 ? 235 HIS A CB    1 
ATOM   270  C CG    . HIS A 1 35  ? -2.268  -0.025  -8.657  1.00 26.23 ? 235 HIS A CG    1 
ATOM   271  N ND1   . HIS A 1 35  ? -1.283  0.154   -9.606  1.00 26.10 ? 235 HIS A ND1   1 
ATOM   272  C CD2   . HIS A 1 35  ? -2.994  1.117   -8.640  1.00 25.72 ? 235 HIS A CD2   1 
ATOM   273  C CE1   . HIS A 1 35  ? -1.405  1.357   -10.135 1.00 26.41 ? 235 HIS A CE1   1 
ATOM   274  N NE2   . HIS A 1 35  ? -2.436  1.960   -9.570  1.00 25.98 ? 235 HIS A NE2   1 
ATOM   275  N N     . GLY A 1 36  ? -1.587  -4.205  -7.727  1.00 26.12 ? 236 GLY A N     1 
ATOM   276  C CA    . GLY A 1 36  ? -1.319  -5.447  -7.000  1.00 26.21 ? 236 GLY A CA    1 
ATOM   277  C C     . GLY A 1 36  ? -1.493  -5.381  -5.491  1.00 26.14 ? 236 GLY A C     1 
ATOM   278  O O     . GLY A 1 36  ? -1.903  -6.365  -4.863  1.00 26.32 ? 236 GLY A O     1 
ATOM   279  N N     . ARG A 1 37  ? -1.147  -4.239  -4.901  1.00 25.97 ? 237 ARG A N     1 
ATOM   280  C CA    . ARG A 1 37  ? -1.388  -4.011  -3.475  1.00 25.68 ? 237 ARG A CA    1 
ATOM   281  C C     . ARG A 1 37  ? -2.295  -2.787  -3.315  1.00 25.39 ? 237 ARG A C     1 
ATOM   282  O O     . ARG A 1 37  ? -2.286  -1.892  -4.150  1.00 25.49 ? 237 ARG A O     1 
ATOM   283  C CB    . ARG A 1 37  ? -0.077  -3.812  -2.703  1.00 25.64 ? 237 ARG A CB    1 
ATOM   284  C CG    . ARG A 1 37  ? 1.139   -4.564  -3.233  1.00 25.69 ? 237 ARG A CG    1 
ATOM   285  C CD    . ARG A 1 37  ? 1.315   -5.913  -2.563  1.00 26.98 ? 237 ARG A CD    1 
ATOM   286  N NE    . ARG A 1 37  ? 2.418   -6.000  -1.585  1.00 26.54 ? 237 ARG A NE    1 
ATOM   287  C CZ    . ARG A 1 37  ? 3.558   -6.662  -1.801  1.00 26.02 ? 237 ARG A CZ    1 
ATOM   288  N NH1   . ARG A 1 37  ? 3.730   -7.260  -2.973  1.00 25.02 ? 237 ARG A NH1   1 
ATOM   289  N NH2   . ARG A 1 37  ? 4.523   -6.726  -0.865  1.00 24.36 ? 237 ARG A NH2   1 
ATOM   290  N N     . ILE A 1 38  ? -3.092  -2.749  -2.255  1.00 25.41 ? 238 ILE A N     1 
ATOM   291  C CA    . ILE A 1 38  ? -3.947  -1.583  -1.995  1.00 25.16 ? 238 ILE A CA    1 
ATOM   292  C C     . ILE A 1 38  ? -4.139  -1.374  -0.515  1.00 25.18 ? 238 ILE A C     1 
ATOM   293  O O     . ILE A 1 38  ? -4.126  -2.332  0.254   1.00 25.34 ? 238 ILE A O     1 
ATOM   294  C CB    . ILE A 1 38  ? -5.336  -1.696  -2.629  1.00 25.00 ? 238 ILE A CB    1 
ATOM   295  C CG1   . ILE A 1 38  ? -5.958  -3.051  -2.302  1.00 24.72 ? 238 ILE A CG1   1 
ATOM   296  C CG2   . ILE A 1 38  ? -5.265  -1.417  -4.127  1.00 25.48 ? 238 ILE A CG2   1 
ATOM   297  C CD1   . ILE A 1 38  ? -7.305  -2.945  -1.713  1.00 24.40 ? 238 ILE A CD1   1 
ATOM   298  N N     . VAL A 1 39  ? -4.345  -0.112  -0.132  1.00 25.31 ? 239 VAL A N     1 
ATOM   299  C CA    . VAL A 1 39  ? -4.409  0.260   1.274   1.00 24.91 ? 239 VAL A CA    1 
ATOM   300  C C     . VAL A 1 39  ? -5.803  -0.010  1.817   1.00 25.05 ? 239 VAL A C     1 
ATOM   301  O O     . VAL A 1 39  ? -6.806  0.339   1.191   1.00 25.55 ? 239 VAL A O     1 
ATOM   302  C CB    . VAL A 1 39  ? -3.990  1.747   1.518   1.00 24.73 ? 239 VAL A CB    1 
ATOM   303  C CG1   . VAL A 1 39  ? -3.887  2.048   3.012   1.00 24.04 ? 239 VAL A CG1   1 
ATOM   304  C CG2   . VAL A 1 39  ? -2.670  2.071   0.837   1.00 24.16 ? 239 VAL A CG2   1 
ATOM   305  N N     . LEU A 1 40  ? -5.855  -0.653  2.978   1.00 24.83 ? 240 LEU A N     1 
ATOM   306  C CA    . LEU A 1 40  ? -7.084  -0.755  3.750   1.00 24.47 ? 240 LEU A CA    1 
ATOM   307  C C     . LEU A 1 40  ? -7.048  0.316   4.831   1.00 24.85 ? 240 LEU A C     1 
ATOM   308  O O     . LEU A 1 40  ? -6.080  0.412   5.595   1.00 24.71 ? 240 LEU A O     1 
ATOM   309  C CB    . LEU A 1 40  ? -7.205  -2.151  4.370   1.00 23.71 ? 240 LEU A CB    1 
ATOM   310  C CG    . LEU A 1 40  ? -7.216  -3.356  3.416   1.00 22.61 ? 240 LEU A CG    1 
ATOM   311  C CD1   . LEU A 1 40  ? -7.355  -4.654  4.228   1.00 21.20 ? 240 LEU A CD1   1 
ATOM   312  C CD2   . LEU A 1 40  ? -8.314  -3.244  2.330   1.00 18.52 ? 240 LEU A CD2   1 
ATOM   313  N N     . TYR A 1 41  ? -8.090  1.135   4.880   1.00 25.39 ? 241 TYR A N     1 
ATOM   314  C CA    . TYR A 1 41  ? -8.182  2.161   5.912   1.00 26.19 ? 241 TYR A CA    1 
ATOM   315  C C     . TYR A 1 41  ? -9.620  2.351   6.410   1.00 27.16 ? 241 TYR A C     1 
ATOM   316  O O     . TYR A 1 41  ? -10.593 1.911   5.774   1.00 27.18 ? 241 TYR A O     1 
ATOM   317  C CB    . TYR A 1 41  ? -7.652  3.492   5.376   1.00 26.10 ? 241 TYR A CB    1 
ATOM   318  C CG    . TYR A 1 41  ? -8.437  4.028   4.198   1.00 26.37 ? 241 TYR A CG    1 
ATOM   319  C CD1   . TYR A 1 41  ? -9.656  4.698   4.381   1.00 27.54 ? 241 TYR A CD1   1 
ATOM   320  C CD2   . TYR A 1 41  ? -7.971  3.863   2.900   1.00 25.82 ? 241 TYR A CD2   1 
ATOM   321  C CE1   . TYR A 1 41  ? -10.371 5.187   3.290   1.00 26.75 ? 241 TYR A CE1   1 
ATOM   322  C CE2   . TYR A 1 41  ? -8.685  4.339   1.814   1.00 24.75 ? 241 TYR A CE2   1 
ATOM   323  C CZ    . TYR A 1 41  ? -9.866  4.989   2.011   1.00 25.45 ? 241 TYR A CZ    1 
ATOM   324  O OH    . TYR A 1 41  ? -10.541 5.455   0.914   1.00 27.70 ? 241 TYR A OH    1 
ATOM   325  N N     . ARG A 1 42  ? -9.744  3.038   7.537   1.00 27.64 ? 242 ARG A N     1 
ATOM   326  C CA    . ARG A 1 42  ? -11.036 3.373   8.066   1.00 28.31 ? 242 ARG A CA    1 
ATOM   327  C C     . ARG A 1 42  ? -11.228 4.891   7.906   1.00 28.44 ? 242 ARG A C     1 
ATOM   328  O O     . ARG A 1 42  ? -10.551 5.687   8.574   1.00 28.39 ? 242 ARG A O     1 
ATOM   329  C CB    . ARG A 1 42  ? -11.084 2.944   9.526   1.00 28.44 ? 242 ARG A CB    1 
ATOM   330  C CG    . ARG A 1 42  ? -12.461 2.627   10.073  1.00 30.74 ? 242 ARG A CG    1 
ATOM   331  C CD    . ARG A 1 42  ? -12.335 1.993   11.463  1.00 34.27 ? 242 ARG A CD    1 
ATOM   332  N NE    . ARG A 1 42  ? -11.065 2.382   12.089  1.00 36.76 ? 242 ARG A NE    1 
ATOM   333  C CZ    . ARG A 1 42  ? -10.126 1.536   12.531  1.00 38.03 ? 242 ARG A CZ    1 
ATOM   334  N NH1   . ARG A 1 42  ? -10.291 0.213   12.461  1.00 38.34 ? 242 ARG A NH1   1 
ATOM   335  N NH2   . ARG A 1 42  ? -9.014  2.029   13.069  1.00 38.70 ? 242 ARG A NH2   1 
ATOM   336  N N     . ASP A 1 43  ? -12.131 5.283   7.001   1.00 28.25 ? 243 ASP A N     1 
ATOM   337  C CA    . ASP A 1 43  ? -12.536 6.689   6.812   1.00 28.21 ? 243 ASP A CA    1 
ATOM   338  C C     . ASP A 1 43  ? -11.659 7.496   5.871   1.00 28.31 ? 243 ASP A C     1 
ATOM   339  O O     . ASP A 1 43  ? -12.145 8.113   4.920   1.00 28.47 ? 243 ASP A O     1 
ATOM   340  C CB    . ASP A 1 43  ? -12.616 7.426   8.143   1.00 28.32 ? 243 ASP A CB    1 
ATOM   341  C CG    . ASP A 1 43  ? -13.796 6.996   8.966   1.00 28.60 ? 243 ASP A CG    1 
ATOM   342  O OD1   . ASP A 1 43  ? -14.835 6.653   8.359   1.00 28.54 ? 243 ASP A OD1   1 
ATOM   343  O OD2   . ASP A 1 43  ? -13.694 7.008   10.215  1.00 28.85 ? 243 ASP A OD2   1 
ATOM   344  N N     . SER A 1 44  ? -10.367 7.517   6.162   1.00 28.20 ? 244 SER A N     1 
ATOM   345  C CA    . SER A 1 44  ? -9.418  8.221   5.323   1.00 28.00 ? 244 SER A CA    1 
ATOM   346  C C     . SER A 1 44  ? -7.996  7.788   5.645   1.00 27.89 ? 244 SER A C     1 
ATOM   347  O O     . SER A 1 44  ? -7.754  7.038   6.595   1.00 27.62 ? 244 SER A O     1 
ATOM   348  C CB    . SER A 1 44  ? -9.549  9.741   5.501   1.00 28.02 ? 244 SER A CB    1 
ATOM   349  O OG    . SER A 1 44  ? -8.957  10.165  6.721   1.00 27.70 ? 244 SER A OG    1 
ATOM   350  N N     . LEU A 1 45  ? -7.057  8.310   4.861   1.00 27.87 ? 245 LEU A N     1 
ATOM   351  C CA    . LEU A 1 45  ? -5.653  8.007   5.021   1.00 27.88 ? 245 LEU A CA    1 
ATOM   352  C C     . LEU A 1 45  ? -5.073  8.571   6.317   1.00 28.24 ? 245 LEU A C     1 
ATOM   353  O O     . LEU A 1 45  ? -3.874  8.458   6.581   1.00 29.08 ? 245 LEU A O     1 
ATOM   354  C CB    . LEU A 1 45  ? -4.883  8.467   3.784   1.00 27.74 ? 245 LEU A CB    1 
ATOM   355  C CG    . LEU A 1 45  ? -5.118  7.506   2.607   1.00 27.30 ? 245 LEU A CG    1 
ATOM   356  C CD1   . LEU A 1 45  ? -4.546  8.033   1.293   1.00 26.19 ? 245 LEU A CD1   1 
ATOM   357  C CD2   . LEU A 1 45  ? -4.597  6.094   2.918   1.00 25.47 ? 245 LEU A CD2   1 
ATOM   358  N N     . ASP A 1 46  ? -5.935  9.152   7.142   1.00 28.14 ? 246 ASP A N     1 
ATOM   359  C CA    . ASP A 1 46  ? -5.558  9.487   8.496   1.00 28.23 ? 246 ASP A CA    1 
ATOM   360  C C     . ASP A 1 46  ? -5.548  8.244   9.332   1.00 28.18 ? 246 ASP A C     1 
ATOM   361  O O     . ASP A 1 46  ? -5.019  8.242   10.438  1.00 28.42 ? 246 ASP A O     1 
ATOM   362  C CB    . ASP A 1 46  ? -6.568  10.433  9.091   1.00 28.46 ? 246 ASP A CB    1 
ATOM   363  C CG    . ASP A 1 46  ? -6.453  11.811  8.529   1.00 29.73 ? 246 ASP A CG    1 
ATOM   364  O OD1   . ASP A 1 46  ? -5.511  12.072  7.729   1.00 30.79 ? 246 ASP A OD1   1 
ATOM   365  O OD2   . ASP A 1 46  ? -7.309  12.634  8.903   1.00 30.47 ? 246 ASP A OD2   1 
ATOM   366  N N     . ASP A 1 47  ? -6.164  7.190   8.815   1.00 28.12 ? 247 ASP A N     1 
ATOM   367  C CA    . ASP A 1 47  ? -6.238  5.947   9.546   1.00 28.12 ? 247 ASP A CA    1 
ATOM   368  C C     . ASP A 1 47  ? -5.981  4.720   8.661   1.00 27.88 ? 247 ASP A C     1 
ATOM   369  O O     . ASP A 1 47  ? -6.811  3.809   8.577   1.00 28.21 ? 247 ASP A O     1 
ATOM   370  C CB    . ASP A 1 47  ? -7.578  5.846   10.286  1.00 28.07 ? 247 ASP A CB    1 
ATOM   371  C CG    . ASP A 1 47  ? -7.550  4.816   11.394  1.00 28.75 ? 247 ASP A CG    1 
ATOM   372  O OD1   . ASP A 1 47  ? -6.470  4.247   11.678  1.00 29.75 ? 247 ASP A OD1   1 
ATOM   373  O OD2   . ASP A 1 47  ? -8.611  4.568   11.989  1.00 30.14 ? 247 ASP A OD2   1 
ATOM   374  N N     . ALA A 1 48  ? -4.819  4.704   8.015   1.00 27.52 ? 248 ALA A N     1 
ATOM   375  C CA    . ALA A 1 48  ? -4.383  3.543   7.248   1.00 27.16 ? 248 ALA A CA    1 
ATOM   376  C C     . ALA A 1 48  ? -4.166  2.362   8.184   1.00 27.24 ? 248 ALA A C     1 
ATOM   377  O O     . ALA A 1 48  ? -3.584  2.496   9.259   1.00 27.51 ? 248 ALA A O     1 
ATOM   378  C CB    . ALA A 1 48  ? -3.127  3.852   6.495   1.00 27.03 ? 248 ALA A CB    1 
ATOM   379  N N     . ILE A 1 49  ? -4.646  1.199   7.774   1.00 27.33 ? 249 ILE A N     1 
ATOM   380  C CA    . ILE A 1 49  ? -4.605  0.028   8.638   1.00 27.52 ? 249 ILE A CA    1 
ATOM   381  C C     . ILE A 1 49  ? -3.618  -1.046  8.166   1.00 27.58 ? 249 ILE A C     1 
ATOM   382  O O     . ILE A 1 49  ? -2.796  -1.529  8.946   1.00 28.10 ? 249 ILE A O     1 
ATOM   383  C CB    . ILE A 1 49  ? -5.999  -0.588  8.797   1.00 27.26 ? 249 ILE A CB    1 
ATOM   384  C CG1   . ILE A 1 49  ? -6.956  0.479   9.307   1.00 26.94 ? 249 ILE A CG1   1 
ATOM   385  C CG2   . ILE A 1 49  ? -5.932  -1.812  9.713   1.00 27.48 ? 249 ILE A CG2   1 
ATOM   386  C CD1   . ILE A 1 49  ? -8.014  -0.031  10.235  1.00 27.82 ? 249 ILE A CD1   1 
ATOM   387  N N     . SER A 1 50  ? -3.702  -1.413  6.892   1.00 27.48 ? 250 SER A N     1 
ATOM   388  C CA    . SER A 1 50  ? -2.865  -2.469  6.357   1.00 26.95 ? 250 SER A CA    1 
ATOM   389  C C     . SER A 1 50  ? -2.722  -2.372  4.849   1.00 26.45 ? 250 SER A C     1 
ATOM   390  O O     . SER A 1 50  ? -3.418  -1.605  4.183   1.00 26.13 ? 250 SER A O     1 
ATOM   391  C CB    . SER A 1 50  ? -3.442  -3.822  6.755   1.00 27.13 ? 250 SER A CB    1 
ATOM   392  O OG    . SER A 1 50  ? -4.836  -3.835  6.521   1.00 28.09 ? 250 SER A OG    1 
ATOM   393  N N     . MET A 1 51  ? -1.780  -3.145  4.316   1.00 26.37 ? 251 MET A N     1 
ATOM   394  C CA    . MET A 1 51  ? -1.565  -3.213  2.881   1.00 26.11 ? 251 MET A CA    1 
ATOM   395  C C     . MET A 1 51  ? -1.981  -4.610  2.434   1.00 26.54 ? 251 MET A C     1 
ATOM   396  O O     . MET A 1 51  ? -1.530  -5.606  3.001   1.00 27.17 ? 251 MET A O     1 
ATOM   397  C CB    . MET A 1 51  ? -0.099  -2.918  2.555   1.00 24.92 ? 251 MET A CB    1 
ATOM   398  C CG    . MET A 1 51  ? 0.196   -2.778  1.094   1.00 23.05 ? 251 MET A CG    1 
ATOM   399  S SD    . MET A 1 51  ? -0.350  -1.218  0.370   1.00 22.83 ? 251 MET A SD    1 
ATOM   400  C CE    . MET A 1 51  ? 0.670   -0.056  1.298   1.00 20.94 ? 251 MET A CE    1 
ATOM   401  N N     . LEU A 1 52  ? -2.868  -4.682  1.446   1.00 26.99 ? 252 LEU A N     1 
ATOM   402  C CA    . LEU A 1 52  ? -3.507  -5.946  1.084   1.00 27.53 ? 252 LEU A CA    1 
ATOM   403  C C     . LEU A 1 52  ? -3.044  -6.340  -0.291  1.00 27.54 ? 252 LEU A C     1 
ATOM   404  O O     . LEU A 1 52  ? -3.163  -5.546  -1.238  1.00 27.14 ? 252 LEU A O     1 
ATOM   405  C CB    . LEU A 1 52  ? -5.034  -5.782  1.101   1.00 27.98 ? 252 LEU A CB    1 
ATOM   406  C CG    . LEU A 1 52  ? -6.056  -6.939  1.135   1.00 28.38 ? 252 LEU A CG    1 
ATOM   407  C CD1   . LEU A 1 52  ? -6.747  -7.137  -0.206  1.00 28.31 ? 252 LEU A CD1   1 
ATOM   408  C CD2   . LEU A 1 52  ? -5.492  -8.260  1.666   1.00 29.01 ? 252 LEU A CD2   1 
ATOM   409  N N     . ARG A 1 53  ? -2.487  -7.548  -0.399  1.00 27.72 ? 253 ARG A N     1 
ATOM   410  C CA    . ARG A 1 53  ? -2.099  -8.053  -1.703  1.00 27.80 ? 253 ARG A CA    1 
ATOM   411  C C     . ARG A 1 53  ? -3.358  -8.531  -2.350  1.00 27.82 ? 253 ARG A C     1 
ATOM   412  O O     . ARG A 1 53  ? -3.980  -9.484  -1.889  1.00 27.79 ? 253 ARG A O     1 
ATOM   413  C CB    . ARG A 1 53  ? -1.069  -9.161  -1.584  1.00 27.93 ? 253 ARG A CB    1 
ATOM   414  C CG    . ARG A 1 53  ? 0.235   -8.633  -1.070  1.00 28.28 ? 253 ARG A CG    1 
ATOM   415  C CD    . ARG A 1 53  ? 1.215   -9.714  -0.749  1.00 29.95 ? 253 ARG A CD    1 
ATOM   416  N NE    . ARG A 1 53  ? 0.965   -10.276 0.569   1.00 32.03 ? 253 ARG A NE    1 
ATOM   417  C CZ    . ARG A 1 53  ? 0.460   -11.493 0.773   1.00 34.28 ? 253 ARG A CZ    1 
ATOM   418  N NH1   . ARG A 1 53  ? 0.161   -12.273 -0.263  1.00 33.82 ? 253 ARG A NH1   1 
ATOM   419  N NH2   . ARG A 1 53  ? 0.261   -11.933 2.016   1.00 35.00 ? 253 ARG A NH2   1 
ATOM   420  N N     . VAL A 1 54  ? -3.759  -7.820  -3.392  1.00 28.01 ? 254 VAL A N     1 
ATOM   421  C CA    . VAL A 1 54  ? -5.000  -8.115  -4.103  1.00 28.86 ? 254 VAL A CA    1 
ATOM   422  C C     . VAL A 1 54  ? -5.073  -9.586  -4.562  1.00 29.22 ? 254 VAL A C     1 
ATOM   423  O O     . VAL A 1 54  ? -6.068  -10.276 -4.292  1.00 29.26 ? 254 VAL A O     1 
ATOM   424  C CB    . VAL A 1 54  ? -5.185  -7.132  -5.293  1.00 28.75 ? 254 VAL A CB    1 
ATOM   425  C CG1   . VAL A 1 54  ? -6.474  -7.377  -5.995  1.00 29.25 ? 254 VAL A CG1   1 
ATOM   426  C CG2   . VAL A 1 54  ? -5.185  -5.710  -4.785  1.00 29.39 ? 254 VAL A CG2   1 
ATOM   427  N N     . ARG A 1 55  ? -4.003  -10.051 -5.219  1.00 29.84 ? 255 ARG A N     1 
ATOM   428  C CA    . ARG A 1 55  ? -3.906  -11.416 -5.746  1.00 30.51 ? 255 ARG A CA    1 
ATOM   429  C C     . ARG A 1 55  ? -4.210  -12.447 -4.682  1.00 30.78 ? 255 ARG A C     1 
ATOM   430  O O     . ARG A 1 55  ? -4.827  -13.470 -4.964  1.00 31.30 ? 255 ARG A O     1 
ATOM   431  C CB    . ARG A 1 55  ? -2.516  -11.684 -6.339  1.00 30.90 ? 255 ARG A CB    1 
ATOM   432  C CG    . ARG A 1 55  ? -2.150  -13.158 -6.403  1.00 30.85 ? 255 ARG A CG    1 
ATOM   433  C CD    . ARG A 1 55  ? -1.259  -13.466 -7.589  1.00 32.59 ? 255 ARG A CD    1 
ATOM   434  N NE    . ARG A 1 55  ? 0.132   -13.663 -7.198  1.00 32.82 ? 255 ARG A NE    1 
ATOM   435  C CZ    . ARG A 1 55  ? 1.032   -12.691 -7.104  1.00 34.28 ? 255 ARG A CZ    1 
ATOM   436  N NH1   . ARG A 1 55  ? 0.716   -11.404 -7.370  1.00 35.60 ? 255 ARG A NH1   1 
ATOM   437  N NH2   . ARG A 1 55  ? 2.260   -13.018 -6.730  1.00 33.74 ? 255 ARG A NH2   1 
ATOM   438  N N     . GLU A 1 56  ? -3.766  -12.166 -3.464  1.00 30.83 ? 256 GLU A N     1 
ATOM   439  C CA    . GLU A 1 56  ? -4.044  -12.999 -2.321  1.00 31.13 ? 256 GLU A CA    1 
ATOM   440  C C     . GLU A 1 56  ? -5.534  -13.018 -1.985  1.00 31.38 ? 256 GLU A C     1 
ATOM   441  O O     . GLU A 1 56  ? -6.102  -14.069 -1.661  1.00 31.72 ? 256 GLU A O     1 
ATOM   442  C CB    . GLU A 1 56  ? -3.289  -12.452 -1.125  1.00 31.44 ? 256 GLU A CB    1 
ATOM   443  C CG    . GLU A 1 56  ? -2.562  -13.477 -0.314  1.00 33.27 ? 256 GLU A CG    1 
ATOM   444  C CD    . GLU A 1 56  ? -3.211  -14.829 -0.377  1.00 36.27 ? 256 GLU A CD    1 
ATOM   445  O OE1   . GLU A 1 56  ? -3.866  -15.216 0.622   1.00 37.19 ? 256 GLU A OE1   1 
ATOM   446  O OE2   . GLU A 1 56  ? -3.069  -15.497 -1.430  1.00 37.65 ? 256 GLU A OE2   1 
ATOM   447  N N     . ALA A 1 57  ? -6.163  -11.847 -2.044  1.00 31.21 ? 257 ALA A N     1 
ATOM   448  C CA    . ALA A 1 57  ? -7.559  -11.717 -1.664  1.00 31.07 ? 257 ALA A CA    1 
ATOM   449  C C     . ALA A 1 57  ? -8.417  -12.487 -2.656  1.00 31.02 ? 257 ALA A C     1 
ATOM   450  O O     . ALA A 1 57  ? -9.302  -13.267 -2.272  1.00 30.87 ? 257 ALA A O     1 
ATOM   451  C CB    . ALA A 1 57  ? -7.955  -10.245 -1.634  1.00 30.93 ? 257 ALA A CB    1 
ATOM   452  N N     . TYR A 1 58  ? -8.127  -12.261 -3.935  1.00 30.81 ? 258 TYR A N     1 
ATOM   453  C CA    . TYR A 1 58  ? -8.782  -12.958 -5.031  1.00 30.89 ? 258 TYR A CA    1 
ATOM   454  C C     . TYR A 1 58  ? -8.696  -14.448 -4.827  1.00 30.78 ? 258 TYR A C     1 
ATOM   455  O O     . TYR A 1 58  ? -9.678  -15.156 -4.973  1.00 30.71 ? 258 TYR A O     1 
ATOM   456  C CB    . TYR A 1 58  ? -8.073  -12.621 -6.329  1.00 30.81 ? 258 TYR A CB    1 
ATOM   457  C CG    . TYR A 1 58  ? -8.349  -11.251 -6.827  1.00 30.52 ? 258 TYR A CG    1 
ATOM   458  C CD1   . TYR A 1 58  ? -9.116  -10.355 -6.073  1.00 29.56 ? 258 TYR A CD1   1 
ATOM   459  C CD2   . TYR A 1 58  ? -7.829  -10.832 -8.051  1.00 30.43 ? 258 TYR A CD2   1 
ATOM   460  C CE1   . TYR A 1 58  ? -9.375  -9.077  -6.531  1.00 30.07 ? 258 TYR A CE1   1 
ATOM   461  C CE2   . TYR A 1 58  ? -8.078  -9.545  -8.526  1.00 30.74 ? 258 TYR A CE2   1 
ATOM   462  C CZ    . TYR A 1 58  ? -8.857  -8.673  -7.760  1.00 30.32 ? 258 TYR A CZ    1 
ATOM   463  O OH    . TYR A 1 58  ? -9.100  -7.399  -8.215  1.00 30.14 ? 258 TYR A OH    1 
ATOM   464  N N     . ARG A 1 59  ? -7.495  -14.903 -4.492  1.00 30.91 ? 259 ARG A N     1 
ATOM   465  C CA    . ARG A 1 59  ? -7.238  -16.299 -4.242  1.00 31.16 ? 259 ARG A CA    1 
ATOM   466  C C     . ARG A 1 59  ? -8.176  -16.780 -3.143  1.00 31.05 ? 259 ARG A C     1 
ATOM   467  O O     . ARG A 1 59  ? -8.838  -17.799 -3.299  1.00 31.21 ? 259 ARG A O     1 
ATOM   468  C CB    . ARG A 1 59  ? -5.775  -16.506 -3.843  1.00 31.21 ? 259 ARG A CB    1 
ATOM   469  C CG    . ARG A 1 59  ? -5.351  -17.947 -3.780  1.00 32.19 ? 259 ARG A CG    1 
ATOM   470  C CD    . ARG A 1 59  ? -4.080  -18.109 -2.976  1.00 34.35 ? 259 ARG A CD    1 
ATOM   471  N NE    . ARG A 1 59  ? -4.230  -19.187 -1.996  1.00 37.20 ? 259 ARG A NE    1 
ATOM   472  C CZ    . ARG A 1 59  ? -4.471  -19.009 -0.690  1.00 38.38 ? 259 ARG A CZ    1 
ATOM   473  N NH1   . ARG A 1 59  ? -4.595  -20.064 0.120   1.00 38.23 ? 259 ARG A NH1   1 
ATOM   474  N NH2   . ARG A 1 59  ? -4.570  -17.777 -0.183  1.00 39.76 ? 259 ARG A NH2   1 
ATOM   475  N N     . LEU A 1 60  ? -8.260  -16.033 -2.047  1.00 30.78 ? 260 LEU A N     1 
ATOM   476  C CA    . LEU A 1 60  ? -9.090  -16.458 -0.918  1.00 30.55 ? 260 LEU A CA    1 
ATOM   477  C C     . LEU A 1 60  ? -10.573 -16.486 -1.278  1.00 30.68 ? 260 LEU A C     1 
ATOM   478  O O     . LEU A 1 60  ? -11.327 -17.369 -0.832  1.00 30.39 ? 260 LEU A O     1 
ATOM   479  C CB    . LEU A 1 60  ? -8.838  -15.554 0.278   1.00 30.37 ? 260 LEU A CB    1 
ATOM   480  C CG    . LEU A 1 60  ? -7.423  -15.729 0.820   1.00 29.76 ? 260 LEU A CG    1 
ATOM   481  C CD1   . LEU A 1 60  ? -7.027  -14.570 1.689   1.00 28.79 ? 260 LEU A CD1   1 
ATOM   482  C CD2   . LEU A 1 60  ? -7.305  -17.043 1.573   1.00 29.27 ? 260 LEU A CD2   1 
ATOM   483  N N     . MET A 1 61  ? -10.959 -15.515 -2.110  1.00 30.53 ? 261 MET A N     1 
ATOM   484  C CA    . MET A 1 61  ? -12.323 -15.364 -2.580  1.00 30.27 ? 261 MET A CA    1 
ATOM   485  C C     . MET A 1 61  ? -12.783 -16.586 -3.366  1.00 30.85 ? 261 MET A C     1 
ATOM   486  O O     . MET A 1 61  ? -13.951 -16.953 -3.291  1.00 31.16 ? 261 MET A O     1 
ATOM   487  C CB    . MET A 1 61  ? -12.453 -14.103 -3.438  1.00 29.79 ? 261 MET A CB    1 
ATOM   488  C CG    . MET A 1 61  ? -12.642 -12.834 -2.648  1.00 27.64 ? 261 MET A CG    1 
ATOM   489  S SD    . MET A 1 61  ? -12.336 -11.335 -3.611  1.00 24.44 ? 261 MET A SD    1 
ATOM   490  C CE    . MET A 1 61  ? -13.724 -11.285 -4.732  1.00 22.99 ? 261 MET A CE    1 
ATOM   491  N N     . THR A 1 62  ? -11.869 -17.206 -4.113  1.00 31.25 ? 262 THR A N     1 
ATOM   492  C CA    . THR A 1 62  ? -12.202 -18.365 -4.941  1.00 31.77 ? 262 THR A CA    1 
ATOM   493  C C     . THR A 1 62  ? -12.445 -19.640 -4.125  1.00 32.35 ? 262 THR A C     1 
ATOM   494  O O     . THR A 1 62  ? -12.980 -20.612 -4.655  1.00 32.67 ? 262 THR A O     1 
ATOM   495  C CB    . THR A 1 62  ? -11.104 -18.683 -5.980  1.00 31.70 ? 262 THR A CB    1 
ATOM   496  O OG1   . THR A 1 62  ? -9.889  -19.003 -5.303  1.00 31.79 ? 262 THR A OG1   1 
ATOM   497  C CG2   . THR A 1 62  ? -10.850 -17.517 -6.908  1.00 31.72 ? 262 THR A CG2   1 
ATOM   498  N N     . GLU A 1 63  ? -12.065 -19.641 -2.848  1.00 32.86 ? 263 GLU A N     1 
ATOM   499  C CA    . GLU A 1 63  ? -12.136 -20.864 -2.035  1.00 33.54 ? 263 GLU A CA    1 
ATOM   500  C C     . GLU A 1 63  ? -13.534 -21.228 -1.558  1.00 33.61 ? 263 GLU A C     1 
ATOM   501  O O     . GLU A 1 63  ? -14.470 -20.442 -1.720  1.00 33.68 ? 263 GLU A O     1 
ATOM   502  C CB    . GLU A 1 63  ? -11.226 -20.752 -0.825  1.00 33.72 ? 263 GLU A CB    1 
ATOM   503  C CG    . GLU A 1 63  ? -9.779  -20.946 -1.154  1.00 34.82 ? 263 GLU A CG    1 
ATOM   504  C CD    . GLU A 1 63  ? -8.905  -20.679 0.045   1.00 36.65 ? 263 GLU A CD    1 
ATOM   505  O OE1   . GLU A 1 63  ? -9.459  -20.567 1.166   1.00 36.65 ? 263 GLU A OE1   1 
ATOM   506  O OE2   . GLU A 1 63  ? -7.664  -20.588 -0.134  1.00 38.00 ? 263 GLU A OE2   1 
ATOM   507  N N     . LYS A 1 64  ? -13.648 -22.413 -0.945  1.00 33.68 ? 264 LYS A N     1 
ATOM   508  C CA    . LYS A 1 64  ? -14.930 -22.956 -0.471  1.00 33.38 ? 264 LYS A CA    1 
ATOM   509  C C     . LYS A 1 64  ? -15.639 -22.077 0.580   1.00 33.14 ? 264 LYS A C     1 
ATOM   510  O O     . LYS A 1 64  ? -16.821 -21.781 0.425   1.00 33.31 ? 264 LYS A O     1 
ATOM   511  C CB    . LYS A 1 64  ? -14.762 -24.397 0.041   1.00 33.25 ? 264 LYS A CB    1 
ATOM   512  N N     . LYS A 1 65  ? -14.930 -21.662 1.633   1.00 32.62 ? 265 LYS A N     1 
ATOM   513  C CA    . LYS A 1 65  ? -15.525 -20.816 2.687   1.00 32.18 ? 265 LYS A CA    1 
ATOM   514  C C     . LYS A 1 65  ? -15.906 -19.422 2.175   1.00 31.98 ? 265 LYS A C     1 
ATOM   515  O O     . LYS A 1 65  ? -15.194 -18.839 1.339   1.00 32.10 ? 265 LYS A O     1 
ATOM   516  C CB    . LYS A 1 65  ? -14.570 -20.679 3.882   1.00 32.07 ? 265 LYS A CB    1 
ATOM   517  N N     . GLU A 1 66  ? -17.027 -18.893 2.675   1.00 31.46 ? 266 GLU A N     1 
ATOM   518  C CA    . GLU A 1 66  ? -17.462 -17.533 2.327   1.00 30.97 ? 266 GLU A CA    1 
ATOM   519  C C     . GLU A 1 66  ? -16.363 -16.534 2.689   1.00 30.55 ? 266 GLU A C     1 
ATOM   520  O O     . GLU A 1 66  ? -15.833 -16.560 3.806   1.00 30.40 ? 266 GLU A O     1 
ATOM   521  C CB    . GLU A 1 66  ? -18.788 -17.159 3.015   1.00 30.88 ? 266 GLU A CB    1 
ATOM   522  N N     . PHE A 1 67  ? -16.006 -15.683 1.726   1.00 29.94 ? 267 PHE A N     1 
ATOM   523  C CA    . PHE A 1 67  ? -14.991 -14.658 1.928   1.00 29.06 ? 267 PHE A CA    1 
ATOM   524  C C     . PHE A 1 67  ? -15.549 -13.527 2.784   1.00 28.80 ? 267 PHE A C     1 
ATOM   525  O O     . PHE A 1 67  ? -16.593 -12.968 2.453   1.00 29.22 ? 267 PHE A O     1 
ATOM   526  C CB    . PHE A 1 67  ? -14.523 -14.123 0.580   1.00 28.79 ? 267 PHE A CB    1 
ATOM   527  C CG    . PHE A 1 67  ? -13.421 -13.131 0.693   1.00 28.82 ? 267 PHE A CG    1 
ATOM   528  C CD1   . PHE A 1 67  ? -12.117 -13.554 0.908   1.00 27.74 ? 267 PHE A CD1   1 
ATOM   529  C CD2   . PHE A 1 67  ? -13.682 -11.773 0.615   1.00 28.06 ? 267 PHE A CD2   1 
ATOM   530  C CE1   . PHE A 1 67  ? -11.099 -12.653 1.019   1.00 27.65 ? 267 PHE A CE1   1 
ATOM   531  C CE2   . PHE A 1 67  ? -12.659 -10.863 0.727   1.00 28.42 ? 267 PHE A CE2   1 
ATOM   532  C CZ    . PHE A 1 67  ? -11.365 -11.300 0.930   1.00 28.00 ? 267 PHE A CZ    1 
ATOM   533  N N     . THR A 1 68  ? -14.873 -13.194 3.880   1.00 28.35 ? 268 THR A N     1 
ATOM   534  C CA    . THR A 1 68  ? -15.437 -12.231 4.832   1.00 28.36 ? 268 THR A CA    1 
ATOM   535  C C     . THR A 1 68  ? -14.512 -11.049 5.054   1.00 28.55 ? 268 THR A C     1 
ATOM   536  O O     . THR A 1 68  ? -13.362 -11.067 4.609   1.00 29.27 ? 268 THR A O     1 
ATOM   537  C CB    . THR A 1 68  ? -15.751 -12.882 6.187   1.00 28.18 ? 268 THR A CB    1 
ATOM   538  O OG1   . THR A 1 68  ? -14.562 -12.958 6.968   1.00 28.43 ? 268 THR A OG1   1 
ATOM   539  C CG2   . THR A 1 68  ? -16.290 -14.269 6.006   1.00 28.19 ? 268 THR A CG2   1 
ATOM   540  N N     . LYS A 1 69  ? -15.023 -10.018 5.728   1.00 28.49 ? 269 LYS A N     1 
ATOM   541  C CA    . LYS A 1 69  ? -14.246 -8.827  6.076   1.00 28.21 ? 269 LYS A CA    1 
ATOM   542  C C     . LYS A 1 69  ? -13.126 -9.197  7.022   1.00 28.10 ? 269 LYS A C     1 
ATOM   543  O O     . LYS A 1 69  ? -12.001 -8.737  6.882   1.00 28.24 ? 269 LYS A O     1 
ATOM   544  C CB    . LYS A 1 69  ? -15.158 -7.786  6.711   1.00 28.23 ? 269 LYS A CB    1 
ATOM   545  C CG    . LYS A 1 69  ? -14.460 -6.564  7.281   1.00 28.61 ? 269 LYS A CG    1 
ATOM   546  C CD    . LYS A 1 69  ? -15.183 -5.304  6.817   1.00 28.83 ? 269 LYS A CD    1 
ATOM   547  C CE    . LYS A 1 69  ? -15.391 -4.290  7.933   1.00 28.19 ? 269 LYS A CE    1 
ATOM   548  N NZ    . LYS A 1 69  ? -16.573 -3.437  7.601   1.00 28.94 ? 269 LYS A NZ    1 
ATOM   549  N N     . GLU A 1 70  ? -13.451 -10.058 7.977   1.00 28.26 ? 270 GLU A N     1 
ATOM   550  C CA    . GLU A 1 70  ? -12.486 -10.601 8.920   1.00 28.39 ? 270 GLU A CA    1 
ATOM   551  C C     . GLU A 1 70  ? -11.340 -11.361 8.216   1.00 27.90 ? 270 GLU A C     1 
ATOM   552  O O     . GLU A 1 70  ? -10.157 -11.200 8.562   1.00 27.95 ? 270 GLU A O     1 
ATOM   553  C CB    . GLU A 1 70  ? -13.223 -11.510 9.897   1.00 28.60 ? 270 GLU A CB    1 
ATOM   554  C CG    . GLU A 1 70  ? -12.327 -12.360 10.742  1.00 30.81 ? 270 GLU A CG    1 
ATOM   555  C CD    . GLU A 1 70  ? -11.815 -11.621 11.951  1.00 33.55 ? 270 GLU A CD    1 
ATOM   556  O OE1   . GLU A 1 70  ? -11.646 -10.376 11.881  1.00 32.91 ? 270 GLU A OE1   1 
ATOM   557  O OE2   . GLU A 1 70  ? -11.593 -12.308 12.979  1.00 36.38 ? 270 GLU A OE2   1 
ATOM   558  N N     . ILE A 1 71  ? -11.703 -12.171 7.223   1.00 26.96 ? 271 ILE A N     1 
ATOM   559  C CA    . ILE A 1 71  ? -10.736 -12.918 6.434   1.00 26.28 ? 271 ILE A CA    1 
ATOM   560  C C     . ILE A 1 71  ? -9.852  -11.949 5.649   1.00 25.98 ? 271 ILE A C     1 
ATOM   561  O O     . ILE A 1 71  ? -8.618  -12.084 5.660   1.00 26.11 ? 271 ILE A O     1 
ATOM   562  C CB    . ILE A 1 71  ? -11.439 -13.973 5.525   1.00 26.22 ? 271 ILE A CB    1 
ATOM   563  C CG1   . ILE A 1 71  ? -11.582 -15.320 6.260   1.00 26.00 ? 271 ILE A CG1   1 
ATOM   564  C CG2   . ILE A 1 71  ? -10.671 -14.200 4.220   1.00 25.96 ? 271 ILE A CG2   1 
ATOM   565  C CD1   . ILE A 1 71  ? -12.494 -15.336 7.515   1.00 25.31 ? 271 ILE A CD1   1 
ATOM   566  N N     . MET A 1 72  ? -10.488 -10.958 5.015   1.00 25.31 ? 272 MET A N     1 
ATOM   567  C CA    . MET A 1 72  ? -9.790  -9.942  4.230   1.00 24.48 ? 272 MET A CA    1 
ATOM   568  C C     . MET A 1 72  ? -8.733  -9.224  5.060   1.00 24.69 ? 272 MET A C     1 
ATOM   569  O O     . MET A 1 72  ? -7.578  -9.136  4.663   1.00 23.86 ? 272 MET A O     1 
ATOM   570  C CB    . MET A 1 72  ? -10.780 -8.926  3.658   1.00 24.07 ? 272 MET A CB    1 
ATOM   571  C CG    . MET A 1 72  ? -10.123 -7.937  2.725   1.00 21.71 ? 272 MET A CG    1 
ATOM   572  S SD    . MET A 1 72  ? -11.209 -6.634  2.118   1.00 15.90 ? 272 MET A SD    1 
ATOM   573  C CE    . MET A 1 72  ? -11.495 -5.802  3.669   1.00 13.85 ? 272 MET A CE    1 
ATOM   574  N N     . LEU A 1 73  ? -9.147  -8.722  6.222   1.00 25.46 ? 273 LEU A N     1 
ATOM   575  C CA    . LEU A 1 73  ? -8.259  -7.958  7.097   1.00 26.29 ? 273 LEU A CA    1 
ATOM   576  C C     . LEU A 1 73  ? -7.066  -8.757  7.620   1.00 27.34 ? 273 LEU A C     1 
ATOM   577  O O     . LEU A 1 73  ? -5.956  -8.226  7.743   1.00 27.91 ? 273 LEU A O     1 
ATOM   578  C CB    . LEU A 1 73  ? -9.050  -7.386  8.261   1.00 26.02 ? 273 LEU A CB    1 
ATOM   579  C CG    . LEU A 1 73  ? -9.986  -6.255  7.834   1.00 25.08 ? 273 LEU A CG    1 
ATOM   580  C CD1   . LEU A 1 73  ? -10.895 -5.870  8.965   1.00 22.14 ? 273 LEU A CD1   1 
ATOM   581  C CD2   . LEU A 1 73  ? -9.163  -5.072  7.379   1.00 25.34 ? 273 LEU A CD2   1 
ATOM   582  N N     . ARG A 1 74  ? -7.283  -10.034 7.911   1.00 27.94 ? 274 ARG A N     1 
ATOM   583  C CA    . ARG A 1 74  ? -6.215  -10.854 8.458   1.00 28.81 ? 274 ARG A CA    1 
ATOM   584  C C     . ARG A 1 74  ? -5.269  -11.300 7.341   1.00 28.21 ? 274 ARG A C     1 
ATOM   585  O O     . ARG A 1 74  ? -4.186  -11.803 7.614   1.00 28.50 ? 274 ARG A O     1 
ATOM   586  C CB    . ARG A 1 74  ? -6.805  -12.029 9.249   1.00 29.30 ? 274 ARG A CB    1 
ATOM   587  C CG    . ARG A 1 74  ? -7.834  -11.541 10.262  1.00 32.72 ? 274 ARG A CG    1 
ATOM   588  C CD    . ARG A 1 74  ? -8.025  -12.470 11.439  1.00 39.72 ? 274 ARG A CD    1 
ATOM   589  N NE    . ARG A 1 74  ? -8.934  -13.571 11.126  1.00 44.81 ? 274 ARG A NE    1 
ATOM   590  C CZ    . ARG A 1 74  ? -8.546  -14.814 10.827  1.00 47.75 ? 274 ARG A CZ    1 
ATOM   591  N NH1   . ARG A 1 74  ? -7.245  -15.137 10.803  1.00 47.79 ? 274 ARG A NH1   1 
ATOM   592  N NH2   . ARG A 1 74  ? -9.471  -15.743 10.556  1.00 48.71 ? 274 ARG A NH2   1 
ATOM   593  N N     . ALA A 1 75  ? -5.686  -11.087 6.092   1.00 27.65 ? 275 ALA A N     1 
ATOM   594  C CA    . ALA A 1 75  ? -4.895  -11.425 4.918   1.00 27.29 ? 275 ALA A CA    1 
ATOM   595  C C     . ALA A 1 75  ? -3.974  -10.282 4.517   1.00 27.61 ? 275 ALA A C     1 
ATOM   596  O O     . ALA A 1 75  ? -2.981  -10.495 3.815   1.00 27.89 ? 275 ALA A O     1 
ATOM   597  C CB    . ALA A 1 75  ? -5.807  -11.781 3.769   1.00 26.88 ? 275 ALA A CB    1 
ATOM   598  N N     . ALA A 1 76  ? -4.319  -9.067  4.939   1.00 27.75 ? 276 ALA A N     1 
ATOM   599  C CA    . ALA A 1 76  ? -3.500  -7.890  4.661   1.00 27.61 ? 276 ALA A CA    1 
ATOM   600  C C     . ALA A 1 76  ? -2.260  -7.891  5.555   1.00 27.42 ? 276 ALA A C     1 
ATOM   601  O O     . ALA A 1 76  ? -2.251  -8.534  6.607   1.00 27.24 ? 276 ALA A O     1 
ATOM   602  C CB    . ALA A 1 76  ? -4.304  -6.635  4.850   1.00 27.27 ? 276 ALA A CB    1 
ATOM   603  N N     . ASP A 1 77  ? -1.212  -7.208  5.100   1.00 27.49 ? 277 ASP A N     1 
ATOM   604  C CA    . ASP A 1 77  ? 0.044   -7.067  5.846   1.00 27.84 ? 277 ASP A CA    1 
ATOM   605  C C     . ASP A 1 77  ? 0.140   -5.683  6.432   1.00 27.86 ? 277 ASP A C     1 
ATOM   606  O O     . ASP A 1 77  ? -0.389  -4.711  5.874   1.00 27.42 ? 277 ASP A O     1 
ATOM   607  C CB    . ASP A 1 77  ? 1.236   -7.255  4.927   1.00 27.81 ? 277 ASP A CB    1 
ATOM   608  C CG    . ASP A 1 77  ? 1.103   -8.475  4.060   1.00 29.82 ? 277 ASP A CG    1 
ATOM   609  O OD1   . ASP A 1 77  ? 1.226   -9.606  4.609   1.00 31.32 ? 277 ASP A OD1   1 
ATOM   610  O OD2   . ASP A 1 77  ? 0.875   -8.305  2.837   1.00 30.51 ? 277 ASP A OD2   1 
ATOM   611  N N     . GLU A 1 78  ? 0.849   -5.577  7.545   1.00 28.01 ? 278 GLU A N     1 
ATOM   612  C CA    . GLU A 1 78  ? 1.051   -4.277  8.131   1.00 28.08 ? 278 GLU A CA    1 
ATOM   613  C C     . GLU A 1 78  ? 1.731   -3.377  7.128   1.00 27.46 ? 278 GLU A C     1 
ATOM   614  O O     . GLU A 1 78  ? 2.528   -3.829  6.326   1.00 26.97 ? 278 GLU A O     1 
ATOM   615  C CB    . GLU A 1 78  ? 1.859   -4.389  9.405   1.00 28.39 ? 278 GLU A CB    1 
ATOM   616  C CG    . GLU A 1 78  ? 0.984   -4.253  10.631  1.00 30.95 ? 278 GLU A CG    1 
ATOM   617  C CD    . GLU A 1 78  ? 0.228   -5.524  10.961  1.00 34.12 ? 278 GLU A CD    1 
ATOM   618  O OE1   . GLU A 1 78  ? -1.021  -5.511  10.909  1.00 37.50 ? 278 GLU A OE1   1 
ATOM   619  O OE2   . GLU A 1 78  ? 0.874   -6.538  11.287  1.00 35.96 ? 278 GLU A OE2   1 
ATOM   620  N N     . ILE A 1 79  ? 1.379   -2.103  7.150   1.00 27.41 ? 279 ILE A N     1 
ATOM   621  C CA    . ILE A 1 79  ? 2.006   -1.163  6.252   1.00 27.54 ? 279 ILE A CA    1 
ATOM   622  C C     . ILE A 1 79  ? 3.485   -0.954  6.633   1.00 28.26 ? 279 ILE A C     1 
ATOM   623  O O     . ILE A 1 79  ? 3.837   -0.889  7.823   1.00 28.77 ? 279 ILE A O     1 
ATOM   624  C CB    . ILE A 1 79  ? 1.258   0.154   6.288   1.00 27.21 ? 279 ILE A CB    1 
ATOM   625  C CG1   . ILE A 1 79  ? -0.194  -0.093  5.883   1.00 26.87 ? 279 ILE A CG1   1 
ATOM   626  C CG2   . ILE A 1 79  ? 1.921   1.170   5.386   1.00 26.89 ? 279 ILE A CG2   1 
ATOM   627  C CD1   . ILE A 1 79  ? -1.075  1.128   5.954   1.00 24.08 ? 279 ILE A CD1   1 
ATOM   628  N N     . TYR A 1 80  ? 4.348   -0.886  5.621   1.00 28.27 ? 280 TYR A N     1 
ATOM   629  C CA    . TYR A 1 80  ? 5.724   -0.445  5.812   1.00 28.55 ? 280 TYR A CA    1 
ATOM   630  C C     . TYR A 1 80  ? 5.822   1.069   5.620   1.00 28.81 ? 280 TYR A C     1 
ATOM   631  O O     . TYR A 1 80  ? 5.446   1.595   4.558   1.00 28.72 ? 280 TYR A O     1 
ATOM   632  C CB    . TYR A 1 80  ? 6.633   -1.159  4.820   1.00 28.76 ? 280 TYR A CB    1 
ATOM   633  C CG    . TYR A 1 80  ? 8.070   -0.680  4.770   1.00 28.83 ? 280 TYR A CG    1 
ATOM   634  C CD1   . TYR A 1 80  ? 8.856   -0.583  5.930   1.00 29.70 ? 280 TYR A CD1   1 
ATOM   635  C CD2   . TYR A 1 80  ? 8.665   -0.374  3.555   1.00 29.60 ? 280 TYR A CD2   1 
ATOM   636  C CE1   . TYR A 1 80  ? 10.200  -0.160  5.872   1.00 29.33 ? 280 TYR A CE1   1 
ATOM   637  C CE2   . TYR A 1 80  ? 9.995   0.047   3.488   1.00 30.00 ? 280 TYR A CE2   1 
ATOM   638  C CZ    . TYR A 1 80  ? 10.756  0.152   4.641   1.00 30.15 ? 280 TYR A CZ    1 
ATOM   639  O OH    . TYR A 1 80  ? 12.073  0.570   4.532   1.00 32.25 ? 280 TYR A OH    1 
ATOM   640  N N     . PHE A 1 81  ? 6.331   1.761   6.645   1.00 28.91 ? 281 PHE A N     1 
ATOM   641  C CA    . PHE A 1 81  ? 6.395   3.230   6.637   1.00 28.69 ? 281 PHE A CA    1 
ATOM   642  C C     . PHE A 1 81  ? 7.786   3.774   6.405   1.00 28.98 ? 281 PHE A C     1 
ATOM   643  O O     . PHE A 1 81  ? 8.737   3.344   7.049   1.00 29.70 ? 281 PHE A O     1 
ATOM   644  C CB    . PHE A 1 81  ? 5.820   3.786   7.928   1.00 28.39 ? 281 PHE A CB    1 
ATOM   645  C CG    . PHE A 1 81  ? 4.333   3.699   7.991   1.00 27.60 ? 281 PHE A CG    1 
ATOM   646  C CD1   . PHE A 1 81  ? 3.543   4.491   7.147   1.00 26.36 ? 281 PHE A CD1   1 
ATOM   647  C CD2   . PHE A 1 81  ? 3.718   2.806   8.860   1.00 26.77 ? 281 PHE A CD2   1 
ATOM   648  C CE1   . PHE A 1 81  ? 2.175   4.417   7.182   1.00 25.34 ? 281 PHE A CE1   1 
ATOM   649  C CE2   . PHE A 1 81  ? 2.333   2.714   8.900   1.00 26.51 ? 281 PHE A CE2   1 
ATOM   650  C CZ    . PHE A 1 81  ? 1.563   3.529   8.064   1.00 26.57 ? 281 PHE A CZ    1 
ATOM   651  N N     . VAL A 1 82  ? 7.882   4.722   5.474   1.00 29.02 ? 282 VAL A N     1 
ATOM   652  C CA    . VAL A 1 82  ? 9.141   5.351   5.052   1.00 28.73 ? 282 VAL A CA    1 
ATOM   653  C C     . VAL A 1 82  ? 9.090   6.847   5.366   1.00 28.71 ? 282 VAL A C     1 
ATOM   654  O O     . VAL A 1 82  ? 8.192   7.539   4.884   1.00 28.64 ? 282 VAL A O     1 
ATOM   655  C CB    . VAL A 1 82  ? 9.330   5.216   3.518   1.00 28.63 ? 282 VAL A CB    1 
ATOM   656  C CG1   . VAL A 1 82  ? 10.566  5.977   3.037   1.00 28.46 ? 282 VAL A CG1   1 
ATOM   657  C CG2   . VAL A 1 82  ? 9.400   3.763   3.118   1.00 29.21 ? 282 VAL A CG2   1 
ATOM   658  N N     . PRO A 1 83  ? 10.059  7.366   6.140   1.00 28.66 ? 283 PRO A N     1 
ATOM   659  C CA    . PRO A 1 83  ? 10.044  8.809   6.416   1.00 28.57 ? 283 PRO A CA    1 
ATOM   660  C C     . PRO A 1 83  ? 10.043  9.656   5.141   1.00 28.59 ? 283 PRO A C     1 
ATOM   661  O O     . PRO A 1 83  ? 10.579  9.238   4.108   1.00 28.76 ? 283 PRO A O     1 
ATOM   662  C CB    . PRO A 1 83  ? 11.344  9.033   7.192   1.00 28.41 ? 283 PRO A CB    1 
ATOM   663  C CG    . PRO A 1 83  ? 11.661  7.718   7.793   1.00 28.46 ? 283 PRO A CG    1 
ATOM   664  C CD    . PRO A 1 83  ? 11.199  6.695   6.789   1.00 28.70 ? 283 PRO A CD    1 
ATOM   665  N N     . GLU A 1 84  ? 9.417   10.826  5.217   1.00 28.41 ? 284 GLU A N     1 
ATOM   666  C CA    . GLU A 1 84  ? 9.488   11.809  4.146   1.00 28.53 ? 284 GLU A CA    1 
ATOM   667  C C     . GLU A 1 84  ? 10.941  12.185  3.859   1.00 27.93 ? 284 GLU A C     1 
ATOM   668  O O     . GLU A 1 84  ? 11.730  12.399  4.780   1.00 27.55 ? 284 GLU A O     1 
ATOM   669  C CB    . GLU A 1 84  ? 8.680   13.055  4.533   1.00 28.95 ? 284 GLU A CB    1 
ATOM   670  C CG    . GLU A 1 84  ? 9.056   14.343  3.803   1.00 30.85 ? 284 GLU A CG    1 
ATOM   671  C CD    . GLU A 1 84  ? 10.090  15.198  4.560   1.00 34.48 ? 284 GLU A CD    1 
ATOM   672  O OE1   . GLU A 1 84  ? 11.134  15.556  3.954   1.00 34.84 ? 284 GLU A OE1   1 
ATOM   673  O OE2   . GLU A 1 84  ? 9.853   15.528  5.754   1.00 36.29 ? 284 GLU A OE2   1 
ATOM   674  N N     . GLY A 1 85  ? 11.284  12.254  2.579   1.00 27.64 ? 285 GLY A N     1 
ATOM   675  C CA    . GLY A 1 85  ? 12.576  12.773  2.156   1.00 27.75 ? 285 GLY A CA    1 
ATOM   676  C C     . GLY A 1 85  ? 13.735  11.811  2.296   1.00 27.90 ? 285 GLY A C     1 
ATOM   677  O O     . GLY A 1 85  ? 14.891  12.190  2.116   1.00 27.70 ? 285 GLY A O     1 
ATOM   678  N N     . THR A 1 86  ? 13.435  10.559  2.626   1.00 28.18 ? 286 THR A N     1 
ATOM   679  C CA    . THR A 1 86  ? 14.457  9.536   2.624   1.00 28.06 ? 286 THR A CA    1 
ATOM   680  C C     . THR A 1 86  ? 15.016  9.484   1.196   1.00 28.52 ? 286 THR A C     1 
ATOM   681  O O     . THR A 1 86  ? 14.252  9.494   0.217   1.00 28.91 ? 286 THR A O     1 
ATOM   682  C CB    . THR A 1 86  ? 13.884  8.195   3.107   1.00 28.01 ? 286 THR A CB    1 
ATOM   683  O OG1   . THR A 1 86  ? 13.587  8.299   4.505   1.00 27.71 ? 286 THR A OG1   1 
ATOM   684  C CG2   . THR A 1 86  ? 14.858  7.051   2.899   1.00 27.32 ? 286 THR A CG2   1 
ATOM   685  N N     . PRO A 1 87  ? 16.352  9.487   1.069   1.00 28.53 ? 287 PRO A N     1 
ATOM   686  C CA    . PRO A 1 87  ? 16.974  9.515   -0.253  1.00 28.63 ? 287 PRO A CA    1 
ATOM   687  C C     . PRO A 1 87  ? 16.894  8.153   -0.919  1.00 28.79 ? 287 PRO A C     1 
ATOM   688  O O     . PRO A 1 87  ? 16.994  7.121   -0.242  1.00 28.63 ? 287 PRO A O     1 
ATOM   689  C CB    . PRO A 1 87  ? 18.436  9.886   0.042   1.00 28.60 ? 287 PRO A CB    1 
ATOM   690  C CG    . PRO A 1 87  ? 18.491  10.199  1.530   1.00 28.39 ? 287 PRO A CG    1 
ATOM   691  C CD    . PRO A 1 87  ? 17.350  9.488   2.152   1.00 28.47 ? 287 PRO A CD    1 
ATOM   692  N N     . LEU A 1 88  ? 16.716  8.163   -2.239  1.00 28.98 ? 288 LEU A N     1 
ATOM   693  C CA    . LEU A 1 88  ? 16.525  6.938   -3.010  1.00 29.25 ? 288 LEU A CA    1 
ATOM   694  C C     . LEU A 1 88  ? 17.608  5.916   -2.711  1.00 29.58 ? 288 LEU A C     1 
ATOM   695  O O     . LEU A 1 88  ? 17.343  4.711   -2.611  1.00 29.82 ? 288 LEU A O     1 
ATOM   696  C CB    . LEU A 1 88  ? 16.505  7.249   -4.505  1.00 29.11 ? 288 LEU A CB    1 
ATOM   697  C CG    . LEU A 1 88  ? 15.377  8.160   -4.993  1.00 29.03 ? 288 LEU A CG    1 
ATOM   698  C CD1   . LEU A 1 88  ? 15.272  8.117   -6.514  1.00 28.70 ? 288 LEU A CD1   1 
ATOM   699  C CD2   . LEU A 1 88  ? 14.065  7.747   -4.357  1.00 29.72 ? 288 LEU A CD2   1 
ATOM   700  N N     . SER A 1 89  ? 18.829  6.420   -2.565  1.00 29.71 ? 289 SER A N     1 
ATOM   701  C CA    . SER A 1 89  ? 19.994  5.602   -2.262  1.00 29.86 ? 289 SER A CA    1 
ATOM   702  C C     . SER A 1 89  ? 19.739  4.788   -0.992  1.00 29.85 ? 289 SER A C     1 
ATOM   703  O O     . SER A 1 89  ? 19.801  3.547   -1.018  1.00 30.02 ? 289 SER A O     1 
ATOM   704  C CB    . SER A 1 89  ? 21.223  6.497   -2.085  1.00 29.76 ? 289 SER A CB    1 
ATOM   705  O OG    . SER A 1 89  ? 21.041  7.730   -2.774  1.00 30.18 ? 289 SER A OG    1 
ATOM   706  N N     . THR A 1 90  ? 19.429  5.495   0.103   1.00 29.55 ? 290 THR A N     1 
ATOM   707  C CA    . THR A 1 90  ? 19.230  4.863   1.404   1.00 29.15 ? 290 THR A CA    1 
ATOM   708  C C     . THR A 1 90  ? 18.057  3.891   1.366   1.00 28.83 ? 290 THR A C     1 
ATOM   709  O O     . THR A 1 90  ? 18.160  2.771   1.885   1.00 29.26 ? 290 THR A O     1 
ATOM   710  C CB    . THR A 1 90  ? 18.982  5.900   2.519   1.00 29.26 ? 290 THR A CB    1 
ATOM   711  O OG1   . THR A 1 90  ? 19.706  7.101   2.228   1.00 29.60 ? 290 THR A OG1   1 
ATOM   712  C CG2   . THR A 1 90  ? 19.433  5.346   3.874   1.00 28.96 ? 290 THR A CG2   1 
ATOM   713  N N     . GLN A 1 91  ? 16.951  4.311   0.749   1.00 27.94 ? 291 GLN A N     1 
ATOM   714  C CA    . GLN A 1 91  ? 15.764  3.462   0.679   1.00 26.96 ? 291 GLN A CA    1 
ATOM   715  C C     . GLN A 1 91  ? 16.046  2.164   -0.073  1.00 26.27 ? 291 GLN A C     1 
ATOM   716  O O     . GLN A 1 91  ? 15.566  1.108   0.343   1.00 26.65 ? 291 GLN A O     1 
ATOM   717  C CB    . GLN A 1 91  ? 14.561  4.202   0.077   1.00 26.86 ? 291 GLN A CB    1 
ATOM   718  C CG    . GLN A 1 91  ? 13.221  3.533   0.350   1.00 26.19 ? 291 GLN A CG    1 
ATOM   719  C CD    . GLN A 1 91  ? 12.987  3.184   1.823   1.00 25.70 ? 291 GLN A CD    1 
ATOM   720  O OE1   . GLN A 1 91  ? 12.617  2.063   2.145   1.00 26.17 ? 291 GLN A OE1   1 
ATOM   721  N NE2   . GLN A 1 91  ? 13.197  4.145   2.712   1.00 26.15 ? 291 GLN A NE2   1 
ATOM   722  N N     . LEU A 1 92  ? 16.842  2.237   -1.143  1.00 25.19 ? 292 LEU A N     1 
ATOM   723  C CA    . LEU A 1 92  ? 17.210  1.046   -1.906  1.00 24.14 ? 292 LEU A CA    1 
ATOM   724  C C     . LEU A 1 92  ? 17.728  -0.059  -0.982  1.00 23.62 ? 292 LEU A C     1 
ATOM   725  O O     . LEU A 1 92  ? 17.323  -1.211  -1.095  1.00 23.54 ? 292 LEU A O     1 
ATOM   726  C CB    . LEU A 1 92  ? 18.246  1.383   -2.976  1.00 24.02 ? 292 LEU A CB    1 
ATOM   727  C CG    . LEU A 1 92  ? 18.077  0.713   -4.346  1.00 23.79 ? 292 LEU A CG    1 
ATOM   728  C CD1   . LEU A 1 92  ? 19.185  1.146   -5.271  1.00 23.80 ? 292 LEU A CD1   1 
ATOM   729  C CD2   . LEU A 1 92  ? 18.036  -0.809  -4.279  1.00 23.87 ? 292 LEU A CD2   1 
ATOM   730  N N     . VAL A 1 93  ? 18.601  0.307   -0.051  1.00 23.01 ? 293 VAL A N     1 
ATOM   731  C CA    . VAL A 1 93  ? 19.108  -0.631  0.943   1.00 22.47 ? 293 VAL A CA    1 
ATOM   732  C C     . VAL A 1 93  ? 18.012  -1.129  1.892   1.00 22.19 ? 293 VAL A C     1 
ATOM   733  O O     . VAL A 1 93  ? 17.785  -2.330  1.986   1.00 22.19 ? 293 VAL A O     1 
ATOM   734  C CB    . VAL A 1 93  ? 20.274  -0.018  1.744   1.00 22.44 ? 293 VAL A CB    1 
ATOM   735  C CG1   . VAL A 1 93  ? 20.725  -0.961  2.848   1.00 22.32 ? 293 VAL A CG1   1 
ATOM   736  C CG2   . VAL A 1 93  ? 21.433  0.303   0.820   1.00 22.37 ? 293 VAL A CG2   1 
ATOM   737  N N     . LYS A 1 94  ? 17.331  -0.215  2.586   1.00 21.86 ? 294 LYS A N     1 
ATOM   738  C CA    . LYS A 1 94  ? 16.290  -0.602  3.539   1.00 21.58 ? 294 LYS A CA    1 
ATOM   739  C C     . LYS A 1 94  ? 15.225  -1.514  2.902   1.00 21.60 ? 294 LYS A C     1 
ATOM   740  O O     . LYS A 1 94  ? 14.570  -2.277  3.614   1.00 21.55 ? 294 LYS A O     1 
ATOM   741  C CB    . LYS A 1 94  ? 15.662  0.629   4.208   1.00 21.37 ? 294 LYS A CB    1 
ATOM   742  N N     . PHE A 1 95  ? 15.077  -1.443  1.570   1.00 21.62 ? 295 PHE A N     1 
ATOM   743  C CA    . PHE A 1 95  ? 14.134  -2.293  0.818   1.00 21.68 ? 295 PHE A CA    1 
ATOM   744  C C     . PHE A 1 95  ? 14.750  -3.632  0.443   1.00 22.24 ? 295 PHE A C     1 
ATOM   745  O O     . PHE A 1 95  ? 14.049  -4.644  0.363   1.00 22.16 ? 295 PHE A O     1 
ATOM   746  C CB    . PHE A 1 95  ? 13.664  -1.610  -0.476  1.00 21.36 ? 295 PHE A CB    1 
ATOM   747  C CG    . PHE A 1 95  ? 12.286  -0.988  -0.398  1.00 20.70 ? 295 PHE A CG    1 
ATOM   748  C CD1   . PHE A 1 95  ? 11.247  -1.618  0.276   1.00 19.95 ? 295 PHE A CD1   1 
ATOM   749  C CD2   . PHE A 1 95  ? 12.022  0.224   -1.040  1.00 19.58 ? 295 PHE A CD2   1 
ATOM   750  C CE1   . PHE A 1 95  ? 9.978   -1.034  0.329   1.00 19.07 ? 295 PHE A CE1   1 
ATOM   751  C CE2   . PHE A 1 95  ? 10.760  0.802   -0.993  1.00 18.32 ? 295 PHE A CE2   1 
ATOM   752  C CZ    . PHE A 1 95  ? 9.739   0.174   -0.309  1.00 17.77 ? 295 PHE A CZ    1 
ATOM   753  N N     . GLN A 1 96  ? 16.055  -3.621  0.166   1.00 22.98 ? 296 GLN A N     1 
ATOM   754  C CA    . GLN A 1 96  ? 16.809  -4.843  -0.104  1.00 23.58 ? 296 GLN A CA    1 
ATOM   755  C C     . GLN A 1 96  ? 16.817  -5.697  1.161   1.00 24.30 ? 296 GLN A C     1 
ATOM   756  O O     . GLN A 1 96  ? 16.413  -6.863  1.133   1.00 24.26 ? 296 GLN A O     1 
ATOM   757  C CB    . GLN A 1 96  ? 18.235  -4.514  -0.562  1.00 23.30 ? 296 GLN A CB    1 
ATOM   758  N N     . ARG A 1 97  ? 17.244  -5.091  2.275   1.00 25.53 ? 297 ARG A N     1 
ATOM   759  C CA    . ARG A 1 97  ? 17.176  -5.728  3.589   1.00 26.70 ? 297 ARG A CA    1 
ATOM   760  C C     . ARG A 1 97  ? 15.733  -6.038  3.999   1.00 27.71 ? 297 ARG A C     1 
ATOM   761  O O     . ARG A 1 97  ? 15.484  -7.069  4.630   1.00 27.89 ? 297 ARG A O     1 
ATOM   762  C CB    . ARG A 1 97  ? 17.839  -4.841  4.646   1.00 26.62 ? 297 ARG A CB    1 
ATOM   763  N N     . ASN A 1 98  ? 14.798  -5.140  3.642   1.00 29.00 ? 298 ASN A N     1 
ATOM   764  C CA    . ASN A 1 98  ? 13.343  -5.343  3.876   1.00 30.11 ? 298 ASN A CA    1 
ATOM   765  C C     . ASN A 1 98  ? 12.711  -6.513  3.095   1.00 30.66 ? 298 ASN A C     1 
ATOM   766  O O     . ASN A 1 98  ? 11.766  -7.150  3.585   1.00 31.41 ? 298 ASN A O     1 
ATOM   767  C CB    . ASN A 1 98  ? 12.526  -4.055  3.595   1.00 29.72 ? 298 ASN A CB    1 
ATOM   768  N N     . LYS A 1 99  ? 13.215  -6.786  1.885   1.00 30.78 ? 299 LYS A N     1 
ATOM   769  C CA    . LYS A 1 99  ? 12.508  -7.649  0.920   1.00 30.40 ? 299 LYS A CA    1 
ATOM   770  C C     . LYS A 1 99  ? 11.030  -7.214  0.723   1.00 30.07 ? 299 LYS A C     1 
ATOM   771  O O     . LYS A 1 99  ? 10.328  -7.801  -0.105  1.00 30.88 ? 299 LYS A O     1 
ATOM   772  C CB    . LYS A 1 99  ? 12.655  -9.145  1.265   1.00 30.11 ? 299 LYS A CB    1 
ATOM   773  N N     . LYS A 1 100 ? 10.578  -6.178  1.458   1.00 28.99 ? 300 LYS A N     1 
ATOM   774  C CA    . LYS A 1 100 ? 9.255   -5.563  1.267   1.00 27.72 ? 300 LYS A CA    1 
ATOM   775  C C     . LYS A 1 100 ? 9.315   -4.855  -0.079  1.00 27.40 ? 300 LYS A C     1 
ATOM   776  O O     . LYS A 1 100 ? 10.416  -4.617  -0.588  1.00 27.62 ? 300 LYS A O     1 
ATOM   777  C CB    . LYS A 1 100 ? 8.928   -4.578  2.395   1.00 27.31 ? 300 LYS A CB    1 
ATOM   778  N N     . LYS A 1 101 ? 8.164   -4.528  -0.667  1.00 26.21 ? 301 LYS A N     1 
ATOM   779  C CA    . LYS A 1 101 ? 8.152   -4.055  -2.046  1.00 25.24 ? 301 LYS A CA    1 
ATOM   780  C C     . LYS A 1 101 ? 7.388   -2.756  -2.215  1.00 25.05 ? 301 LYS A C     1 
ATOM   781  O O     . LYS A 1 101 ? 7.393   -2.149  -3.291  1.00 25.22 ? 301 LYS A O     1 
ATOM   782  C CB    . LYS A 1 101 ? 7.588   -5.131  -2.974  1.00 25.34 ? 301 LYS A CB    1 
ATOM   783  N N     . VAL A 1 102 ? 6.727   -2.331  -1.140  1.00 24.32 ? 302 VAL A N     1 
ATOM   784  C CA    . VAL A 1 102 ? 5.871   -1.149  -1.144  1.00 23.00 ? 302 VAL A CA    1 
ATOM   785  C C     . VAL A 1 102 ? 5.897   -0.456  0.218   1.00 22.46 ? 302 VAL A C     1 
ATOM   786  O O     . VAL A 1 102 ? 5.933   -1.096  1.272   1.00 22.11 ? 302 VAL A O     1 
ATOM   787  C CB    . VAL A 1 102 ? 4.419   -1.493  -1.526  1.00 22.88 ? 302 VAL A CB    1 
ATOM   788  C CG1   . VAL A 1 102 ? 3.520   -0.281  -1.360  1.00 23.30 ? 302 VAL A CG1   1 
ATOM   789  C CG2   . VAL A 1 102 ? 4.342   -1.952  -2.962  1.00 23.04 ? 302 VAL A CG2   1 
ATOM   790  N N     . GLY A 1 103 ? 5.887   0.869   0.190   1.00 21.94 ? 303 GLY A N     1 
ATOM   791  C CA    . GLY A 1 103 ? 5.924   1.625   1.413   1.00 21.48 ? 303 GLY A CA    1 
ATOM   792  C C     . GLY A 1 103 ? 5.017   2.815   1.310   1.00 21.06 ? 303 GLY A C     1 
ATOM   793  O O     . GLY A 1 103 ? 4.752   3.317   0.215   1.00 20.94 ? 303 GLY A O     1 
ATOM   794  N N     . LEU A 1 104 ? 4.524   3.248   2.459   1.00 20.85 ? 304 LEU A N     1 
ATOM   795  C CA    . LEU A 1 104 ? 3.789   4.491   2.545   1.00 20.62 ? 304 LEU A CA    1 
ATOM   796  C C     . LEU A 1 104 ? 4.736   5.529   3.087   1.00 20.82 ? 304 LEU A C     1 
ATOM   797  O O     . LEU A 1 104 ? 5.372   5.312   4.138   1.00 20.85 ? 304 LEU A O     1 
ATOM   798  C CB    . LEU A 1 104 ? 2.561   4.343   3.441   1.00 20.24 ? 304 LEU A CB    1 
ATOM   799  C CG    . LEU A 1 104 ? 1.413   3.581   2.765   1.00 19.39 ? 304 LEU A CG    1 
ATOM   800  C CD1   . LEU A 1 104 ? 0.137   3.792   3.558   1.00 20.27 ? 304 LEU A CD1   1 
ATOM   801  C CD2   . LEU A 1 104 ? 1.224   4.021   1.317   1.00 18.76 ? 304 LEU A CD2   1 
ATOM   802  N N     . VAL A 1 105 ? 4.858   6.635   2.341   1.00 21.30 ? 305 VAL A N     1 
ATOM   803  C CA    . VAL A 1 105 ? 5.716   7.748   2.749   1.00 22.10 ? 305 VAL A CA    1 
ATOM   804  C C     . VAL A 1 105 ? 5.008   8.619   3.761   1.00 22.65 ? 305 VAL A C     1 
ATOM   805  O O     . VAL A 1 105 ? 3.894   9.082   3.537   1.00 22.42 ? 305 VAL A O     1 
ATOM   806  C CB    . VAL A 1 105 ? 6.173   8.624   1.571   1.00 22.04 ? 305 VAL A CB    1 
ATOM   807  C CG1   . VAL A 1 105 ? 6.901   9.883   2.085   1.00 22.16 ? 305 VAL A CG1   1 
ATOM   808  C CG2   . VAL A 1 105 ? 7.081   7.816   0.655   1.00 22.35 ? 305 VAL A CG2   1 
ATOM   809  N N     . VAL A 1 106 ? 5.686   8.846   4.874   1.00 23.83 ? 306 VAL A N     1 
ATOM   810  C CA    . VAL A 1 106 ? 5.056   9.470   6.007   1.00 24.69 ? 306 VAL A CA    1 
ATOM   811  C C     . VAL A 1 106 ? 5.858   10.620  6.622   1.00 25.17 ? 306 VAL A C     1 
ATOM   812  O O     . VAL A 1 106 ? 7.085   10.615  6.685   1.00 25.36 ? 306 VAL A O     1 
ATOM   813  C CB    . VAL A 1 106 ? 4.646   8.400   7.049   1.00 24.61 ? 306 VAL A CB    1 
ATOM   814  C CG1   . VAL A 1 106 ? 5.628   8.350   8.203   1.00 24.62 ? 306 VAL A CG1   1 
ATOM   815  C CG2   . VAL A 1 106 ? 3.249   8.662   7.533   1.00 24.20 ? 306 VAL A CG2   1 
ATOM   816  N N     . ASP A 1 107 ? 5.093   11.608  7.044   1.00 26.01 ? 307 ASP A N     1 
ATOM   817  C CA    . ASP A 1 107 ? 5.512   12.782  7.768   1.00 26.44 ? 307 ASP A CA    1 
ATOM   818  C C     . ASP A 1 107 ? 6.123   12.456  9.098   1.00 26.62 ? 307 ASP A C     1 
ATOM   819  O O     . ASP A 1 107 ? 6.039   11.322  9.556   1.00 26.74 ? 307 ASP A O     1 
ATOM   820  C CB    . ASP A 1 107 ? 4.225   13.472  8.133   1.00 26.85 ? 307 ASP A CB    1 
ATOM   821  C CG    . ASP A 1 107 ? 4.296   14.901  7.965   1.00 28.47 ? 307 ASP A CG    1 
ATOM   822  O OD1   . ASP A 1 107 ? 4.870   15.327  6.943   1.00 29.68 ? 307 ASP A OD1   1 
ATOM   823  O OD2   . ASP A 1 107 ? 3.755   15.601  8.844   1.00 32.53 ? 307 ASP A OD2   1 
ATOM   824  N N     . GLU A 1 108 ? 6.657   13.474  9.768   1.00 26.99 ? 308 GLU A N     1 
ATOM   825  C CA    . GLU A 1 108 ? 7.008   13.322  11.174  1.00 27.56 ? 308 GLU A CA    1 
ATOM   826  C C     . GLU A 1 108 ? 5.775   13.533  12.032  1.00 27.43 ? 308 GLU A C     1 
ATOM   827  O O     . GLU A 1 108 ? 5.821   13.363  13.246  1.00 27.62 ? 308 GLU A O     1 
ATOM   828  C CB    . GLU A 1 108 ? 8.087   14.295  11.594  1.00 28.03 ? 308 GLU A CB    1 
ATOM   829  C CG    . GLU A 1 108 ? 8.629   15.092  10.448  1.00 30.29 ? 308 GLU A CG    1 
ATOM   830  C CD    . GLU A 1 108 ? 7.968   16.434  10.346  1.00 32.44 ? 308 GLU A CD    1 
ATOM   831  O OE1   . GLU A 1 108 ? 8.288   17.180  9.396   1.00 34.52 ? 308 GLU A OE1   1 
ATOM   832  O OE2   . GLU A 1 108 ? 7.145   16.752  11.230  1.00 32.72 ? 308 GLU A OE2   1 
ATOM   833  N N     . TYR A 1 109 ? 4.664   13.901  11.409  1.00 27.19 ? 309 TYR A N     1 
ATOM   834  C CA    . TYR A 1 109 ? 3.416   13.964  12.150  1.00 27.18 ? 309 TYR A CA    1 
ATOM   835  C C     . TYR A 1 109 ? 2.569   12.721  11.947  1.00 26.63 ? 309 TYR A C     1 
ATOM   836  O O     . TYR A 1 109 ? 1.479   12.599  12.509  1.00 26.16 ? 309 TYR A O     1 
ATOM   837  C CB    . TYR A 1 109 ? 2.662   15.268  11.849  1.00 27.56 ? 309 TYR A CB    1 
ATOM   838  C CG    . TYR A 1 109 ? 3.442   16.450  12.372  1.00 28.89 ? 309 TYR A CG    1 
ATOM   839  C CD1   . TYR A 1 109 ? 3.394   16.786  13.723  1.00 29.58 ? 309 TYR A CD1   1 
ATOM   840  C CD2   . TYR A 1 109 ? 4.283   17.194  11.527  1.00 30.17 ? 309 TYR A CD2   1 
ATOM   841  C CE1   . TYR A 1 109 ? 4.135   17.840  14.221  1.00 31.43 ? 309 TYR A CE1   1 
ATOM   842  C CE2   . TYR A 1 109 ? 5.032   18.258  12.016  1.00 30.75 ? 309 TYR A CE2   1 
ATOM   843  C CZ    . TYR A 1 109 ? 4.959   18.573  13.371  1.00 32.23 ? 309 TYR A CZ    1 
ATOM   844  O OH    . TYR A 1 109 ? 5.685   19.637  13.895  1.00 33.42 ? 309 TYR A OH    1 
ATOM   845  N N     . GLY A 1 110 ? 3.104   11.783  11.173  1.00 26.18 ? 310 GLY A N     1 
ATOM   846  C CA    . GLY A 1 110 ? 2.398   10.545  10.881  1.00 25.95 ? 310 GLY A CA    1 
ATOM   847  C C     . GLY A 1 110 ? 1.489   10.738  9.694   1.00 25.95 ? 310 GLY A C     1 
ATOM   848  O O     . GLY A 1 110 ? 0.585   9.951   9.462   1.00 25.72 ? 310 GLY A O     1 
ATOM   849  N N     . ASP A 1 111 ? 1.764   11.778  8.917   1.00 26.06 ? 311 ASP A N     1 
ATOM   850  C CA    . ASP A 1 111 ? 0.927   12.145  7.802   1.00 25.68 ? 311 ASP A CA    1 
ATOM   851  C C     . ASP A 1 111 ? 1.426   11.575  6.470   1.00 25.31 ? 311 ASP A C     1 
ATOM   852  O O     . ASP A 1 111 ? 2.507   11.960  5.961   1.00 25.32 ? 311 ASP A O     1 
ATOM   853  C CB    . ASP A 1 111 ? 0.876   13.662  7.723   1.00 26.40 ? 311 ASP A CB    1 
ATOM   854  C CG    . ASP A 1 111 ? -0.455  14.147  7.292   1.00 27.75 ? 311 ASP A CG    1 
ATOM   855  O OD1   . ASP A 1 111 ? -1.390  14.061  8.117   1.00 30.91 ? 311 ASP A OD1   1 
ATOM   856  O OD2   . ASP A 1 111 ? -0.575  14.574  6.129   1.00 28.94 ? 311 ASP A OD2   1 
ATOM   857  N N     . ILE A 1 112 ? 0.618   10.683  5.895   1.00 24.28 ? 312 ILE A N     1 
ATOM   858  C CA    . ILE A 1 112 ? 0.960   10.011  4.661   1.00 23.48 ? 312 ILE A CA    1 
ATOM   859  C C     . ILE A 1 112 ? 1.046   11.005  3.534   1.00 23.68 ? 312 ILE A C     1 
ATOM   860  O O     . ILE A 1 112 ? 0.095   11.749  3.298   1.00 23.85 ? 312 ILE A O     1 
ATOM   861  C CB    . ILE A 1 112 ? -0.052  8.931   4.312   1.00 23.44 ? 312 ILE A CB    1 
ATOM   862  C CG1   . ILE A 1 112 ? -0.190  7.945   5.481   1.00 23.97 ? 312 ILE A CG1   1 
ATOM   863  C CG2   . ILE A 1 112 ? 0.385   8.183   3.070   1.00 23.24 ? 312 ILE A CG2   1 
ATOM   864  C CD1   . ILE A 1 112 ? -1.367  6.995   5.353   1.00 24.62 ? 312 ILE A CD1   1 
ATOM   865  N N     . GLN A 1 113 ? 2.204   11.018  2.863   1.00 23.72 ? 313 GLN A N     1 
ATOM   866  C CA    . GLN A 1 113 ? 2.486   11.906  1.719   1.00 23.68 ? 313 GLN A CA    1 
ATOM   867  C C     . GLN A 1 113 ? 2.308   11.183  0.382   1.00 24.09 ? 313 GLN A C     1 
ATOM   868  O O     . GLN A 1 113 ? 1.898   11.792  -0.620  1.00 23.91 ? 313 GLN A O     1 
ATOM   869  C CB    . GLN A 1 113 ? 3.930   12.430  1.765   1.00 23.15 ? 313 GLN A CB    1 
ATOM   870  C CG    . GLN A 1 113 ? 4.312   13.100  3.052   1.00 23.01 ? 313 GLN A CG    1 
ATOM   871  C CD    . GLN A 1 113 ? 3.485   14.344  3.311   1.00 22.19 ? 313 GLN A CD    1 
ATOM   872  O OE1   . GLN A 1 113 ? 3.568   15.324  2.565   1.00 20.78 ? 313 GLN A OE1   1 
ATOM   873  N NE2   . GLN A 1 113 ? 2.675   14.308  4.364   1.00 20.41 ? 313 GLN A NE2   1 
ATOM   874  N N     . GLY A 1 114 ? 2.657   9.896   0.357   1.00 24.06 ? 314 GLY A N     1 
ATOM   875  C CA    . GLY A 1 114 ? 2.542   9.141   -0.878  1.00 24.36 ? 314 GLY A CA    1 
ATOM   876  C C     . GLY A 1 114 ? 2.871   7.669   -0.781  1.00 24.79 ? 314 GLY A C     1 
ATOM   877  O O     . GLY A 1 114 ? 3.053   7.108   0.312   1.00 24.92 ? 314 GLY A O     1 
ATOM   878  N N     . LEU A 1 115 ? 2.956   7.041   -1.946  1.00 24.75 ? 315 LEU A N     1 
ATOM   879  C CA    . LEU A 1 115 ? 3.264   5.625   -2.044  1.00 24.74 ? 315 LEU A CA    1 
ATOM   880  C C     . LEU A 1 115 ? 4.559   5.475   -2.853  1.00 24.86 ? 315 LEU A C     1 
ATOM   881  O O     . LEU A 1 115 ? 4.739   6.134   -3.880  1.00 24.98 ? 315 LEU A O     1 
ATOM   882  C CB    . LEU A 1 115 ? 2.093   4.928   -2.730  1.00 24.41 ? 315 LEU A CB    1 
ATOM   883  C CG    . LEU A 1 115 ? 1.965   3.446   -3.063  1.00 24.08 ? 315 LEU A CG    1 
ATOM   884  C CD1   . LEU A 1 115 ? 3.277   2.795   -3.417  1.00 23.92 ? 315 LEU A CD1   1 
ATOM   885  C CD2   . LEU A 1 115 ? 1.294   2.721   -1.913  1.00 23.76 ? 315 LEU A CD2   1 
ATOM   886  N N     . VAL A 1 116 ? 5.457   4.607   -2.394  1.00 24.66 ? 316 VAL A N     1 
ATOM   887  C CA    . VAL A 1 116 ? 6.702   4.345   -3.119  1.00 24.42 ? 316 VAL A CA    1 
ATOM   888  C C     . VAL A 1 116 ? 6.964   2.834   -3.241  1.00 24.45 ? 316 VAL A C     1 
ATOM   889  O O     . VAL A 1 116 ? 6.529   2.051   -2.383  1.00 24.49 ? 316 VAL A O     1 
ATOM   890  C CB    . VAL A 1 116 ? 7.894   5.080   -2.453  1.00 24.45 ? 316 VAL A CB    1 
ATOM   891  C CG1   . VAL A 1 116 ? 8.246   4.461   -1.096  1.00 23.67 ? 316 VAL A CG1   1 
ATOM   892  C CG2   . VAL A 1 116 ? 9.101   5.090   -3.377  1.00 24.84 ? 316 VAL A CG2   1 
ATOM   893  N N     . THR A 1 117 ? 7.632   2.428   -4.320  1.00 24.12 ? 317 THR A N     1 
ATOM   894  C CA    . THR A 1 117 ? 7.920   1.017   -4.539  1.00 24.77 ? 317 THR A CA    1 
ATOM   895  C C     . THR A 1 117 ? 9.347   0.832   -5.027  1.00 25.02 ? 317 THR A C     1 
ATOM   896  O O     . THR A 1 117 ? 9.909   1.724   -5.673  1.00 24.97 ? 317 THR A O     1 
ATOM   897  C CB    . THR A 1 117 ? 6.997   0.377   -5.603  1.00 24.94 ? 317 THR A CB    1 
ATOM   898  O OG1   . THR A 1 117 ? 7.304   0.936   -6.896  1.00 25.84 ? 317 THR A OG1   1 
ATOM   899  C CG2   . THR A 1 117 ? 5.516   0.589   -5.277  1.00 24.53 ? 317 THR A CG2   1 
ATOM   900  N N     . VAL A 1 118 ? 9.918   -0.343  -4.754  1.00 24.83 ? 318 VAL A N     1 
ATOM   901  C CA    . VAL A 1 118 ? 11.259  -0.646  -5.231  1.00 24.80 ? 318 VAL A CA    1 
ATOM   902  C C     . VAL A 1 118 ? 11.326  -0.593  -6.745  1.00 25.03 ? 318 VAL A C     1 
ATOM   903  O O     . VAL A 1 118 ? 12.274  -0.027  -7.286  1.00 25.16 ? 318 VAL A O     1 
ATOM   904  C CB    . VAL A 1 118 ? 11.754  -2.009  -4.775  1.00 24.91 ? 318 VAL A CB    1 
ATOM   905  C CG1   . VAL A 1 118 ? 13.210  -1.905  -4.383  1.00 23.58 ? 318 VAL A CG1   1 
ATOM   906  C CG2   . VAL A 1 118 ? 10.926  -2.498  -3.608  1.00 25.62 ? 318 VAL A CG2   1 
ATOM   907  N N     . GLU A 1 119 ? 10.340  -1.182  -7.431  1.00 25.25 ? 319 GLU A N     1 
ATOM   908  C CA    . GLU A 1 119 ? 10.263  -1.037  -8.875  1.00 25.87 ? 319 GLU A CA    1 
ATOM   909  C C     . GLU A 1 119 ? 10.537  0.438   -9.177  1.00 26.67 ? 319 GLU A C     1 
ATOM   910  O O     . GLU A 1 119 ? 11.449  0.759   -9.946  1.00 26.59 ? 319 GLU A O     1 
ATOM   911  C CB    . GLU A 1 119 ? 8.906   -1.473  -9.423  1.00 25.48 ? 319 GLU A CB    1 
ATOM   912  N N     . ASP A 1 120 ? 9.800   1.329   -8.514  1.00 27.50 ? 320 ASP A N     1 
ATOM   913  C CA    . ASP A 1 120 ? 9.930   2.772   -8.743  1.00 28.49 ? 320 ASP A CA    1 
ATOM   914  C C     . ASP A 1 120 ? 11.324  3.332   -8.493  1.00 28.80 ? 320 ASP A C     1 
ATOM   915  O O     . ASP A 1 120 ? 11.822  4.134   -9.292  1.00 28.93 ? 320 ASP A O     1 
ATOM   916  C CB    . ASP A 1 120 ? 8.936   3.552   -7.887  1.00 28.72 ? 320 ASP A CB    1 
ATOM   917  C CG    . ASP A 1 120 ? 7.507   3.179   -8.178  1.00 30.35 ? 320 ASP A CG    1 
ATOM   918  O OD1   . ASP A 1 120 ? 7.247   2.605   -9.273  1.00 31.55 ? 320 ASP A OD1   1 
ATOM   919  O OD2   . ASP A 1 120 ? 6.650   3.444   -7.298  1.00 31.33 ? 320 ASP A OD2   1 
ATOM   920  N N     . ILE A 1 121 ? 11.940  2.933   -7.385  1.00 29.05 ? 321 ILE A N     1 
ATOM   921  C CA    . ILE A 1 121 ? 13.254  3.457   -7.027  1.00 29.36 ? 321 ILE A CA    1 
ATOM   922  C C     . ILE A 1 121 ? 14.341  3.064   -8.051  1.00 29.85 ? 321 ILE A C     1 
ATOM   923  O O     . ILE A 1 121 ? 15.074  3.932   -8.572  1.00 30.25 ? 321 ILE A O     1 
ATOM   924  C CB    . ILE A 1 121 ? 13.625  3.058   -5.595  1.00 29.20 ? 321 ILE A CB    1 
ATOM   925  C CG1   . ILE A 1 121 ? 12.596  3.674   -4.628  1.00 29.01 ? 321 ILE A CG1   1 
ATOM   926  C CG2   . ILE A 1 121 ? 15.068  3.497   -5.270  1.00 29.17 ? 321 ILE A CG2   1 
ATOM   927  C CD1   . ILE A 1 121 ? 12.654  3.163   -3.223  1.00 28.17 ? 321 ILE A CD1   1 
ATOM   928  N N     . LEU A 1 122 ? 14.404  1.769   -8.360  1.00 30.10 ? 322 LEU A N     1 
ATOM   929  C CA    . LEU A 1 122 ? 15.371  1.227   -9.313  1.00 30.14 ? 322 LEU A CA    1 
ATOM   930  C C     . LEU A 1 122 ? 15.237  1.900   -10.660 1.00 30.53 ? 322 LEU A C     1 
ATOM   931  O O     . LEU A 1 122 ? 16.212  2.446   -11.175 1.00 31.20 ? 322 LEU A O     1 
ATOM   932  C CB    . LEU A 1 122 ? 15.209  -0.287  -9.452  1.00 29.72 ? 322 LEU A CB    1 
ATOM   933  C CG    . LEU A 1 122 ? 15.435  -1.083  -8.164  1.00 28.74 ? 322 LEU A CG    1 
ATOM   934  C CD1   . LEU A 1 122 ? 14.698  -2.404  -8.214  1.00 27.11 ? 322 LEU A CD1   1 
ATOM   935  C CD2   . LEU A 1 122 ? 16.915  -1.289  -7.900  1.00 27.16 ? 322 LEU A CD2   1 
ATOM   936  N N     . GLU A 1 123 ? 14.026  1.898   -11.206 1.00 30.78 ? 323 GLU A N     1 
ATOM   937  C CA    . GLU A 1 123 ? 13.779  2.456   -12.529 1.00 31.63 ? 323 GLU A CA    1 
ATOM   938  C C     . GLU A 1 123 ? 14.212  3.904   -12.608 1.00 31.67 ? 323 GLU A C     1 
ATOM   939  O O     . GLU A 1 123 ? 14.593  4.391   -13.669 1.00 31.73 ? 323 GLU A O     1 
ATOM   940  C CB    . GLU A 1 123 ? 12.307  2.342   -12.895 1.00 31.75 ? 323 GLU A CB    1 
ATOM   941  C CG    . GLU A 1 123 ? 11.950  1.000   -13.483 1.00 34.11 ? 323 GLU A CG    1 
ATOM   942  C CD    . GLU A 1 123 ? 10.497  0.622   -13.249 1.00 37.88 ? 323 GLU A CD    1 
ATOM   943  O OE1   . GLU A 1 123 ? 9.592   1.339   -13.759 1.00 39.62 ? 323 GLU A OE1   1 
ATOM   944  O OE2   . GLU A 1 123 ? 10.258  -0.403  -12.559 1.00 39.48 ? 323 GLU A OE2   1 
ATOM   945  N N     . GLU A 1 124 ? 14.152  4.585   -11.472 1.00 31.90 ? 324 GLU A N     1 
ATOM   946  C CA    . GLU A 1 124 ? 14.541  5.968   -11.427 1.00 32.15 ? 324 GLU A CA    1 
ATOM   947  C C     . GLU A 1 124 ? 16.056  6.031   -11.448 1.00 32.09 ? 324 GLU A C     1 
ATOM   948  O O     . GLU A 1 124 ? 16.646  6.661   -12.341 1.00 32.17 ? 324 GLU A O     1 
ATOM   949  C CB    . GLU A 1 124 ? 13.981  6.655   -10.184 1.00 32.29 ? 324 GLU A CB    1 
ATOM   950  C CG    . GLU A 1 124 ? 13.543  8.085   -10.458 1.00 33.21 ? 324 GLU A CG    1 
ATOM   951  C CD    . GLU A 1 124 ? 14.704  9.047   -10.648 1.00 34.74 ? 324 GLU A CD    1 
ATOM   952  O OE1   . GLU A 1 124 ? 15.698  8.952   -9.886  1.00 35.75 ? 324 GLU A OE1   1 
ATOM   953  O OE2   . GLU A 1 124 ? 14.614  9.904   -11.557 1.00 35.26 ? 324 GLU A OE2   1 
ATOM   954  N N     . ILE A 1 125 ? 16.683  5.365   -10.482 1.00 31.69 ? 325 ILE A N     1 
ATOM   955  C CA    . ILE A 1 125 ? 18.138  5.318   -10.428 1.00 31.39 ? 325 ILE A CA    1 
ATOM   956  C C     . ILE A 1 125 ? 18.753  5.058   -11.822 1.00 31.80 ? 325 ILE A C     1 
ATOM   957  O O     . ILE A 1 125 ? 19.528  5.878   -12.323 1.00 32.22 ? 325 ILE A O     1 
ATOM   958  C CB    . ILE A 1 125 ? 18.621  4.322   -9.371  1.00 31.03 ? 325 ILE A CB    1 
ATOM   959  C CG1   . ILE A 1 125 ? 18.210  4.836   -7.989  1.00 30.02 ? 325 ILE A CG1   1 
ATOM   960  C CG2   . ILE A 1 125 ? 20.122  4.148   -9.465  1.00 30.12 ? 325 ILE A CG2   1 
ATOM   961  C CD1   . ILE A 1 125 ? 18.347  3.851   -6.884  1.00 29.00 ? 325 ILE A CD1   1 
ATOM   962  N N     . VAL A 1 126 ? 18.361  3.962   -12.467 1.00 31.74 ? 326 VAL A N     1 
ATOM   963  C CA    . VAL A 1 126 ? 18.862  3.646   -13.803 1.00 31.66 ? 326 VAL A CA    1 
ATOM   964  C C     . VAL A 1 126 ? 18.344  4.568   -14.915 1.00 31.44 ? 326 VAL A C     1 
ATOM   965  O O     . VAL A 1 126 ? 19.085  4.899   -15.824 1.00 31.52 ? 326 VAL A O     1 
ATOM   966  C CB    . VAL A 1 126 ? 18.588  2.177   -14.186 1.00 31.69 ? 326 VAL A CB    1 
ATOM   967  C CG1   . VAL A 1 126 ? 19.004  1.257   -13.047 1.00 31.80 ? 326 VAL A CG1   1 
ATOM   968  C CG2   . VAL A 1 126 ? 17.115  1.972   -14.555 1.00 32.08 ? 326 VAL A CG2   1 
ATOM   969  N N     . GLY A 1 127 ? 17.078  4.963   -14.848 1.00 31.28 ? 327 GLY A N     1 
ATOM   970  C CA    . GLY A 1 127 ? 16.467  5.741   -15.922 1.00 31.23 ? 327 GLY A CA    1 
ATOM   971  C C     . GLY A 1 127 ? 16.224  4.895   -17.159 1.00 31.16 ? 327 GLY A C     1 
ATOM   972  O O     . GLY A 1 127 ? 15.569  5.337   -18.107 1.00 31.11 ? 327 GLY A O     1 
HETATM 973  P P     . AMP B 2 .   ? 1.149   -2.580  -9.977  1.00 74.49 ? 1   AMP A P     1 
HETATM 974  O O1P   . AMP B 2 .   ? 0.050   -1.849  -10.730 1.00 73.97 ? 1   AMP A O1P   1 
HETATM 975  O O2P   . AMP B 2 .   ? 0.787   -3.050  -8.588  1.00 74.62 ? 1   AMP A O2P   1 
HETATM 976  O O3P   . AMP B 2 .   ? 1.901   -3.622  -10.760 1.00 74.98 ? 1   AMP A O3P   1 
HETATM 977  O "O5'" . AMP B 2 .   ? 2.293   -1.456  -9.741  1.00 74.75 ? 1   AMP A "O5'" 1 
HETATM 978  C "C5'" . AMP B 2 .   ? 2.628   -0.476  -10.736 1.00 71.19 ? 1   AMP A "C5'" 1 
HETATM 979  C "C4'" . AMP B 2 .   ? 2.999   0.860   -10.093 1.00 69.25 ? 1   AMP A "C4'" 1 
HETATM 980  O "O4'" . AMP B 2 .   ? 1.828   1.608   -9.765  1.00 67.86 ? 1   AMP A "O4'" 1 
HETATM 981  C "C3'" . AMP B 2 .   ? 3.801   0.729   -8.795  1.00 69.96 ? 1   AMP A "C3'" 1 
HETATM 982  O "O3'" . AMP B 2 .   ? 5.231   0.748   -8.985  1.00 71.65 ? 1   AMP A "O3'" 1 
HETATM 983  C "C2'" . AMP B 2 .   ? 3.351   1.921   -7.979  1.00 68.72 ? 1   AMP A "C2'" 1 
HETATM 984  O "O2'" . AMP B 2 .   ? 4.204   3.034   -8.205  1.00 68.33 ? 1   AMP A "O2'" 1 
HETATM 985  C "C1'" . AMP B 2 .   ? 1.973   2.268   -8.498  1.00 68.20 ? 1   AMP A "C1'" 1 
HETATM 986  N N9    . AMP B 2 .   ? 1.031   1.763   -7.462  1.00 67.70 ? 1   AMP A N9    1 
HETATM 987  C C8    . AMP B 2 .   ? 1.103   0.528   -6.942  1.00 67.92 ? 1   AMP A C8    1 
HETATM 988  N N7    . AMP B 2 .   ? 0.145   0.330   -6.011  1.00 68.20 ? 1   AMP A N7    1 
HETATM 989  C C5    . AMP B 2 .   ? -0.564  1.454   -5.909  1.00 67.22 ? 1   AMP A C5    1 
HETATM 990  C C6    . AMP B 2 .   ? -1.710  1.882   -5.090  1.00 67.17 ? 1   AMP A C6    1 
HETATM 991  N N6    . AMP B 2 .   ? -2.278  1.025   -4.204  1.00 66.17 ? 1   AMP A N6    1 
HETATM 992  N N1    . AMP B 2 .   ? -2.163  3.145   -5.275  1.00 68.02 ? 1   AMP A N1    1 
HETATM 993  C C2    . AMP B 2 .   ? -1.594  3.993   -6.163  1.00 68.14 ? 1   AMP A C2    1 
HETATM 994  N N3    . AMP B 2 .   ? -0.534  3.660   -6.931  1.00 68.29 ? 1   AMP A N3    1 
HETATM 995  C C4    . AMP B 2 .   ? 0.021   2.414   -6.860  1.00 67.64 ? 1   AMP A C4    1 
HETATM 996  O O     . HOH C 3 .   ? 0.257   -0.379  -12.987 1.00 28.01 ? 2   HOH A O     1 
HETATM 997  O O     . HOH C 3 .   ? -15.116 -14.263 9.534   1.00 17.24 ? 3   HOH A O     1 
HETATM 998  O O     . HOH C 3 .   ? -2.945  -7.986  9.590   1.00 35.17 ? 4   HOH A O     1 
HETATM 999  O O     . HOH C 3 .   ? 2.772   -8.016  8.237   1.00 21.15 ? 5   HOH A O     1 
HETATM 1000 O O     . HOH C 3 .   ? -7.469  7.766   -5.324  1.00 23.96 ? 331 HOH A O     1 
# 
